data_1U72
# 
_entry.id   1U72 
# 
_audit_conform.dict_name       mmcif_pdbx.dic 
_audit_conform.dict_version    5.386 
_audit_conform.dict_location   http://mmcif.pdb.org/dictionaries/ascii/mmcif_pdbx.dic 
# 
loop_
_database_2.database_id 
_database_2.database_code 
_database_2.pdbx_database_accession 
_database_2.pdbx_DOI 
PDB   1U72         pdb_00001u72 10.2210/pdb1u72/pdb 
RCSB  RCSB023326   ?            ?                   
WWPDB D_1000023326 ?            ?                   
# 
loop_
_pdbx_audit_revision_history.ordinal 
_pdbx_audit_revision_history.data_content_type 
_pdbx_audit_revision_history.major_revision 
_pdbx_audit_revision_history.minor_revision 
_pdbx_audit_revision_history.revision_date 
1 'Structure model' 1 0 2005-02-01 
2 'Structure model' 1 1 2008-04-30 
3 'Structure model' 1 2 2011-07-13 
4 'Structure model' 1 3 2024-02-14 
# 
_pdbx_audit_revision_details.ordinal             1 
_pdbx_audit_revision_details.revision_ordinal    1 
_pdbx_audit_revision_details.data_content_type   'Structure model' 
_pdbx_audit_revision_details.provider            repository 
_pdbx_audit_revision_details.type                'Initial release' 
_pdbx_audit_revision_details.description         ? 
_pdbx_audit_revision_details.details             ? 
# 
loop_
_pdbx_audit_revision_group.ordinal 
_pdbx_audit_revision_group.revision_ordinal 
_pdbx_audit_revision_group.data_content_type 
_pdbx_audit_revision_group.group 
1 2 'Structure model' 'Version format compliance' 
2 3 'Structure model' 'Version format compliance' 
3 4 'Structure model' 'Data collection'           
4 4 'Structure model' 'Database references'       
5 4 'Structure model' 'Derived calculations'      
# 
loop_
_pdbx_audit_revision_category.ordinal 
_pdbx_audit_revision_category.revision_ordinal 
_pdbx_audit_revision_category.data_content_type 
_pdbx_audit_revision_category.category 
1 4 'Structure model' chem_comp_atom 
2 4 'Structure model' chem_comp_bond 
3 4 'Structure model' database_2     
4 4 'Structure model' struct_site    
# 
loop_
_pdbx_audit_revision_item.ordinal 
_pdbx_audit_revision_item.revision_ordinal 
_pdbx_audit_revision_item.data_content_type 
_pdbx_audit_revision_item.item 
1 4 'Structure model' '_database_2.pdbx_DOI'                
2 4 'Structure model' '_database_2.pdbx_database_accession' 
3 4 'Structure model' '_struct_site.pdbx_auth_asym_id'      
4 4 'Structure model' '_struct_site.pdbx_auth_comp_id'      
5 4 'Structure model' '_struct_site.pdbx_auth_seq_id'       
# 
_pdbx_database_status.status_code                     REL 
_pdbx_database_status.entry_id                        1U72 
_pdbx_database_status.recvd_initial_deposition_date   2004-08-02 
_pdbx_database_status.deposit_site                    RCSB 
_pdbx_database_status.process_site                    RCSB 
_pdbx_database_status.status_code_sf                  REL 
_pdbx_database_status.status_code_mr                  ? 
_pdbx_database_status.SG_entry                        ? 
_pdbx_database_status.status_code_cs                  ? 
_pdbx_database_status.methods_development_category    ? 
_pdbx_database_status.pdb_format_compatible           Y 
_pdbx_database_status.status_code_nmr_data            ? 
# 
_audit_author.name           'Cody, V.' 
_audit_author.pdbx_ordinal   1 
# 
_citation.id                        primary 
_citation.title                     
;Understanding the role of Leu22 variants in methotrexate resistance: comparison of wild-type and Leu22Arg variant mouse and human dihydrofolate reductase ternary crystal complexes with methotrexate and NADPH.
;
_citation.journal_abbrev            'Acta Crystallogr.,Sect.D' 
_citation.journal_volume            61 
_citation.page_first                147 
_citation.page_last                 155 
_citation.year                      2005 
_citation.journal_id_ASTM           ABCRE6 
_citation.country                   DK 
_citation.journal_id_ISSN           0907-4449 
_citation.journal_id_CSD            0766 
_citation.book_publisher            ? 
_citation.pdbx_database_id_PubMed   15681865 
_citation.pdbx_database_id_DOI      10.1107/S0907444904030422 
# 
loop_
_citation_author.citation_id 
_citation_author.name 
_citation_author.ordinal 
_citation_author.identifier_ORCID 
primary 'Cody, V.'     1 ? 
primary 'Luft, J.R.'   2 ? 
primary 'Pangborn, W.' 3 ? 
# 
loop_
_entity.id 
_entity.type 
_entity.src_method 
_entity.pdbx_description 
_entity.formula_weight 
_entity.pdbx_number_of_molecules 
_entity.pdbx_ec 
_entity.pdbx_mutation 
_entity.pdbx_fragment 
_entity.details 
1 polymer     man 'Dihydrofolate reductase'                                   21349.525 1  1.5.1.3 ? 'human DHFR' ? 
2 non-polymer syn 'NADPH DIHYDRO-NICOTINAMIDE-ADENINE-DINUCLEOTIDE PHOSPHATE' 745.421   1  ?       ? ?            ? 
3 non-polymer syn METHOTREXATE                                                454.439   1  ?       ? ?            ? 
4 water       nat water                                                       18.015    46 ?       ? ?            ? 
# 
_entity_poly.entity_id                      1 
_entity_poly.type                           'polypeptide(L)' 
_entity_poly.nstd_linkage                   no 
_entity_poly.nstd_monomer                   no 
_entity_poly.pdbx_seq_one_letter_code       
;VGSLNCIVAVSQNMGIGKNGDLPWPPLRNEFRYFQRMTTTSSVEGKQNLVIMGKKTWFSIPEKNRPLKGRINLVLSRELK
EPPQGAHFLSRSLDDALKLTEQPELANKVDMVWIVGGSSVYKEAMNHPGHLKLFVTRIMQDFESDTFFPEIDLEKYKLLP
EYPGVLSDVQEEKGIKYKFEVYEKND
;
_entity_poly.pdbx_seq_one_letter_code_can   
;VGSLNCIVAVSQNMGIGKNGDLPWPPLRNEFRYFQRMTTTSSVEGKQNLVIMGKKTWFSIPEKNRPLKGRINLVLSRELK
EPPQGAHFLSRSLDDALKLTEQPELANKVDMVWIVGGSSVYKEAMNHPGHLKLFVTRIMQDFESDTFFPEIDLEKYKLLP
EYPGVLSDVQEEKGIKYKFEVYEKND
;
_entity_poly.pdbx_strand_id                 A 
_entity_poly.pdbx_target_identifier         ? 
# 
loop_
_pdbx_entity_nonpoly.entity_id 
_pdbx_entity_nonpoly.name 
_pdbx_entity_nonpoly.comp_id 
2 'NADPH DIHYDRO-NICOTINAMIDE-ADENINE-DINUCLEOTIDE PHOSPHATE' NDP 
3 METHOTREXATE                                                MTX 
4 water                                                       HOH 
# 
loop_
_entity_poly_seq.entity_id 
_entity_poly_seq.num 
_entity_poly_seq.mon_id 
_entity_poly_seq.hetero 
1 1   VAL n 
1 2   GLY n 
1 3   SER n 
1 4   LEU n 
1 5   ASN n 
1 6   CYS n 
1 7   ILE n 
1 8   VAL n 
1 9   ALA n 
1 10  VAL n 
1 11  SER n 
1 12  GLN n 
1 13  ASN n 
1 14  MET n 
1 15  GLY n 
1 16  ILE n 
1 17  GLY n 
1 18  LYS n 
1 19  ASN n 
1 20  GLY n 
1 21  ASP n 
1 22  LEU n 
1 23  PRO n 
1 24  TRP n 
1 25  PRO n 
1 26  PRO n 
1 27  LEU n 
1 28  ARG n 
1 29  ASN n 
1 30  GLU n 
1 31  PHE n 
1 32  ARG n 
1 33  TYR n 
1 34  PHE n 
1 35  GLN n 
1 36  ARG n 
1 37  MET n 
1 38  THR n 
1 39  THR n 
1 40  THR n 
1 41  SER n 
1 42  SER n 
1 43  VAL n 
1 44  GLU n 
1 45  GLY n 
1 46  LYS n 
1 47  GLN n 
1 48  ASN n 
1 49  LEU n 
1 50  VAL n 
1 51  ILE n 
1 52  MET n 
1 53  GLY n 
1 54  LYS n 
1 55  LYS n 
1 56  THR n 
1 57  TRP n 
1 58  PHE n 
1 59  SER n 
1 60  ILE n 
1 61  PRO n 
1 62  GLU n 
1 63  LYS n 
1 64  ASN n 
1 65  ARG n 
1 66  PRO n 
1 67  LEU n 
1 68  LYS n 
1 69  GLY n 
1 70  ARG n 
1 71  ILE n 
1 72  ASN n 
1 73  LEU n 
1 74  VAL n 
1 75  LEU n 
1 76  SER n 
1 77  ARG n 
1 78  GLU n 
1 79  LEU n 
1 80  LYS n 
1 81  GLU n 
1 82  PRO n 
1 83  PRO n 
1 84  GLN n 
1 85  GLY n 
1 86  ALA n 
1 87  HIS n 
1 88  PHE n 
1 89  LEU n 
1 90  SER n 
1 91  ARG n 
1 92  SER n 
1 93  LEU n 
1 94  ASP n 
1 95  ASP n 
1 96  ALA n 
1 97  LEU n 
1 98  LYS n 
1 99  LEU n 
1 100 THR n 
1 101 GLU n 
1 102 GLN n 
1 103 PRO n 
1 104 GLU n 
1 105 LEU n 
1 106 ALA n 
1 107 ASN n 
1 108 LYS n 
1 109 VAL n 
1 110 ASP n 
1 111 MET n 
1 112 VAL n 
1 113 TRP n 
1 114 ILE n 
1 115 VAL n 
1 116 GLY n 
1 117 GLY n 
1 118 SER n 
1 119 SER n 
1 120 VAL n 
1 121 TYR n 
1 122 LYS n 
1 123 GLU n 
1 124 ALA n 
1 125 MET n 
1 126 ASN n 
1 127 HIS n 
1 128 PRO n 
1 129 GLY n 
1 130 HIS n 
1 131 LEU n 
1 132 LYS n 
1 133 LEU n 
1 134 PHE n 
1 135 VAL n 
1 136 THR n 
1 137 ARG n 
1 138 ILE n 
1 139 MET n 
1 140 GLN n 
1 141 ASP n 
1 142 PHE n 
1 143 GLU n 
1 144 SER n 
1 145 ASP n 
1 146 THR n 
1 147 PHE n 
1 148 PHE n 
1 149 PRO n 
1 150 GLU n 
1 151 ILE n 
1 152 ASP n 
1 153 LEU n 
1 154 GLU n 
1 155 LYS n 
1 156 TYR n 
1 157 LYS n 
1 158 LEU n 
1 159 LEU n 
1 160 PRO n 
1 161 GLU n 
1 162 TYR n 
1 163 PRO n 
1 164 GLY n 
1 165 VAL n 
1 166 LEU n 
1 167 SER n 
1 168 ASP n 
1 169 VAL n 
1 170 GLN n 
1 171 GLU n 
1 172 GLU n 
1 173 LYS n 
1 174 GLY n 
1 175 ILE n 
1 176 LYS n 
1 177 TYR n 
1 178 LYS n 
1 179 PHE n 
1 180 GLU n 
1 181 VAL n 
1 182 TYR n 
1 183 GLU n 
1 184 LYS n 
1 185 ASN n 
1 186 ASP n 
# 
_entity_src_gen.entity_id                          1 
_entity_src_gen.pdbx_src_id                        1 
_entity_src_gen.pdbx_alt_source_flag               sample 
_entity_src_gen.pdbx_seq_type                      ? 
_entity_src_gen.pdbx_beg_seq_num                   ? 
_entity_src_gen.pdbx_end_seq_num                   ? 
_entity_src_gen.gene_src_common_name               human 
_entity_src_gen.gene_src_genus                     ? 
_entity_src_gen.pdbx_gene_src_gene                 DHFR 
_entity_src_gen.gene_src_species                   ? 
_entity_src_gen.gene_src_strain                    ? 
_entity_src_gen.gene_src_tissue                    ? 
_entity_src_gen.gene_src_tissue_fraction           ? 
_entity_src_gen.gene_src_details                   ? 
_entity_src_gen.pdbx_gene_src_fragment             ? 
_entity_src_gen.pdbx_gene_src_scientific_name      'Homo sapiens' 
_entity_src_gen.pdbx_gene_src_ncbi_taxonomy_id     9606 
_entity_src_gen.pdbx_gene_src_variant              ? 
_entity_src_gen.pdbx_gene_src_cell_line            ? 
_entity_src_gen.pdbx_gene_src_atcc                 ? 
_entity_src_gen.pdbx_gene_src_organ                ? 
_entity_src_gen.pdbx_gene_src_organelle            ? 
_entity_src_gen.pdbx_gene_src_cell                 ? 
_entity_src_gen.pdbx_gene_src_cellular_location    ? 
_entity_src_gen.host_org_common_name               ? 
_entity_src_gen.pdbx_host_org_scientific_name      'Escherichia coli' 
_entity_src_gen.pdbx_host_org_ncbi_taxonomy_id     562 
_entity_src_gen.host_org_genus                     Escherichia 
_entity_src_gen.pdbx_host_org_gene                 ? 
_entity_src_gen.pdbx_host_org_organ                ? 
_entity_src_gen.host_org_species                   ? 
_entity_src_gen.pdbx_host_org_tissue               ? 
_entity_src_gen.pdbx_host_org_tissue_fraction      ? 
_entity_src_gen.pdbx_host_org_strain               ? 
_entity_src_gen.pdbx_host_org_variant              ? 
_entity_src_gen.pdbx_host_org_cell_line            ? 
_entity_src_gen.pdbx_host_org_atcc                 ? 
_entity_src_gen.pdbx_host_org_culture_collection   ? 
_entity_src_gen.pdbx_host_org_cell                 ? 
_entity_src_gen.pdbx_host_org_organelle            ? 
_entity_src_gen.pdbx_host_org_cellular_location    ? 
_entity_src_gen.pdbx_host_org_vector_type          ? 
_entity_src_gen.pdbx_host_org_vector               ? 
_entity_src_gen.host_org_details                   ? 
_entity_src_gen.expression_system_id               ? 
_entity_src_gen.plasmid_name                       ? 
_entity_src_gen.plasmid_details                    ? 
_entity_src_gen.pdbx_description                   ? 
# 
loop_
_chem_comp.id 
_chem_comp.type 
_chem_comp.mon_nstd_flag 
_chem_comp.name 
_chem_comp.pdbx_synonyms 
_chem_comp.formula 
_chem_comp.formula_weight 
ALA 'L-peptide linking' y ALANINE                                                     ? 'C3 H7 N O2'        89.093  
ARG 'L-peptide linking' y ARGININE                                                    ? 'C6 H15 N4 O2 1'    175.209 
ASN 'L-peptide linking' y ASPARAGINE                                                  ? 'C4 H8 N2 O3'       132.118 
ASP 'L-peptide linking' y 'ASPARTIC ACID'                                             ? 'C4 H7 N O4'        133.103 
CYS 'L-peptide linking' y CYSTEINE                                                    ? 'C3 H7 N O2 S'      121.158 
GLN 'L-peptide linking' y GLUTAMINE                                                   ? 'C5 H10 N2 O3'      146.144 
GLU 'L-peptide linking' y 'GLUTAMIC ACID'                                             ? 'C5 H9 N O4'        147.129 
GLY 'peptide linking'   y GLYCINE                                                     ? 'C2 H5 N O2'        75.067  
HIS 'L-peptide linking' y HISTIDINE                                                   ? 'C6 H10 N3 O2 1'    156.162 
HOH non-polymer         . WATER                                                       ? 'H2 O'              18.015  
ILE 'L-peptide linking' y ISOLEUCINE                                                  ? 'C6 H13 N O2'       131.173 
LEU 'L-peptide linking' y LEUCINE                                                     ? 'C6 H13 N O2'       131.173 
LYS 'L-peptide linking' y LYSINE                                                      ? 'C6 H15 N2 O2 1'    147.195 
MET 'L-peptide linking' y METHIONINE                                                  ? 'C5 H11 N O2 S'     149.211 
MTX non-polymer         . METHOTREXATE                                                ? 'C20 H22 N8 O5'     454.439 
NDP non-polymer         . 'NADPH DIHYDRO-NICOTINAMIDE-ADENINE-DINUCLEOTIDE PHOSPHATE' ? 'C21 H30 N7 O17 P3' 745.421 
PHE 'L-peptide linking' y PHENYLALANINE                                               ? 'C9 H11 N O2'       165.189 
PRO 'L-peptide linking' y PROLINE                                                     ? 'C5 H9 N O2'        115.130 
SER 'L-peptide linking' y SERINE                                                      ? 'C3 H7 N O3'        105.093 
THR 'L-peptide linking' y THREONINE                                                   ? 'C4 H9 N O3'        119.119 
TRP 'L-peptide linking' y TRYPTOPHAN                                                  ? 'C11 H12 N2 O2'     204.225 
TYR 'L-peptide linking' y TYROSINE                                                    ? 'C9 H11 N O3'       181.189 
VAL 'L-peptide linking' y VALINE                                                      ? 'C5 H11 N O2'       117.146 
# 
loop_
_pdbx_poly_seq_scheme.asym_id 
_pdbx_poly_seq_scheme.entity_id 
_pdbx_poly_seq_scheme.seq_id 
_pdbx_poly_seq_scheme.mon_id 
_pdbx_poly_seq_scheme.ndb_seq_num 
_pdbx_poly_seq_scheme.pdb_seq_num 
_pdbx_poly_seq_scheme.auth_seq_num 
_pdbx_poly_seq_scheme.pdb_mon_id 
_pdbx_poly_seq_scheme.auth_mon_id 
_pdbx_poly_seq_scheme.pdb_strand_id 
_pdbx_poly_seq_scheme.pdb_ins_code 
_pdbx_poly_seq_scheme.hetero 
A 1 1   VAL 1   1   1   VAL VAL A . n 
A 1 2   GLY 2   2   2   GLY GLY A . n 
A 1 3   SER 3   3   3   SER SER A . n 
A 1 4   LEU 4   4   4   LEU LEU A . n 
A 1 5   ASN 5   5   5   ASN ASN A . n 
A 1 6   CYS 6   6   6   CYS CYS A . n 
A 1 7   ILE 7   7   7   ILE ILE A . n 
A 1 8   VAL 8   8   8   VAL VAL A . n 
A 1 9   ALA 9   9   9   ALA ALA A . n 
A 1 10  VAL 10  10  10  VAL VAL A . n 
A 1 11  SER 11  11  11  SER SER A . n 
A 1 12  GLN 12  12  12  GLN GLN A . n 
A 1 13  ASN 13  13  13  ASN ASN A . n 
A 1 14  MET 14  14  14  MET MET A . n 
A 1 15  GLY 15  15  15  GLY GLY A . n 
A 1 16  ILE 16  16  16  ILE ILE A . n 
A 1 17  GLY 17  17  17  GLY GLY A . n 
A 1 18  LYS 18  18  18  LYS LYS A . n 
A 1 19  ASN 19  19  19  ASN ASN A . n 
A 1 20  GLY 20  20  20  GLY GLY A . n 
A 1 21  ASP 21  21  21  ASP ASP A . n 
A 1 22  LEU 22  22  22  LEU LEU A . n 
A 1 23  PRO 23  23  23  PRO PRO A . n 
A 1 24  TRP 24  24  24  TRP TRP A . n 
A 1 25  PRO 25  25  25  PRO PRO A . n 
A 1 26  PRO 26  26  26  PRO PRO A . n 
A 1 27  LEU 27  27  27  LEU LEU A . n 
A 1 28  ARG 28  28  28  ARG ARG A . n 
A 1 29  ASN 29  29  29  ASN ASN A . n 
A 1 30  GLU 30  30  30  GLU GLU A . n 
A 1 31  PHE 31  31  31  PHE PHE A . n 
A 1 32  ARG 32  32  32  ARG ARG A . n 
A 1 33  TYR 33  33  33  TYR TYR A . n 
A 1 34  PHE 34  34  34  PHE PHE A . n 
A 1 35  GLN 35  35  35  GLN GLN A . n 
A 1 36  ARG 36  36  36  ARG ARG A . n 
A 1 37  MET 37  37  37  MET MET A . n 
A 1 38  THR 38  38  38  THR THR A . n 
A 1 39  THR 39  39  39  THR THR A . n 
A 1 40  THR 40  40  40  THR THR A . n 
A 1 41  SER 41  41  41  SER SER A . n 
A 1 42  SER 42  42  42  SER SER A . n 
A 1 43  VAL 43  43  43  VAL VAL A . n 
A 1 44  GLU 44  44  44  GLU GLU A . n 
A 1 45  GLY 45  45  45  GLY GLY A . n 
A 1 46  LYS 46  46  46  LYS LYS A . n 
A 1 47  GLN 47  47  47  GLN GLN A . n 
A 1 48  ASN 48  48  48  ASN ASN A . n 
A 1 49  LEU 49  49  49  LEU LEU A . n 
A 1 50  VAL 50  50  50  VAL VAL A . n 
A 1 51  ILE 51  51  51  ILE ILE A . n 
A 1 52  MET 52  52  52  MET MET A . n 
A 1 53  GLY 53  53  53  GLY GLY A . n 
A 1 54  LYS 54  54  54  LYS LYS A . n 
A 1 55  LYS 55  55  55  LYS LYS A . n 
A 1 56  THR 56  56  56  THR THR A . n 
A 1 57  TRP 57  57  57  TRP TRP A . n 
A 1 58  PHE 58  58  58  PHE PHE A . n 
A 1 59  SER 59  59  59  SER SER A . n 
A 1 60  ILE 60  60  60  ILE ILE A . n 
A 1 61  PRO 61  61  61  PRO PRO A . n 
A 1 62  GLU 62  62  62  GLU GLU A . n 
A 1 63  LYS 63  63  63  LYS LYS A . n 
A 1 64  ASN 64  64  64  ASN ASN A . n 
A 1 65  ARG 65  65  65  ARG ARG A . n 
A 1 66  PRO 66  66  66  PRO PRO A . n 
A 1 67  LEU 67  67  67  LEU LEU A . n 
A 1 68  LYS 68  68  68  LYS LYS A . n 
A 1 69  GLY 69  69  69  GLY GLY A . n 
A 1 70  ARG 70  70  70  ARG ARG A . n 
A 1 71  ILE 71  71  71  ILE ILE A . n 
A 1 72  ASN 72  72  72  ASN ASN A . n 
A 1 73  LEU 73  73  73  LEU LEU A . n 
A 1 74  VAL 74  74  74  VAL VAL A . n 
A 1 75  LEU 75  75  75  LEU LEU A . n 
A 1 76  SER 76  76  76  SER SER A . n 
A 1 77  ARG 77  77  77  ARG ARG A . n 
A 1 78  GLU 78  78  78  GLU GLU A . n 
A 1 79  LEU 79  79  79  LEU LEU A . n 
A 1 80  LYS 80  80  80  LYS LYS A . n 
A 1 81  GLU 81  81  81  GLU GLU A . n 
A 1 82  PRO 82  82  82  PRO PRO A . n 
A 1 83  PRO 83  83  83  PRO PRO A . n 
A 1 84  GLN 84  84  84  GLN GLN A . n 
A 1 85  GLY 85  85  85  GLY GLY A . n 
A 1 86  ALA 86  86  86  ALA ALA A . n 
A 1 87  HIS 87  87  87  HIS HIS A . n 
A 1 88  PHE 88  88  88  PHE PHE A . n 
A 1 89  LEU 89  89  89  LEU LEU A . n 
A 1 90  SER 90  90  90  SER SER A . n 
A 1 91  ARG 91  91  91  ARG ARG A . n 
A 1 92  SER 92  92  92  SER SER A . n 
A 1 93  LEU 93  93  93  LEU LEU A . n 
A 1 94  ASP 94  94  94  ASP ASP A . n 
A 1 95  ASP 95  95  95  ASP ASP A . n 
A 1 96  ALA 96  96  96  ALA ALA A . n 
A 1 97  LEU 97  97  97  LEU LEU A . n 
A 1 98  LYS 98  98  98  LYS LYS A . n 
A 1 99  LEU 99  99  99  LEU LEU A . n 
A 1 100 THR 100 100 100 THR THR A . n 
A 1 101 GLU 101 101 101 GLU GLU A . n 
A 1 102 GLN 102 102 102 GLN GLN A . n 
A 1 103 PRO 103 103 103 PRO PRO A . n 
A 1 104 GLU 104 104 104 GLU GLU A . n 
A 1 105 LEU 105 105 105 LEU LEU A . n 
A 1 106 ALA 106 106 106 ALA ALA A . n 
A 1 107 ASN 107 107 107 ASN ASN A . n 
A 1 108 LYS 108 108 108 LYS LYS A . n 
A 1 109 VAL 109 109 109 VAL VAL A . n 
A 1 110 ASP 110 110 110 ASP ASP A . n 
A 1 111 MET 111 111 111 MET MET A . n 
A 1 112 VAL 112 112 112 VAL VAL A . n 
A 1 113 TRP 113 113 113 TRP TRP A . n 
A 1 114 ILE 114 114 114 ILE ILE A . n 
A 1 115 VAL 115 115 115 VAL VAL A . n 
A 1 116 GLY 116 116 116 GLY GLY A . n 
A 1 117 GLY 117 117 117 GLY GLY A . n 
A 1 118 SER 118 118 118 SER SER A . n 
A 1 119 SER 119 119 119 SER SER A . n 
A 1 120 VAL 120 120 120 VAL VAL A . n 
A 1 121 TYR 121 121 121 TYR TYR A . n 
A 1 122 LYS 122 122 122 LYS LYS A . n 
A 1 123 GLU 123 123 123 GLU GLU A . n 
A 1 124 ALA 124 124 124 ALA ALA A . n 
A 1 125 MET 125 125 125 MET MET A . n 
A 1 126 ASN 126 126 126 ASN ASN A . n 
A 1 127 HIS 127 127 127 HIS HIS A . n 
A 1 128 PRO 128 128 128 PRO PRO A . n 
A 1 129 GLY 129 129 129 GLY GLY A . n 
A 1 130 HIS 130 130 130 HIS HIS A . n 
A 1 131 LEU 131 131 131 LEU LEU A . n 
A 1 132 LYS 132 132 132 LYS LYS A . n 
A 1 133 LEU 133 133 133 LEU LEU A . n 
A 1 134 PHE 134 134 134 PHE PHE A . n 
A 1 135 VAL 135 135 135 VAL VAL A . n 
A 1 136 THR 136 136 136 THR THR A . n 
A 1 137 ARG 137 137 137 ARG ARG A . n 
A 1 138 ILE 138 138 138 ILE ILE A . n 
A 1 139 MET 139 139 139 MET MET A . n 
A 1 140 GLN 140 140 140 GLN GLN A . n 
A 1 141 ASP 141 141 141 ASP ASP A . n 
A 1 142 PHE 142 142 142 PHE PHE A . n 
A 1 143 GLU 143 143 143 GLU GLU A . n 
A 1 144 SER 144 144 144 SER SER A . n 
A 1 145 ASP 145 145 145 ASP ASP A . n 
A 1 146 THR 146 146 146 THR THR A . n 
A 1 147 PHE 147 147 147 PHE PHE A . n 
A 1 148 PHE 148 148 148 PHE PHE A . n 
A 1 149 PRO 149 149 149 PRO PRO A . n 
A 1 150 GLU 150 150 150 GLU GLU A . n 
A 1 151 ILE 151 151 151 ILE ILE A . n 
A 1 152 ASP 152 152 152 ASP ASP A . n 
A 1 153 LEU 153 153 153 LEU LEU A . n 
A 1 154 GLU 154 154 154 GLU GLU A . n 
A 1 155 LYS 155 155 155 LYS LYS A . n 
A 1 156 TYR 156 156 156 TYR TYR A . n 
A 1 157 LYS 157 157 157 LYS LYS A . n 
A 1 158 LEU 158 158 158 LEU LEU A . n 
A 1 159 LEU 159 159 159 LEU LEU A . n 
A 1 160 PRO 160 160 160 PRO PRO A . n 
A 1 161 GLU 161 161 161 GLU GLU A . n 
A 1 162 TYR 162 162 162 TYR TYR A . n 
A 1 163 PRO 163 163 163 PRO PRO A . n 
A 1 164 GLY 164 164 164 GLY GLY A . n 
A 1 165 VAL 165 165 165 VAL VAL A . n 
A 1 166 LEU 166 166 166 LEU LEU A . n 
A 1 167 SER 167 167 167 SER SER A . n 
A 1 168 ASP 168 168 168 ASP ASP A . n 
A 1 169 VAL 169 169 169 VAL VAL A . n 
A 1 170 GLN 170 170 170 GLN GLN A . n 
A 1 171 GLU 171 171 171 GLU GLU A . n 
A 1 172 GLU 172 172 172 GLU GLU A . n 
A 1 173 LYS 173 173 173 LYS LYS A . n 
A 1 174 GLY 174 174 174 GLY GLY A . n 
A 1 175 ILE 175 175 175 ILE ILE A . n 
A 1 176 LYS 176 176 176 LYS LYS A . n 
A 1 177 TYR 177 177 177 TYR TYR A . n 
A 1 178 LYS 178 178 178 LYS LYS A . n 
A 1 179 PHE 179 179 179 PHE PHE A . n 
A 1 180 GLU 180 180 180 GLU GLU A . n 
A 1 181 VAL 181 181 181 VAL VAL A . n 
A 1 182 TYR 182 182 182 TYR TYR A . n 
A 1 183 GLU 183 183 183 GLU GLU A . n 
A 1 184 LYS 184 184 184 LYS LYS A . n 
A 1 185 ASN 185 185 185 ASN ASN A . n 
A 1 186 ASP 186 186 186 ASP ASP A . n 
# 
loop_
_pdbx_nonpoly_scheme.asym_id 
_pdbx_nonpoly_scheme.entity_id 
_pdbx_nonpoly_scheme.mon_id 
_pdbx_nonpoly_scheme.ndb_seq_num 
_pdbx_nonpoly_scheme.pdb_seq_num 
_pdbx_nonpoly_scheme.auth_seq_num 
_pdbx_nonpoly_scheme.pdb_mon_id 
_pdbx_nonpoly_scheme.auth_mon_id 
_pdbx_nonpoly_scheme.pdb_strand_id 
_pdbx_nonpoly_scheme.pdb_ins_code 
B 2 NDP 1  187 187 NDP COE A . 
C 3 MTX 1  188 187 MTX COE A . 
D 4 HOH 1  189 189 HOH HOH A . 
D 4 HOH 2  190 190 HOH HOH A . 
D 4 HOH 3  191 191 HOH HOH A . 
D 4 HOH 4  192 192 HOH HOH A . 
D 4 HOH 5  193 193 HOH HOH A . 
D 4 HOH 6  194 194 HOH HOH A . 
D 4 HOH 7  195 195 HOH HOH A . 
D 4 HOH 8  196 196 HOH HOH A . 
D 4 HOH 9  197 197 HOH HOH A . 
D 4 HOH 10 198 198 HOH HOH A . 
D 4 HOH 11 199 199 HOH HOH A . 
D 4 HOH 12 200 200 HOH HOH A . 
D 4 HOH 13 201 201 HOH HOH A . 
D 4 HOH 14 202 202 HOH HOH A . 
D 4 HOH 15 203 203 HOH HOH A . 
D 4 HOH 16 204 204 HOH HOH A . 
D 4 HOH 17 205 205 HOH HOH A . 
D 4 HOH 18 206 206 HOH HOH A . 
D 4 HOH 19 207 207 HOH HOH A . 
D 4 HOH 20 208 208 HOH HOH A . 
D 4 HOH 21 209 209 HOH HOH A . 
D 4 HOH 22 210 210 HOH HOH A . 
D 4 HOH 23 211 211 HOH HOH A . 
D 4 HOH 24 212 212 HOH HOH A . 
D 4 HOH 25 213 213 HOH HOH A . 
D 4 HOH 26 214 214 HOH HOH A . 
D 4 HOH 27 215 215 HOH HOH A . 
D 4 HOH 28 216 216 HOH HOH A . 
D 4 HOH 29 217 217 HOH HOH A . 
D 4 HOH 30 218 218 HOH HOH A . 
D 4 HOH 31 219 219 HOH HOH A . 
D 4 HOH 32 220 220 HOH HOH A . 
D 4 HOH 33 221 221 HOH HOH A . 
D 4 HOH 34 222 222 HOH HOH A . 
D 4 HOH 35 223 223 HOH HOH A . 
D 4 HOH 36 224 224 HOH HOH A . 
D 4 HOH 37 225 225 HOH HOH A . 
D 4 HOH 38 226 226 HOH HOH A . 
D 4 HOH 39 227 227 HOH HOH A . 
D 4 HOH 40 228 228 HOH HOH A . 
D 4 HOH 41 229 229 HOH HOH A . 
D 4 HOH 42 230 230 HOH HOH A . 
D 4 HOH 43 231 231 HOH HOH A . 
D 4 HOH 44 232 232 HOH HOH A . 
D 4 HOH 45 233 233 HOH HOH A . 
D 4 HOH 46 234 188 HOH HOH A . 
# 
loop_
_software.name 
_software.classification 
_software.version 
_software.citation_id 
_software.pdbx_ordinal 
DENZO     'data reduction' . ? 1 
SCALEPACK 'data scaling'   . ? 2 
PROTEIN   'model building' . ? 3 
PROLSQ    refinement       . ? 4 
PROTEIN   phasing          . ? 5 
# 
_cell.entry_id           1U72 
_cell.length_a           87.379 
_cell.length_b           87.379 
_cell.length_c           76.721 
_cell.angle_alpha        90.00 
_cell.angle_beta         90.00 
_cell.angle_gamma        120.00 
_cell.Z_PDB              9 
_cell.pdbx_unique_axis   ? 
_cell.length_a_esd       ? 
_cell.length_b_esd       ? 
_cell.length_c_esd       ? 
_cell.angle_alpha_esd    ? 
_cell.angle_beta_esd     ? 
_cell.angle_gamma_esd    ? 
# 
_symmetry.entry_id                         1U72 
_symmetry.space_group_name_H-M             'H 3' 
_symmetry.pdbx_full_space_group_name_H-M   ? 
_symmetry.cell_setting                     ? 
_symmetry.Int_Tables_number                146 
_symmetry.space_group_name_Hall            ? 
# 
_exptl.entry_id          1U72 
_exptl.method            'X-RAY DIFFRACTION' 
_exptl.crystals_number   1 
# 
_exptl_crystal.id                    1 
_exptl_crystal.density_meas          ? 
_exptl_crystal.density_Matthews      2.64 
_exptl_crystal.density_percent_sol   53.41 
_exptl_crystal.description           ? 
_exptl_crystal.F_000                 ? 
_exptl_crystal.preparation           ? 
# 
_exptl_crystal_grow.crystal_id      1 
_exptl_crystal_grow.method          'VAPOR DIFFUSION, HANGING DROP' 
_exptl_crystal_grow.temp            298 
_exptl_crystal_grow.temp_details    ? 
_exptl_crystal_grow.pH              8.0 
_exptl_crystal_grow.pdbx_details    '63% AS, 0.1 M phoshate pH 8.0 , VAPOR DIFFUSION, HANGING DROP, temperature 298K' 
_exptl_crystal_grow.pdbx_pH_range   . 
# 
_diffrn.id                     1 
_diffrn.ambient_temp           298 
_diffrn.ambient_temp_details   ? 
_diffrn.crystal_id             1 
# 
_diffrn_detector.diffrn_id              1 
_diffrn_detector.detector               'IMAGE PLATE' 
_diffrn_detector.type                   'RIGAKU RAXIS IV' 
_diffrn_detector.pdbx_collection_date   1998-02-06 
_diffrn_detector.details                mirrors 
# 
_diffrn_radiation.diffrn_id                        1 
_diffrn_radiation.wavelength_id                    1 
_diffrn_radiation.pdbx_monochromatic_or_laue_m_l   M 
_diffrn_radiation.monochromator                    graphite 
_diffrn_radiation.pdbx_diffrn_protocol             'SINGLE WAVELENGTH' 
_diffrn_radiation.pdbx_scattering_type             x-ray 
# 
_diffrn_radiation_wavelength.id           1 
_diffrn_radiation_wavelength.wavelength   1.5414 
_diffrn_radiation_wavelength.wt           1.0 
# 
_diffrn_source.diffrn_id                   1 
_diffrn_source.source                      'ROTATING ANODE' 
_diffrn_source.type                        'RIGAKU RU300' 
_diffrn_source.pdbx_synchrotron_site       ? 
_diffrn_source.pdbx_synchrotron_beamline   ? 
_diffrn_source.pdbx_wavelength             ? 
_diffrn_source.pdbx_wavelength_list        1.5414 
# 
_reflns.entry_id                     1U72 
_reflns.observed_criterion_sigma_F   2.0 
_reflns.observed_criterion_sigma_I   2.0 
_reflns.d_resolution_high            1.90 
_reflns.d_resolution_low             50.0 
_reflns.number_all                   8361 
_reflns.number_obs                   6408 
_reflns.percent_possible_obs         90.3 
_reflns.pdbx_Rmerge_I_obs            0.049 
_reflns.pdbx_Rsym_value              ? 
_reflns.pdbx_netI_over_sigmaI        ? 
_reflns.B_iso_Wilson_estimate        26.5 
_reflns.pdbx_redundancy              ? 
_reflns.R_free_details               ? 
_reflns.limit_h_max                  ? 
_reflns.limit_h_min                  ? 
_reflns.limit_k_max                  ? 
_reflns.limit_k_min                  ? 
_reflns.limit_l_max                  ? 
_reflns.limit_l_min                  ? 
_reflns.observed_criterion_F_max     ? 
_reflns.observed_criterion_F_min     ? 
_reflns.pdbx_chi_squared             ? 
_reflns.pdbx_scaling_rejects         ? 
_reflns.pdbx_ordinal                 1 
_reflns.pdbx_diffrn_id               1 
# 
_reflns_shell.d_res_high             1.90 
_reflns_shell.d_res_low              2.0 
_reflns_shell.percent_possible_all   55.9 
_reflns_shell.Rmerge_I_obs           ? 
_reflns_shell.pdbx_Rsym_value        ? 
_reflns_shell.meanI_over_sigI_obs    ? 
_reflns_shell.pdbx_redundancy        ? 
_reflns_shell.percent_possible_obs   ? 
_reflns_shell.number_unique_all      ? 
_reflns_shell.number_measured_all    ? 
_reflns_shell.number_measured_obs    ? 
_reflns_shell.number_unique_obs      ? 
_reflns_shell.pdbx_chi_squared       ? 
_reflns_shell.pdbx_ordinal           1 
_reflns_shell.pdbx_diffrn_id         1 
# 
_refine.entry_id                                 1U72 
_refine.ls_d_res_high                            1.90 
_refine.ls_d_res_low                             50.0 
_refine.pdbx_ls_sigma_F                          2.0 
_refine.pdbx_ls_sigma_I                          ? 
_refine.ls_number_reflns_all                     6408 
_refine.ls_number_reflns_obs                     6203 
_refine.ls_number_reflns_R_free                  ? 
_refine.ls_percent_reflns_obs                    ? 
_refine.ls_R_factor_all                          ? 
_refine.ls_R_factor_obs                          ? 
_refine.ls_R_factor_R_work                       0.159 
_refine.ls_R_factor_R_free                       0.213 
_refine.ls_redundancy_reflns_obs                 ? 
_refine.pdbx_data_cutoff_high_absF               ? 
_refine.pdbx_data_cutoff_low_absF                ? 
_refine.ls_number_parameters                     ? 
_refine.ls_number_restraints                     ? 
_refine.ls_percent_reflns_R_free                 ? 
_refine.ls_R_factor_R_free_error                 ? 
_refine.ls_R_factor_R_free_error_details         ? 
_refine.pdbx_method_to_determine_struct          'MOLECULAR REPLACEMENT' 
_refine.pdbx_starting_model                      ? 
_refine.pdbx_ls_cross_valid_method               ? 
_refine.pdbx_R_Free_selection_details            Random 
_refine.pdbx_stereochem_target_val_spec_case     ? 
_refine.pdbx_stereochemistry_target_values       'Engh & Huber' 
_refine.solvent_model_details                    ? 
_refine.solvent_model_param_bsol                 ? 
_refine.solvent_model_param_ksol                 ? 
_refine.occupancy_max                            ? 
_refine.occupancy_min                            ? 
_refine.pdbx_isotropic_thermal_model             ? 
_refine.B_iso_mean                               ? 
_refine.aniso_B[1][1]                            ? 
_refine.aniso_B[1][2]                            ? 
_refine.aniso_B[1][3]                            ? 
_refine.aniso_B[2][2]                            ? 
_refine.aniso_B[2][3]                            ? 
_refine.aniso_B[3][3]                            ? 
_refine.details                                  ? 
_refine.B_iso_min                                ? 
_refine.B_iso_max                                ? 
_refine.correlation_coeff_Fo_to_Fc               ? 
_refine.correlation_coeff_Fo_to_Fc_free          ? 
_refine.pdbx_solvent_vdw_probe_radii             ? 
_refine.pdbx_solvent_ion_probe_radii             ? 
_refine.pdbx_solvent_shrinkage_radii             ? 
_refine.overall_SU_R_Cruickshank_DPI             ? 
_refine.overall_SU_R_free                        ? 
_refine.overall_SU_B                             ? 
_refine.overall_SU_ML                            ? 
_refine.pdbx_overall_ESU_R                       ? 
_refine.pdbx_overall_ESU_R_Free                  ? 
_refine.pdbx_data_cutoff_high_rms_absF           ? 
_refine.ls_wR_factor_R_free                      ? 
_refine.ls_wR_factor_R_work                      ? 
_refine.overall_FOM_free_R_set                   ? 
_refine.overall_FOM_work_R_set                   ? 
_refine.pdbx_refine_id                           'X-RAY DIFFRACTION' 
_refine.pdbx_overall_phase_error                 ? 
_refine.pdbx_diffrn_id                           1 
_refine.pdbx_TLS_residual_ADP_flag               ? 
_refine.pdbx_overall_SU_R_free_Cruickshank_DPI   ? 
_refine.pdbx_overall_SU_R_Blow_DPI               ? 
_refine.pdbx_overall_SU_R_free_Blow_DPI          ? 
# 
_refine_hist.pdbx_refine_id                   'X-RAY DIFFRACTION' 
_refine_hist.cycle_id                         LAST 
_refine_hist.pdbx_number_atoms_protein        1502 
_refine_hist.pdbx_number_atoms_nucleic_acid   0 
_refine_hist.pdbx_number_atoms_ligand         81 
_refine_hist.number_atoms_solvent             46 
_refine_hist.number_atoms_total               1629 
_refine_hist.d_res_high                       1.90 
_refine_hist.d_res_low                        50.0 
# 
loop_
_refine_ls_restr.type 
_refine_ls_restr.dev_ideal 
_refine_ls_restr.dev_ideal_target 
_refine_ls_restr.weight 
_refine_ls_restr.number 
_refine_ls_restr.pdbx_refine_id 
_refine_ls_restr.pdbx_restraint_function 
p_bond_d     ?     ? ? ? 'X-RAY DIFFRACTION' ? 
o_mcbond_it  0.053 ? ? ? 'X-RAY DIFFRACTION' ? 
p_mcbond_it  0.053 ? ? ? 'X-RAY DIFFRACTION' ? 
p_mcangle_it 0.231 ? ? ? 'X-RAY DIFFRACTION' ? 
# 
_struct.entry_id                  1U72 
_struct.title                     
;Understanding the Role of Leu22 Variants in Methotrexate Resistance: Comparison of Wild-type and Leu22Arg Variant Mouse and Human Dihydrfolate Reductase Ternary Crystal Complexes with Methotrexate and NADPH
;
_struct.pdbx_model_details        ? 
_struct.pdbx_CASP_flag            ? 
_struct.pdbx_model_type_details   ? 
# 
_struct_keywords.entry_id        1U72 
_struct_keywords.pdbx_keywords   OXIDOREDUCTASE 
_struct_keywords.text            'wild type humand DHFR, OXIDOREDUCTASE' 
# 
loop_
_struct_asym.id 
_struct_asym.pdbx_blank_PDB_chainid_flag 
_struct_asym.pdbx_modified 
_struct_asym.entity_id 
_struct_asym.details 
A N N 1 ? 
B N N 2 ? 
C N N 3 ? 
D N N 4 ? 
# 
_struct_ref.id                         1 
_struct_ref.db_name                    UNP 
_struct_ref.db_code                    DYR_HUMAN 
_struct_ref.pdbx_db_accession          P00374 
_struct_ref.entity_id                  1 
_struct_ref.pdbx_seq_one_letter_code   
;VGSLNCIVAVSQNMGIGKNGDLPWPPLRNEFRYFQRMTTTSSVEGKQNLVIMGKKTWFSIPEKNRPLKGRINLVLSRELK
EPPQGAHFLSRSLDDALKLTEQPELANKVDMVWIVGGSSVYKEAMNHPGHLKLFVTRIMQDFESDTFFPEIDLEKYKLLP
EYPGVLSDVQEEKGIKYKFEVYEKND
;
_struct_ref.pdbx_align_begin           1 
_struct_ref.pdbx_db_isoform            ? 
# 
_struct_ref_seq.align_id                      1 
_struct_ref_seq.ref_id                        1 
_struct_ref_seq.pdbx_PDB_id_code              1U72 
_struct_ref_seq.pdbx_strand_id                A 
_struct_ref_seq.seq_align_beg                 1 
_struct_ref_seq.pdbx_seq_align_beg_ins_code   ? 
_struct_ref_seq.seq_align_end                 186 
_struct_ref_seq.pdbx_seq_align_end_ins_code   ? 
_struct_ref_seq.pdbx_db_accession             P00374 
_struct_ref_seq.db_align_beg                  1 
_struct_ref_seq.pdbx_db_align_beg_ins_code    ? 
_struct_ref_seq.db_align_end                  186 
_struct_ref_seq.pdbx_db_align_end_ins_code    ? 
_struct_ref_seq.pdbx_auth_seq_align_beg       1 
_struct_ref_seq.pdbx_auth_seq_align_end       186 
# 
_pdbx_struct_assembly.id                   1 
_pdbx_struct_assembly.details              author_defined_assembly 
_pdbx_struct_assembly.method_details       ? 
_pdbx_struct_assembly.oligomeric_details   monomeric 
_pdbx_struct_assembly.oligomeric_count     1 
# 
_pdbx_struct_assembly_gen.assembly_id       1 
_pdbx_struct_assembly_gen.oper_expression   1 
_pdbx_struct_assembly_gen.asym_id_list      A,B,C,D 
# 
_pdbx_struct_oper_list.id                   1 
_pdbx_struct_oper_list.type                 'identity operation' 
_pdbx_struct_oper_list.name                 1_555 
_pdbx_struct_oper_list.symmetry_operation   x,y,z 
_pdbx_struct_oper_list.matrix[1][1]         1.0000000000 
_pdbx_struct_oper_list.matrix[1][2]         0.0000000000 
_pdbx_struct_oper_list.matrix[1][3]         0.0000000000 
_pdbx_struct_oper_list.vector[1]            0.0000000000 
_pdbx_struct_oper_list.matrix[2][1]         0.0000000000 
_pdbx_struct_oper_list.matrix[2][2]         1.0000000000 
_pdbx_struct_oper_list.matrix[2][3]         0.0000000000 
_pdbx_struct_oper_list.vector[2]            0.0000000000 
_pdbx_struct_oper_list.matrix[3][1]         0.0000000000 
_pdbx_struct_oper_list.matrix[3][2]         0.0000000000 
_pdbx_struct_oper_list.matrix[3][3]         1.0000000000 
_pdbx_struct_oper_list.vector[3]            0.0000000000 
# 
_struct_biol.id        1 
_struct_biol.details   ? 
# 
loop_
_struct_conf.conf_type_id 
_struct_conf.id 
_struct_conf.pdbx_PDB_helix_id 
_struct_conf.beg_label_comp_id 
_struct_conf.beg_label_asym_id 
_struct_conf.beg_label_seq_id 
_struct_conf.pdbx_beg_PDB_ins_code 
_struct_conf.end_label_comp_id 
_struct_conf.end_label_asym_id 
_struct_conf.end_label_seq_id 
_struct_conf.pdbx_end_PDB_ins_code 
_struct_conf.beg_auth_comp_id 
_struct_conf.beg_auth_asym_id 
_struct_conf.beg_auth_seq_id 
_struct_conf.end_auth_comp_id 
_struct_conf.end_auth_asym_id 
_struct_conf.end_auth_seq_id 
_struct_conf.pdbx_PDB_helix_class 
_struct_conf.details 
_struct_conf.pdbx_PDB_helix_length 
HELX_P HELX_P1 1 LEU A 27  ? THR A 40  ? LEU A 27  THR A 40  1 ? 14 
HELX_P HELX_P2 2 LYS A 54  ? PHE A 58  ? LYS A 54  PHE A 58  1 ? 5  
HELX_P HELX_P3 3 SER A 59  ? ILE A 60  ? SER A 59  ILE A 60  5 ? 2  
HELX_P HELX_P4 4 PRO A 61  ? ARG A 65  ? PRO A 61  ARG A 65  5 ? 5  
HELX_P HELX_P5 5 SER A 92  ? LEU A 99  ? SER A 92  LEU A 99  1 ? 8  
HELX_P HELX_P6 6 GLN A 102 ? ASN A 107 ? GLN A 102 ASN A 107 1 ? 6  
HELX_P HELX_P7 7 GLY A 117 ? MET A 125 ? GLY A 117 MET A 125 1 ? 9  
# 
_struct_conf_type.id          HELX_P 
_struct_conf_type.criteria    ? 
_struct_conf_type.reference   ? 
# 
loop_
_struct_mon_prot_cis.pdbx_id 
_struct_mon_prot_cis.label_comp_id 
_struct_mon_prot_cis.label_seq_id 
_struct_mon_prot_cis.label_asym_id 
_struct_mon_prot_cis.label_alt_id 
_struct_mon_prot_cis.pdbx_PDB_ins_code 
_struct_mon_prot_cis.auth_comp_id 
_struct_mon_prot_cis.auth_seq_id 
_struct_mon_prot_cis.auth_asym_id 
_struct_mon_prot_cis.pdbx_label_comp_id_2 
_struct_mon_prot_cis.pdbx_label_seq_id_2 
_struct_mon_prot_cis.pdbx_label_asym_id_2 
_struct_mon_prot_cis.pdbx_PDB_ins_code_2 
_struct_mon_prot_cis.pdbx_auth_comp_id_2 
_struct_mon_prot_cis.pdbx_auth_seq_id_2 
_struct_mon_prot_cis.pdbx_auth_asym_id_2 
_struct_mon_prot_cis.pdbx_PDB_model_num 
_struct_mon_prot_cis.pdbx_omega_angle 
1 ARG 65  A . ? ARG 65  A PRO 66  A ? PRO 66  A 1 0.32 
2 GLY 116 A . ? GLY 116 A GLY 117 A ? GLY 117 A 1 0.42 
# 
loop_
_struct_sheet.id 
_struct_sheet.type 
_struct_sheet.number_strands 
_struct_sheet.details 
A ? 8 ? 
B ? 8 ? 
C ? 2 ? 
# 
loop_
_struct_sheet_order.sheet_id 
_struct_sheet_order.range_id_1 
_struct_sheet_order.range_id_2 
_struct_sheet_order.offset 
_struct_sheet_order.sense 
A 1 2 ? parallel      
A 2 3 ? parallel      
A 3 4 ? parallel      
A 4 5 ? parallel      
A 5 6 ? parallel      
A 6 7 ? anti-parallel 
A 7 8 ? anti-parallel 
B 1 2 ? parallel      
B 2 3 ? parallel      
B 3 4 ? parallel      
B 4 5 ? parallel      
B 5 6 ? parallel      
B 6 7 ? anti-parallel 
B 7 8 ? anti-parallel 
C 1 2 ? anti-parallel 
# 
loop_
_struct_sheet_range.sheet_id 
_struct_sheet_range.id 
_struct_sheet_range.beg_label_comp_id 
_struct_sheet_range.beg_label_asym_id 
_struct_sheet_range.beg_label_seq_id 
_struct_sheet_range.pdbx_beg_PDB_ins_code 
_struct_sheet_range.end_label_comp_id 
_struct_sheet_range.end_label_asym_id 
_struct_sheet_range.end_label_seq_id 
_struct_sheet_range.pdbx_end_PDB_ins_code 
_struct_sheet_range.beg_auth_comp_id 
_struct_sheet_range.beg_auth_asym_id 
_struct_sheet_range.beg_auth_seq_id 
_struct_sheet_range.end_auth_comp_id 
_struct_sheet_range.end_auth_asym_id 
_struct_sheet_range.end_auth_seq_id 
A 1 PHE A 88  ? SER A 90  ? PHE A 88  SER A 90  
A 2 ARG A 70  ? LEU A 75  ? ARG A 70  LEU A 75  
A 3 GLN A 47  ? GLY A 53  ? GLN A 47  GLY A 53  
A 4 VAL A 109 ? GLY A 116 ? VAL A 109 GLY A 116 
A 5 LEU A 4   ? SER A 11  ? LEU A 4   SER A 11  
A 6 LEU A 131 ? ILE A 138 ? LEU A 131 ILE A 138 
A 7 ILE A 175 ? LYS A 184 ? ILE A 175 LYS A 184 
A 8 LYS A 157 ? LEU A 158 ? LYS A 157 LEU A 158 
B 1 PHE A 88  ? SER A 90  ? PHE A 88  SER A 90  
B 2 ARG A 70  ? LEU A 75  ? ARG A 70  LEU A 75  
B 3 GLN A 47  ? GLY A 53  ? GLN A 47  GLY A 53  
B 4 VAL A 109 ? GLY A 116 ? VAL A 109 GLY A 116 
B 5 LEU A 4   ? SER A 11  ? LEU A 4   SER A 11  
B 6 LEU A 131 ? ILE A 138 ? LEU A 131 ILE A 138 
B 7 ILE A 175 ? LYS A 184 ? ILE A 175 LYS A 184 
B 8 GLN A 170 ? GLU A 172 ? GLN A 170 GLU A 172 
C 1 GLY A 15  ? GLY A 17  ? GLY A 15  GLY A 17  
C 2 THR A 146 ? PHE A 147 ? THR A 146 PHE A 147 
# 
loop_
_pdbx_struct_sheet_hbond.sheet_id 
_pdbx_struct_sheet_hbond.range_id_1 
_pdbx_struct_sheet_hbond.range_id_2 
_pdbx_struct_sheet_hbond.range_1_label_atom_id 
_pdbx_struct_sheet_hbond.range_1_label_comp_id 
_pdbx_struct_sheet_hbond.range_1_label_asym_id 
_pdbx_struct_sheet_hbond.range_1_label_seq_id 
_pdbx_struct_sheet_hbond.range_1_PDB_ins_code 
_pdbx_struct_sheet_hbond.range_1_auth_atom_id 
_pdbx_struct_sheet_hbond.range_1_auth_comp_id 
_pdbx_struct_sheet_hbond.range_1_auth_asym_id 
_pdbx_struct_sheet_hbond.range_1_auth_seq_id 
_pdbx_struct_sheet_hbond.range_2_label_atom_id 
_pdbx_struct_sheet_hbond.range_2_label_comp_id 
_pdbx_struct_sheet_hbond.range_2_label_asym_id 
_pdbx_struct_sheet_hbond.range_2_label_seq_id 
_pdbx_struct_sheet_hbond.range_2_PDB_ins_code 
_pdbx_struct_sheet_hbond.range_2_auth_atom_id 
_pdbx_struct_sheet_hbond.range_2_auth_comp_id 
_pdbx_struct_sheet_hbond.range_2_auth_asym_id 
_pdbx_struct_sheet_hbond.range_2_auth_seq_id 
A 1 2 O PHE A 88  ? O PHE A 88  N VAL A 74  ? N VAL A 74  
A 2 3 O LEU A 73  ? O LEU A 73  N VAL A 50  ? N VAL A 50  
A 3 4 N LEU A 49  ? N LEU A 49  O TRP A 113 ? O TRP A 113 
A 4 5 O ILE A 114 ? O ILE A 114 N ASN A 5   ? N ASN A 5   
A 5 6 N VAL A 10  ? N VAL A 10  O ILE A 138 ? O ILE A 138 
A 6 7 N ARG A 137 ? N ARG A 137 O LYS A 178 ? O LYS A 178 
A 7 8 O GLU A 183 ? O GLU A 183 N LYS A 157 ? N LYS A 157 
B 1 2 O PHE A 88  ? O PHE A 88  N VAL A 74  ? N VAL A 74  
B 2 3 O LEU A 73  ? O LEU A 73  N VAL A 50  ? N VAL A 50  
B 3 4 N LEU A 49  ? N LEU A 49  O TRP A 113 ? O TRP A 113 
B 4 5 O ILE A 114 ? O ILE A 114 N ASN A 5   ? N ASN A 5   
B 5 6 N VAL A 10  ? N VAL A 10  O ILE A 138 ? O ILE A 138 
B 6 7 N ARG A 137 ? N ARG A 137 O LYS A 178 ? O LYS A 178 
B 7 8 O TYR A 177 ? O TYR A 177 N GLN A 170 ? N GLN A 170 
C 1 2 N ILE A 16  ? N ILE A 16  O THR A 146 ? O THR A 146 
# 
loop_
_struct_site.id 
_struct_site.pdbx_evidence_code 
_struct_site.pdbx_auth_asym_id 
_struct_site.pdbx_auth_comp_id 
_struct_site.pdbx_auth_seq_id 
_struct_site.pdbx_auth_ins_code 
_struct_site.pdbx_num_residues 
_struct_site.details 
AC1 Software A NDP 187 ? 28 'BINDING SITE FOR RESIDUE NDP A 187' 
AC2 Software A MTX 188 ? 19 'BINDING SITE FOR RESIDUE MTX A 188' 
# 
loop_
_struct_site_gen.id 
_struct_site_gen.site_id 
_struct_site_gen.pdbx_num_res 
_struct_site_gen.label_comp_id 
_struct_site_gen.label_asym_id 
_struct_site_gen.label_seq_id 
_struct_site_gen.pdbx_auth_ins_code 
_struct_site_gen.auth_comp_id 
_struct_site_gen.auth_asym_id 
_struct_site_gen.auth_seq_id 
_struct_site_gen.label_atom_id 
_struct_site_gen.label_alt_id 
_struct_site_gen.symmetry 
_struct_site_gen.details 
1  AC1 28 VAL A 8   ? VAL A 8   . ? 1_555 ? 
2  AC1 28 ALA A 9   ? ALA A 9   . ? 1_555 ? 
3  AC1 28 ILE A 16  ? ILE A 16  . ? 1_555 ? 
4  AC1 28 GLY A 17  ? GLY A 17  . ? 1_555 ? 
5  AC1 28 GLY A 20  ? GLY A 20  . ? 1_555 ? 
6  AC1 28 ASP A 21  ? ASP A 21  . ? 1_555 ? 
7  AC1 28 LEU A 22  ? LEU A 22  . ? 1_555 ? 
8  AC1 28 TRP A 24  ? TRP A 24  . ? 1_555 ? 
9  AC1 28 GLY A 53  ? GLY A 53  . ? 1_555 ? 
10 AC1 28 LYS A 54  ? LYS A 54  . ? 1_555 ? 
11 AC1 28 LYS A 55  ? LYS A 55  . ? 1_555 ? 
12 AC1 28 THR A 56  ? THR A 56  . ? 1_555 ? 
13 AC1 28 SER A 59  ? SER A 59  . ? 1_555 ? 
14 AC1 28 LEU A 75  ? LEU A 75  . ? 1_555 ? 
15 AC1 28 SER A 76  ? SER A 76  . ? 1_555 ? 
16 AC1 28 ARG A 77  ? ARG A 77  . ? 1_555 ? 
17 AC1 28 GLU A 78  ? GLU A 78  . ? 1_555 ? 
18 AC1 28 ARG A 91  ? ARG A 91  . ? 1_555 ? 
19 AC1 28 VAL A 115 ? VAL A 115 . ? 1_555 ? 
20 AC1 28 GLY A 117 ? GLY A 117 . ? 1_555 ? 
21 AC1 28 SER A 118 ? SER A 118 . ? 1_555 ? 
22 AC1 28 SER A 119 ? SER A 119 . ? 1_555 ? 
23 AC1 28 VAL A 120 ? VAL A 120 . ? 1_555 ? 
24 AC1 28 TYR A 121 ? TYR A 121 . ? 1_555 ? 
25 AC1 28 THR A 146 ? THR A 146 . ? 1_555 ? 
26 AC1 28 MTX C .   ? MTX A 188 . ? 1_555 ? 
27 AC1 28 HOH D .   ? HOH A 194 . ? 1_555 ? 
28 AC1 28 HOH D .   ? HOH A 224 . ? 1_555 ? 
29 AC2 19 ILE A 7   ? ILE A 7   . ? 1_555 ? 
30 AC2 19 VAL A 8   ? VAL A 8   . ? 1_555 ? 
31 AC2 19 ALA A 9   ? ALA A 9   . ? 1_555 ? 
32 AC2 19 LEU A 22  ? LEU A 22  . ? 1_555 ? 
33 AC2 19 GLU A 30  ? GLU A 30  . ? 1_555 ? 
34 AC2 19 PHE A 31  ? PHE A 31  . ? 1_555 ? 
35 AC2 19 PHE A 34  ? PHE A 34  . ? 1_555 ? 
36 AC2 19 GLN A 35  ? GLN A 35  . ? 1_555 ? 
37 AC2 19 SER A 59  ? SER A 59  . ? 1_555 ? 
38 AC2 19 ILE A 60  ? ILE A 60  . ? 1_555 ? 
39 AC2 19 PRO A 61  ? PRO A 61  . ? 1_555 ? 
40 AC2 19 ASN A 64  ? ASN A 64  . ? 1_555 ? 
41 AC2 19 LEU A 67  ? LEU A 67  . ? 1_555 ? 
42 AC2 19 ARG A 70  ? ARG A 70  . ? 1_555 ? 
43 AC2 19 VAL A 115 ? VAL A 115 . ? 1_555 ? 
44 AC2 19 TYR A 121 ? TYR A 121 . ? 1_555 ? 
45 AC2 19 THR A 136 ? THR A 136 . ? 1_555 ? 
46 AC2 19 NDP B .   ? NDP A 187 . ? 1_555 ? 
47 AC2 19 HOH D .   ? HOH A 198 . ? 1_555 ? 
# 
loop_
_pdbx_validate_close_contact.id 
_pdbx_validate_close_contact.PDB_model_num 
_pdbx_validate_close_contact.auth_atom_id_1 
_pdbx_validate_close_contact.auth_asym_id_1 
_pdbx_validate_close_contact.auth_comp_id_1 
_pdbx_validate_close_contact.auth_seq_id_1 
_pdbx_validate_close_contact.PDB_ins_code_1 
_pdbx_validate_close_contact.label_alt_id_1 
_pdbx_validate_close_contact.auth_atom_id_2 
_pdbx_validate_close_contact.auth_asym_id_2 
_pdbx_validate_close_contact.auth_comp_id_2 
_pdbx_validate_close_contact.auth_seq_id_2 
_pdbx_validate_close_contact.PDB_ins_code_2 
_pdbx_validate_close_contact.label_alt_id_2 
_pdbx_validate_close_contact.dist 
1 1 ND1 A HIS 130 ? ? O   A LYS 184 ? ? 2.04 
2 1 O   A LEU 159 ? ? O   A HOH 212 ? ? 2.06 
3 1 O   A ASP 168 ? ? NE2 A GLN 170 ? ? 2.06 
# 
loop_
_pdbx_validate_rmsd_angle.id 
_pdbx_validate_rmsd_angle.PDB_model_num 
_pdbx_validate_rmsd_angle.auth_atom_id_1 
_pdbx_validate_rmsd_angle.auth_asym_id_1 
_pdbx_validate_rmsd_angle.auth_comp_id_1 
_pdbx_validate_rmsd_angle.auth_seq_id_1 
_pdbx_validate_rmsd_angle.PDB_ins_code_1 
_pdbx_validate_rmsd_angle.label_alt_id_1 
_pdbx_validate_rmsd_angle.auth_atom_id_2 
_pdbx_validate_rmsd_angle.auth_asym_id_2 
_pdbx_validate_rmsd_angle.auth_comp_id_2 
_pdbx_validate_rmsd_angle.auth_seq_id_2 
_pdbx_validate_rmsd_angle.PDB_ins_code_2 
_pdbx_validate_rmsd_angle.label_alt_id_2 
_pdbx_validate_rmsd_angle.auth_atom_id_3 
_pdbx_validate_rmsd_angle.auth_asym_id_3 
_pdbx_validate_rmsd_angle.auth_comp_id_3 
_pdbx_validate_rmsd_angle.auth_seq_id_3 
_pdbx_validate_rmsd_angle.PDB_ins_code_3 
_pdbx_validate_rmsd_angle.label_alt_id_3 
_pdbx_validate_rmsd_angle.angle_value 
_pdbx_validate_rmsd_angle.angle_target_value 
_pdbx_validate_rmsd_angle.angle_deviation 
_pdbx_validate_rmsd_angle.angle_standard_deviation 
_pdbx_validate_rmsd_angle.linker_flag 
1  1 N   A LYS 18  ? ? CA A LYS 18  ? ? CB  A LYS 18  ? ? 123.60 110.60 13.00  1.80 N 
2  1 NE  A ARG 32  ? ? CZ A ARG 32  ? ? NH1 A ARG 32  ? ? 127.60 120.30 7.30   0.50 N 
3  1 NE  A ARG 32  ? ? CZ A ARG 32  ? ? NH2 A ARG 32  ? ? 117.16 120.30 -3.14  0.50 N 
4  1 CB  A TYR 33  ? ? CG A TYR 33  ? ? CD2 A TYR 33  ? ? 116.67 121.00 -4.33  0.60 N 
5  1 NE  A ARG 36  ? ? CZ A ARG 36  ? ? NH2 A ARG 36  ? ? 124.43 120.30 4.13   0.50 N 
6  1 NE  A ARG 65  ? ? CZ A ARG 65  ? ? NH1 A ARG 65  ? ? 126.38 120.30 6.08   0.50 N 
7  1 NE  A ARG 65  ? ? CZ A ARG 65  ? ? NH2 A ARG 65  ? ? 117.21 120.30 -3.09  0.50 N 
8  1 O   A LEU 67  ? ? C  A LEU 67  ? ? N   A LYS 68  ? ? 133.94 122.70 11.24  1.60 Y 
9  1 NE  A ARG 77  ? ? CZ A ARG 77  ? ? NH1 A ARG 77  ? ? 125.12 120.30 4.82   0.50 N 
10 1 CG  A GLU 78  ? ? CD A GLU 78  ? ? OE1 A GLU 78  ? ? 130.46 118.30 12.16  2.00 N 
11 1 CD  A ARG 91  ? ? NE A ARG 91  ? ? CZ  A ARG 91  ? ? 132.25 123.60 8.65   1.40 N 
12 1 NE  A ARG 91  ? ? CZ A ARG 91  ? ? NH1 A ARG 91  ? ? 127.13 120.30 6.83   0.50 N 
13 1 NE  A ARG 91  ? ? CZ A ARG 91  ? ? NH2 A ARG 91  ? ? 112.92 120.30 -7.38  0.50 N 
14 1 CB  A ASP 95  ? ? CG A ASP 95  ? ? OD1 A ASP 95  ? ? 110.55 118.30 -7.75  0.90 N 
15 1 CB  A ASP 110 ? ? CG A ASP 110 ? ? OD1 A ASP 110 ? ? 124.73 118.30 6.43   0.90 N 
16 1 O   A VAL 120 ? ? C  A VAL 120 ? ? N   A TYR 121 ? ? 132.64 122.70 9.94   1.60 Y 
17 1 CA  A MET 125 ? ? CB A MET 125 ? ? CG  A MET 125 ? ? 130.66 113.30 17.36  1.70 N 
18 1 CA  A ASN 126 ? ? CB A ASN 126 ? ? CG  A ASN 126 ? ? 129.34 113.40 15.94  2.20 N 
19 1 O   A LYS 132 ? ? C  A LYS 132 ? ? N   A LEU 133 ? ? 132.94 122.70 10.24  1.60 Y 
20 1 CA  A LEU 133 ? ? CB A LEU 133 ? ? CG  A LEU 133 ? ? 142.36 115.30 27.06  2.30 N 
21 1 N   A GLN 140 ? ? CA A GLN 140 ? ? CB  A GLN 140 ? ? 124.11 110.60 13.51  1.80 N 
22 1 CB  A ASP 141 ? ? CG A ASP 141 ? ? OD1 A ASP 141 ? ? 125.36 118.30 7.06   0.90 N 
23 1 CA  A ASP 145 ? ? CB A ASP 145 ? ? CG  A ASP 145 ? ? 127.29 113.40 13.89  2.20 N 
24 1 OD1 A ASP 145 ? ? CG A ASP 145 ? ? OD2 A ASP 145 ? ? 110.24 123.30 -13.06 1.90 N 
25 1 CB  A ASP 145 ? ? CG A ASP 145 ? ? OD1 A ASP 145 ? ? 130.25 118.30 11.95  0.90 N 
26 1 CA  A GLU 154 ? ? CB A GLU 154 ? ? CG  A GLU 154 ? ? 127.87 113.40 14.47  2.20 N 
27 1 CB  A TYR 156 ? ? CG A TYR 156 ? ? CD2 A TYR 156 ? ? 125.53 121.00 4.53   0.60 N 
28 1 CB  A TYR 156 ? ? CG A TYR 156 ? ? CD1 A TYR 156 ? ? 116.37 121.00 -4.63  0.60 N 
29 1 CB  A TYR 162 ? ? CG A TYR 162 ? ? CD2 A TYR 162 ? ? 126.27 121.00 5.27   0.60 N 
30 1 CB  A TYR 162 ? ? CG A TYR 162 ? ? CD1 A TYR 162 ? ? 115.52 121.00 -5.48  0.60 N 
31 1 OD1 A ASP 168 ? ? CG A ASP 168 ? ? OD2 A ASP 168 ? ? 134.72 123.30 11.42  1.90 N 
32 1 CB  A ASP 168 ? ? CG A ASP 168 ? ? OD2 A ASP 168 ? ? 110.95 118.30 -7.35  0.90 N 
33 1 CA  A GLU 172 ? ? CB A GLU 172 ? ? CG  A GLU 172 ? ? 137.18 113.40 23.78  2.20 N 
34 1 CG  A GLU 180 ? ? CD A GLU 180 ? ? OE1 A GLU 180 ? ? 131.07 118.30 12.77  2.00 N 
35 1 CG  A GLU 180 ? ? CD A GLU 180 ? ? OE2 A GLU 180 ? ? 105.47 118.30 -12.83 2.00 N 
36 1 CB  A TYR 182 ? ? CG A TYR 182 ? ? CD1 A TYR 182 ? ? 115.56 121.00 -5.44  0.60 N 
37 1 CB  A ASP 186 ? ? CG A ASP 186 ? ? OD2 A ASP 186 ? ? 112.75 118.30 -5.55  0.90 N 
38 1 CA  A ASP 186 ? ? C  A ASP 186 ? ? O   A ASP 186 ? ? 105.25 120.10 -14.85 2.10 N 
# 
loop_
_pdbx_validate_torsion.id 
_pdbx_validate_torsion.PDB_model_num 
_pdbx_validate_torsion.auth_comp_id 
_pdbx_validate_torsion.auth_asym_id 
_pdbx_validate_torsion.auth_seq_id 
_pdbx_validate_torsion.PDB_ins_code 
_pdbx_validate_torsion.label_alt_id 
_pdbx_validate_torsion.phi 
_pdbx_validate_torsion.psi 
1 1 SER A 76  ? ? -179.63 142.80 
2 1 ASP A 110 ? ? -97.83  -88.62 
3 1 MET A 139 ? ? -79.50  30.78  
4 1 ASN A 185 ? ? -177.72 112.57 
# 
loop_
_chem_comp_atom.comp_id 
_chem_comp_atom.atom_id 
_chem_comp_atom.type_symbol 
_chem_comp_atom.pdbx_aromatic_flag 
_chem_comp_atom.pdbx_stereo_config 
_chem_comp_atom.pdbx_ordinal 
ALA N    N N N 1   
ALA CA   C N S 2   
ALA C    C N N 3   
ALA O    O N N 4   
ALA CB   C N N 5   
ALA OXT  O N N 6   
ALA H    H N N 7   
ALA H2   H N N 8   
ALA HA   H N N 9   
ALA HB1  H N N 10  
ALA HB2  H N N 11  
ALA HB3  H N N 12  
ALA HXT  H N N 13  
ARG N    N N N 14  
ARG CA   C N S 15  
ARG C    C N N 16  
ARG O    O N N 17  
ARG CB   C N N 18  
ARG CG   C N N 19  
ARG CD   C N N 20  
ARG NE   N N N 21  
ARG CZ   C N N 22  
ARG NH1  N N N 23  
ARG NH2  N N N 24  
ARG OXT  O N N 25  
ARG H    H N N 26  
ARG H2   H N N 27  
ARG HA   H N N 28  
ARG HB2  H N N 29  
ARG HB3  H N N 30  
ARG HG2  H N N 31  
ARG HG3  H N N 32  
ARG HD2  H N N 33  
ARG HD3  H N N 34  
ARG HE   H N N 35  
ARG HH11 H N N 36  
ARG HH12 H N N 37  
ARG HH21 H N N 38  
ARG HH22 H N N 39  
ARG HXT  H N N 40  
ASN N    N N N 41  
ASN CA   C N S 42  
ASN C    C N N 43  
ASN O    O N N 44  
ASN CB   C N N 45  
ASN CG   C N N 46  
ASN OD1  O N N 47  
ASN ND2  N N N 48  
ASN OXT  O N N 49  
ASN H    H N N 50  
ASN H2   H N N 51  
ASN HA   H N N 52  
ASN HB2  H N N 53  
ASN HB3  H N N 54  
ASN HD21 H N N 55  
ASN HD22 H N N 56  
ASN HXT  H N N 57  
ASP N    N N N 58  
ASP CA   C N S 59  
ASP C    C N N 60  
ASP O    O N N 61  
ASP CB   C N N 62  
ASP CG   C N N 63  
ASP OD1  O N N 64  
ASP OD2  O N N 65  
ASP OXT  O N N 66  
ASP H    H N N 67  
ASP H2   H N N 68  
ASP HA   H N N 69  
ASP HB2  H N N 70  
ASP HB3  H N N 71  
ASP HD2  H N N 72  
ASP HXT  H N N 73  
CYS N    N N N 74  
CYS CA   C N R 75  
CYS C    C N N 76  
CYS O    O N N 77  
CYS CB   C N N 78  
CYS SG   S N N 79  
CYS OXT  O N N 80  
CYS H    H N N 81  
CYS H2   H N N 82  
CYS HA   H N N 83  
CYS HB2  H N N 84  
CYS HB3  H N N 85  
CYS HG   H N N 86  
CYS HXT  H N N 87  
GLN N    N N N 88  
GLN CA   C N S 89  
GLN C    C N N 90  
GLN O    O N N 91  
GLN CB   C N N 92  
GLN CG   C N N 93  
GLN CD   C N N 94  
GLN OE1  O N N 95  
GLN NE2  N N N 96  
GLN OXT  O N N 97  
GLN H    H N N 98  
GLN H2   H N N 99  
GLN HA   H N N 100 
GLN HB2  H N N 101 
GLN HB3  H N N 102 
GLN HG2  H N N 103 
GLN HG3  H N N 104 
GLN HE21 H N N 105 
GLN HE22 H N N 106 
GLN HXT  H N N 107 
GLU N    N N N 108 
GLU CA   C N S 109 
GLU C    C N N 110 
GLU O    O N N 111 
GLU CB   C N N 112 
GLU CG   C N N 113 
GLU CD   C N N 114 
GLU OE1  O N N 115 
GLU OE2  O N N 116 
GLU OXT  O N N 117 
GLU H    H N N 118 
GLU H2   H N N 119 
GLU HA   H N N 120 
GLU HB2  H N N 121 
GLU HB3  H N N 122 
GLU HG2  H N N 123 
GLU HG3  H N N 124 
GLU HE2  H N N 125 
GLU HXT  H N N 126 
GLY N    N N N 127 
GLY CA   C N N 128 
GLY C    C N N 129 
GLY O    O N N 130 
GLY OXT  O N N 131 
GLY H    H N N 132 
GLY H2   H N N 133 
GLY HA2  H N N 134 
GLY HA3  H N N 135 
GLY HXT  H N N 136 
HIS N    N N N 137 
HIS CA   C N S 138 
HIS C    C N N 139 
HIS O    O N N 140 
HIS CB   C N N 141 
HIS CG   C Y N 142 
HIS ND1  N Y N 143 
HIS CD2  C Y N 144 
HIS CE1  C Y N 145 
HIS NE2  N Y N 146 
HIS OXT  O N N 147 
HIS H    H N N 148 
HIS H2   H N N 149 
HIS HA   H N N 150 
HIS HB2  H N N 151 
HIS HB3  H N N 152 
HIS HD1  H N N 153 
HIS HD2  H N N 154 
HIS HE1  H N N 155 
HIS HE2  H N N 156 
HIS HXT  H N N 157 
HOH O    O N N 158 
HOH H1   H N N 159 
HOH H2   H N N 160 
ILE N    N N N 161 
ILE CA   C N S 162 
ILE C    C N N 163 
ILE O    O N N 164 
ILE CB   C N S 165 
ILE CG1  C N N 166 
ILE CG2  C N N 167 
ILE CD1  C N N 168 
ILE OXT  O N N 169 
ILE H    H N N 170 
ILE H2   H N N 171 
ILE HA   H N N 172 
ILE HB   H N N 173 
ILE HG12 H N N 174 
ILE HG13 H N N 175 
ILE HG21 H N N 176 
ILE HG22 H N N 177 
ILE HG23 H N N 178 
ILE HD11 H N N 179 
ILE HD12 H N N 180 
ILE HD13 H N N 181 
ILE HXT  H N N 182 
LEU N    N N N 183 
LEU CA   C N S 184 
LEU C    C N N 185 
LEU O    O N N 186 
LEU CB   C N N 187 
LEU CG   C N N 188 
LEU CD1  C N N 189 
LEU CD2  C N N 190 
LEU OXT  O N N 191 
LEU H    H N N 192 
LEU H2   H N N 193 
LEU HA   H N N 194 
LEU HB2  H N N 195 
LEU HB3  H N N 196 
LEU HG   H N N 197 
LEU HD11 H N N 198 
LEU HD12 H N N 199 
LEU HD13 H N N 200 
LEU HD21 H N N 201 
LEU HD22 H N N 202 
LEU HD23 H N N 203 
LEU HXT  H N N 204 
LYS N    N N N 205 
LYS CA   C N S 206 
LYS C    C N N 207 
LYS O    O N N 208 
LYS CB   C N N 209 
LYS CG   C N N 210 
LYS CD   C N N 211 
LYS CE   C N N 212 
LYS NZ   N N N 213 
LYS OXT  O N N 214 
LYS H    H N N 215 
LYS H2   H N N 216 
LYS HA   H N N 217 
LYS HB2  H N N 218 
LYS HB3  H N N 219 
LYS HG2  H N N 220 
LYS HG3  H N N 221 
LYS HD2  H N N 222 
LYS HD3  H N N 223 
LYS HE2  H N N 224 
LYS HE3  H N N 225 
LYS HZ1  H N N 226 
LYS HZ2  H N N 227 
LYS HZ3  H N N 228 
LYS HXT  H N N 229 
MET N    N N N 230 
MET CA   C N S 231 
MET C    C N N 232 
MET O    O N N 233 
MET CB   C N N 234 
MET CG   C N N 235 
MET SD   S N N 236 
MET CE   C N N 237 
MET OXT  O N N 238 
MET H    H N N 239 
MET H2   H N N 240 
MET HA   H N N 241 
MET HB2  H N N 242 
MET HB3  H N N 243 
MET HG2  H N N 244 
MET HG3  H N N 245 
MET HE1  H N N 246 
MET HE2  H N N 247 
MET HE3  H N N 248 
MET HXT  H N N 249 
MTX N1   N Y N 250 
MTX C2   C Y N 251 
MTX NA2  N N N 252 
MTX N3   N Y N 253 
MTX C4   C Y N 254 
MTX NA4  N N N 255 
MTX C4A  C Y N 256 
MTX N5   N Y N 257 
MTX C6   C Y N 258 
MTX C7   C Y N 259 
MTX N8   N Y N 260 
MTX C8A  C Y N 261 
MTX C9   C N N 262 
MTX N10  N N N 263 
MTX CM   C N N 264 
MTX C11  C Y N 265 
MTX C12  C Y N 266 
MTX C13  C Y N 267 
MTX C14  C Y N 268 
MTX C15  C Y N 269 
MTX C16  C Y N 270 
MTX C    C N N 271 
MTX O    O N N 272 
MTX N    N N N 273 
MTX CA   C N S 274 
MTX CT   C N N 275 
MTX O1   O N N 276 
MTX O2   O N N 277 
MTX CB   C N N 278 
MTX CG   C N N 279 
MTX CD   C N N 280 
MTX OE1  O N N 281 
MTX OE2  O N N 282 
MTX HN21 H N N 283 
MTX HN22 H N N 284 
MTX HN41 H N N 285 
MTX HN42 H N N 286 
MTX H7   H N N 287 
MTX H91  H N N 288 
MTX H92  H N N 289 
MTX HM1  H N N 290 
MTX HM2  H N N 291 
MTX HM3  H N N 292 
MTX H12  H N N 293 
MTX H13  H N N 294 
MTX H15  H N N 295 
MTX H16  H N N 296 
MTX HN   H N N 297 
MTX HA   H N N 298 
MTX HO2  H N N 299 
MTX HB1  H N N 300 
MTX HB2  H N N 301 
MTX HG1  H N N 302 
MTX HG2  H N N 303 
MTX HOE2 H N N 304 
NDP PA   P N S 305 
NDP O1A  O N N 306 
NDP O2A  O N N 307 
NDP O5B  O N N 308 
NDP C5B  C N N 309 
NDP C4B  C N R 310 
NDP O4B  O N N 311 
NDP C3B  C N R 312 
NDP O3B  O N N 313 
NDP C2B  C N R 314 
NDP O2B  O N N 315 
NDP C1B  C N R 316 
NDP N9A  N Y N 317 
NDP C8A  C Y N 318 
NDP N7A  N Y N 319 
NDP C5A  C Y N 320 
NDP C6A  C Y N 321 
NDP N6A  N N N 322 
NDP N1A  N Y N 323 
NDP C2A  C Y N 324 
NDP N3A  N Y N 325 
NDP C4A  C Y N 326 
NDP O3   O N N 327 
NDP PN   P N S 328 
NDP O1N  O N N 329 
NDP O2N  O N N 330 
NDP O5D  O N N 331 
NDP C5D  C N N 332 
NDP C4D  C N R 333 
NDP O4D  O N N 334 
NDP C3D  C N S 335 
NDP O3D  O N N 336 
NDP C2D  C N R 337 
NDP O2D  O N N 338 
NDP C1D  C N R 339 
NDP N1N  N N N 340 
NDP C2N  C N N 341 
NDP C3N  C N N 342 
NDP C7N  C N N 343 
NDP O7N  O N N 344 
NDP N7N  N N N 345 
NDP C4N  C N N 346 
NDP C5N  C N N 347 
NDP C6N  C N N 348 
NDP P2B  P N N 349 
NDP O1X  O N N 350 
NDP O2X  O N N 351 
NDP O3X  O N N 352 
NDP HOA2 H N N 353 
NDP H51A H N N 354 
NDP H52A H N N 355 
NDP H4B  H N N 356 
NDP H3B  H N N 357 
NDP HO3A H N N 358 
NDP H2B  H N N 359 
NDP H1B  H N N 360 
NDP H8A  H N N 361 
NDP H61A H N N 362 
NDP H62A H N N 363 
NDP H2A  H N N 364 
NDP H21N H N N 365 
NDP H51N H N N 366 
NDP H52N H N N 367 
NDP H4D  H N N 368 
NDP H3D  H N N 369 
NDP HO3N H N N 370 
NDP H2D  H N N 371 
NDP HO2N H N N 372 
NDP H1D  H N N 373 
NDP H2N  H N N 374 
NDP H71N H N N 375 
NDP H72N H N N 376 
NDP H41N H N N 377 
NDP H42N H N N 378 
NDP H5N  H N N 379 
NDP H6N  H N N 380 
NDP HOP2 H N N 381 
NDP HOP3 H N N 382 
PHE N    N N N 383 
PHE CA   C N S 384 
PHE C    C N N 385 
PHE O    O N N 386 
PHE CB   C N N 387 
PHE CG   C Y N 388 
PHE CD1  C Y N 389 
PHE CD2  C Y N 390 
PHE CE1  C Y N 391 
PHE CE2  C Y N 392 
PHE CZ   C Y N 393 
PHE OXT  O N N 394 
PHE H    H N N 395 
PHE H2   H N N 396 
PHE HA   H N N 397 
PHE HB2  H N N 398 
PHE HB3  H N N 399 
PHE HD1  H N N 400 
PHE HD2  H N N 401 
PHE HE1  H N N 402 
PHE HE2  H N N 403 
PHE HZ   H N N 404 
PHE HXT  H N N 405 
PRO N    N N N 406 
PRO CA   C N S 407 
PRO C    C N N 408 
PRO O    O N N 409 
PRO CB   C N N 410 
PRO CG   C N N 411 
PRO CD   C N N 412 
PRO OXT  O N N 413 
PRO H    H N N 414 
PRO HA   H N N 415 
PRO HB2  H N N 416 
PRO HB3  H N N 417 
PRO HG2  H N N 418 
PRO HG3  H N N 419 
PRO HD2  H N N 420 
PRO HD3  H N N 421 
PRO HXT  H N N 422 
SER N    N N N 423 
SER CA   C N S 424 
SER C    C N N 425 
SER O    O N N 426 
SER CB   C N N 427 
SER OG   O N N 428 
SER OXT  O N N 429 
SER H    H N N 430 
SER H2   H N N 431 
SER HA   H N N 432 
SER HB2  H N N 433 
SER HB3  H N N 434 
SER HG   H N N 435 
SER HXT  H N N 436 
THR N    N N N 437 
THR CA   C N S 438 
THR C    C N N 439 
THR O    O N N 440 
THR CB   C N R 441 
THR OG1  O N N 442 
THR CG2  C N N 443 
THR OXT  O N N 444 
THR H    H N N 445 
THR H2   H N N 446 
THR HA   H N N 447 
THR HB   H N N 448 
THR HG1  H N N 449 
THR HG21 H N N 450 
THR HG22 H N N 451 
THR HG23 H N N 452 
THR HXT  H N N 453 
TRP N    N N N 454 
TRP CA   C N S 455 
TRP C    C N N 456 
TRP O    O N N 457 
TRP CB   C N N 458 
TRP CG   C Y N 459 
TRP CD1  C Y N 460 
TRP CD2  C Y N 461 
TRP NE1  N Y N 462 
TRP CE2  C Y N 463 
TRP CE3  C Y N 464 
TRP CZ2  C Y N 465 
TRP CZ3  C Y N 466 
TRP CH2  C Y N 467 
TRP OXT  O N N 468 
TRP H    H N N 469 
TRP H2   H N N 470 
TRP HA   H N N 471 
TRP HB2  H N N 472 
TRP HB3  H N N 473 
TRP HD1  H N N 474 
TRP HE1  H N N 475 
TRP HE3  H N N 476 
TRP HZ2  H N N 477 
TRP HZ3  H N N 478 
TRP HH2  H N N 479 
TRP HXT  H N N 480 
TYR N    N N N 481 
TYR CA   C N S 482 
TYR C    C N N 483 
TYR O    O N N 484 
TYR CB   C N N 485 
TYR CG   C Y N 486 
TYR CD1  C Y N 487 
TYR CD2  C Y N 488 
TYR CE1  C Y N 489 
TYR CE2  C Y N 490 
TYR CZ   C Y N 491 
TYR OH   O N N 492 
TYR OXT  O N N 493 
TYR H    H N N 494 
TYR H2   H N N 495 
TYR HA   H N N 496 
TYR HB2  H N N 497 
TYR HB3  H N N 498 
TYR HD1  H N N 499 
TYR HD2  H N N 500 
TYR HE1  H N N 501 
TYR HE2  H N N 502 
TYR HH   H N N 503 
TYR HXT  H N N 504 
VAL N    N N N 505 
VAL CA   C N S 506 
VAL C    C N N 507 
VAL O    O N N 508 
VAL CB   C N N 509 
VAL CG1  C N N 510 
VAL CG2  C N N 511 
VAL OXT  O N N 512 
VAL H    H N N 513 
VAL H2   H N N 514 
VAL HA   H N N 515 
VAL HB   H N N 516 
VAL HG11 H N N 517 
VAL HG12 H N N 518 
VAL HG13 H N N 519 
VAL HG21 H N N 520 
VAL HG22 H N N 521 
VAL HG23 H N N 522 
VAL HXT  H N N 523 
# 
loop_
_chem_comp_bond.comp_id 
_chem_comp_bond.atom_id_1 
_chem_comp_bond.atom_id_2 
_chem_comp_bond.value_order 
_chem_comp_bond.pdbx_aromatic_flag 
_chem_comp_bond.pdbx_stereo_config 
_chem_comp_bond.pdbx_ordinal 
ALA N   CA   sing N N 1   
ALA N   H    sing N N 2   
ALA N   H2   sing N N 3   
ALA CA  C    sing N N 4   
ALA CA  CB   sing N N 5   
ALA CA  HA   sing N N 6   
ALA C   O    doub N N 7   
ALA C   OXT  sing N N 8   
ALA CB  HB1  sing N N 9   
ALA CB  HB2  sing N N 10  
ALA CB  HB3  sing N N 11  
ALA OXT HXT  sing N N 12  
ARG N   CA   sing N N 13  
ARG N   H    sing N N 14  
ARG N   H2   sing N N 15  
ARG CA  C    sing N N 16  
ARG CA  CB   sing N N 17  
ARG CA  HA   sing N N 18  
ARG C   O    doub N N 19  
ARG C   OXT  sing N N 20  
ARG CB  CG   sing N N 21  
ARG CB  HB2  sing N N 22  
ARG CB  HB3  sing N N 23  
ARG CG  CD   sing N N 24  
ARG CG  HG2  sing N N 25  
ARG CG  HG3  sing N N 26  
ARG CD  NE   sing N N 27  
ARG CD  HD2  sing N N 28  
ARG CD  HD3  sing N N 29  
ARG NE  CZ   sing N N 30  
ARG NE  HE   sing N N 31  
ARG CZ  NH1  sing N N 32  
ARG CZ  NH2  doub N N 33  
ARG NH1 HH11 sing N N 34  
ARG NH1 HH12 sing N N 35  
ARG NH2 HH21 sing N N 36  
ARG NH2 HH22 sing N N 37  
ARG OXT HXT  sing N N 38  
ASN N   CA   sing N N 39  
ASN N   H    sing N N 40  
ASN N   H2   sing N N 41  
ASN CA  C    sing N N 42  
ASN CA  CB   sing N N 43  
ASN CA  HA   sing N N 44  
ASN C   O    doub N N 45  
ASN C   OXT  sing N N 46  
ASN CB  CG   sing N N 47  
ASN CB  HB2  sing N N 48  
ASN CB  HB3  sing N N 49  
ASN CG  OD1  doub N N 50  
ASN CG  ND2  sing N N 51  
ASN ND2 HD21 sing N N 52  
ASN ND2 HD22 sing N N 53  
ASN OXT HXT  sing N N 54  
ASP N   CA   sing N N 55  
ASP N   H    sing N N 56  
ASP N   H2   sing N N 57  
ASP CA  C    sing N N 58  
ASP CA  CB   sing N N 59  
ASP CA  HA   sing N N 60  
ASP C   O    doub N N 61  
ASP C   OXT  sing N N 62  
ASP CB  CG   sing N N 63  
ASP CB  HB2  sing N N 64  
ASP CB  HB3  sing N N 65  
ASP CG  OD1  doub N N 66  
ASP CG  OD2  sing N N 67  
ASP OD2 HD2  sing N N 68  
ASP OXT HXT  sing N N 69  
CYS N   CA   sing N N 70  
CYS N   H    sing N N 71  
CYS N   H2   sing N N 72  
CYS CA  C    sing N N 73  
CYS CA  CB   sing N N 74  
CYS CA  HA   sing N N 75  
CYS C   O    doub N N 76  
CYS C   OXT  sing N N 77  
CYS CB  SG   sing N N 78  
CYS CB  HB2  sing N N 79  
CYS CB  HB3  sing N N 80  
CYS SG  HG   sing N N 81  
CYS OXT HXT  sing N N 82  
GLN N   CA   sing N N 83  
GLN N   H    sing N N 84  
GLN N   H2   sing N N 85  
GLN CA  C    sing N N 86  
GLN CA  CB   sing N N 87  
GLN CA  HA   sing N N 88  
GLN C   O    doub N N 89  
GLN C   OXT  sing N N 90  
GLN CB  CG   sing N N 91  
GLN CB  HB2  sing N N 92  
GLN CB  HB3  sing N N 93  
GLN CG  CD   sing N N 94  
GLN CG  HG2  sing N N 95  
GLN CG  HG3  sing N N 96  
GLN CD  OE1  doub N N 97  
GLN CD  NE2  sing N N 98  
GLN NE2 HE21 sing N N 99  
GLN NE2 HE22 sing N N 100 
GLN OXT HXT  sing N N 101 
GLU N   CA   sing N N 102 
GLU N   H    sing N N 103 
GLU N   H2   sing N N 104 
GLU CA  C    sing N N 105 
GLU CA  CB   sing N N 106 
GLU CA  HA   sing N N 107 
GLU C   O    doub N N 108 
GLU C   OXT  sing N N 109 
GLU CB  CG   sing N N 110 
GLU CB  HB2  sing N N 111 
GLU CB  HB3  sing N N 112 
GLU CG  CD   sing N N 113 
GLU CG  HG2  sing N N 114 
GLU CG  HG3  sing N N 115 
GLU CD  OE1  doub N N 116 
GLU CD  OE2  sing N N 117 
GLU OE2 HE2  sing N N 118 
GLU OXT HXT  sing N N 119 
GLY N   CA   sing N N 120 
GLY N   H    sing N N 121 
GLY N   H2   sing N N 122 
GLY CA  C    sing N N 123 
GLY CA  HA2  sing N N 124 
GLY CA  HA3  sing N N 125 
GLY C   O    doub N N 126 
GLY C   OXT  sing N N 127 
GLY OXT HXT  sing N N 128 
HIS N   CA   sing N N 129 
HIS N   H    sing N N 130 
HIS N   H2   sing N N 131 
HIS CA  C    sing N N 132 
HIS CA  CB   sing N N 133 
HIS CA  HA   sing N N 134 
HIS C   O    doub N N 135 
HIS C   OXT  sing N N 136 
HIS CB  CG   sing N N 137 
HIS CB  HB2  sing N N 138 
HIS CB  HB3  sing N N 139 
HIS CG  ND1  sing Y N 140 
HIS CG  CD2  doub Y N 141 
HIS ND1 CE1  doub Y N 142 
HIS ND1 HD1  sing N N 143 
HIS CD2 NE2  sing Y N 144 
HIS CD2 HD2  sing N N 145 
HIS CE1 NE2  sing Y N 146 
HIS CE1 HE1  sing N N 147 
HIS NE2 HE2  sing N N 148 
HIS OXT HXT  sing N N 149 
HOH O   H1   sing N N 150 
HOH O   H2   sing N N 151 
ILE N   CA   sing N N 152 
ILE N   H    sing N N 153 
ILE N   H2   sing N N 154 
ILE CA  C    sing N N 155 
ILE CA  CB   sing N N 156 
ILE CA  HA   sing N N 157 
ILE C   O    doub N N 158 
ILE C   OXT  sing N N 159 
ILE CB  CG1  sing N N 160 
ILE CB  CG2  sing N N 161 
ILE CB  HB   sing N N 162 
ILE CG1 CD1  sing N N 163 
ILE CG1 HG12 sing N N 164 
ILE CG1 HG13 sing N N 165 
ILE CG2 HG21 sing N N 166 
ILE CG2 HG22 sing N N 167 
ILE CG2 HG23 sing N N 168 
ILE CD1 HD11 sing N N 169 
ILE CD1 HD12 sing N N 170 
ILE CD1 HD13 sing N N 171 
ILE OXT HXT  sing N N 172 
LEU N   CA   sing N N 173 
LEU N   H    sing N N 174 
LEU N   H2   sing N N 175 
LEU CA  C    sing N N 176 
LEU CA  CB   sing N N 177 
LEU CA  HA   sing N N 178 
LEU C   O    doub N N 179 
LEU C   OXT  sing N N 180 
LEU CB  CG   sing N N 181 
LEU CB  HB2  sing N N 182 
LEU CB  HB3  sing N N 183 
LEU CG  CD1  sing N N 184 
LEU CG  CD2  sing N N 185 
LEU CG  HG   sing N N 186 
LEU CD1 HD11 sing N N 187 
LEU CD1 HD12 sing N N 188 
LEU CD1 HD13 sing N N 189 
LEU CD2 HD21 sing N N 190 
LEU CD2 HD22 sing N N 191 
LEU CD2 HD23 sing N N 192 
LEU OXT HXT  sing N N 193 
LYS N   CA   sing N N 194 
LYS N   H    sing N N 195 
LYS N   H2   sing N N 196 
LYS CA  C    sing N N 197 
LYS CA  CB   sing N N 198 
LYS CA  HA   sing N N 199 
LYS C   O    doub N N 200 
LYS C   OXT  sing N N 201 
LYS CB  CG   sing N N 202 
LYS CB  HB2  sing N N 203 
LYS CB  HB3  sing N N 204 
LYS CG  CD   sing N N 205 
LYS CG  HG2  sing N N 206 
LYS CG  HG3  sing N N 207 
LYS CD  CE   sing N N 208 
LYS CD  HD2  sing N N 209 
LYS CD  HD3  sing N N 210 
LYS CE  NZ   sing N N 211 
LYS CE  HE2  sing N N 212 
LYS CE  HE3  sing N N 213 
LYS NZ  HZ1  sing N N 214 
LYS NZ  HZ2  sing N N 215 
LYS NZ  HZ3  sing N N 216 
LYS OXT HXT  sing N N 217 
MET N   CA   sing N N 218 
MET N   H    sing N N 219 
MET N   H2   sing N N 220 
MET CA  C    sing N N 221 
MET CA  CB   sing N N 222 
MET CA  HA   sing N N 223 
MET C   O    doub N N 224 
MET C   OXT  sing N N 225 
MET CB  CG   sing N N 226 
MET CB  HB2  sing N N 227 
MET CB  HB3  sing N N 228 
MET CG  SD   sing N N 229 
MET CG  HG2  sing N N 230 
MET CG  HG3  sing N N 231 
MET SD  CE   sing N N 232 
MET CE  HE1  sing N N 233 
MET CE  HE2  sing N N 234 
MET CE  HE3  sing N N 235 
MET OXT HXT  sing N N 236 
MTX N1  C2   doub Y N 237 
MTX N1  C8A  sing Y N 238 
MTX C2  NA2  sing N N 239 
MTX C2  N3   sing Y N 240 
MTX NA2 HN21 sing N N 241 
MTX NA2 HN22 sing N N 242 
MTX N3  C4   doub Y N 243 
MTX C4  NA4  sing N N 244 
MTX C4  C4A  sing Y N 245 
MTX NA4 HN41 sing N N 246 
MTX NA4 HN42 sing N N 247 
MTX C4A N5   sing Y N 248 
MTX C4A C8A  doub Y N 249 
MTX N5  C6   doub Y N 250 
MTX C6  C7   sing Y N 251 
MTX C6  C9   sing N N 252 
MTX C7  N8   doub Y N 253 
MTX C7  H7   sing N N 254 
MTX N8  C8A  sing Y N 255 
MTX C9  N10  sing N N 256 
MTX C9  H91  sing N N 257 
MTX C9  H92  sing N N 258 
MTX N10 CM   sing N N 259 
MTX N10 C14  sing N N 260 
MTX CM  HM1  sing N N 261 
MTX CM  HM2  sing N N 262 
MTX CM  HM3  sing N N 263 
MTX C11 C12  doub Y N 264 
MTX C11 C16  sing Y N 265 
MTX C11 C    sing N N 266 
MTX C12 C13  sing Y N 267 
MTX C12 H12  sing N N 268 
MTX C13 C14  doub Y N 269 
MTX C13 H13  sing N N 270 
MTX C14 C15  sing Y N 271 
MTX C15 C16  doub Y N 272 
MTX C15 H15  sing N N 273 
MTX C16 H16  sing N N 274 
MTX C   O    doub N N 275 
MTX C   N    sing N N 276 
MTX N   CA   sing N N 277 
MTX N   HN   sing N N 278 
MTX CA  CT   sing N N 279 
MTX CA  CB   sing N N 280 
MTX CA  HA   sing N N 281 
MTX CT  O1   doub N N 282 
MTX CT  O2   sing N N 283 
MTX O2  HO2  sing N N 284 
MTX CB  CG   sing N N 285 
MTX CB  HB1  sing N N 286 
MTX CB  HB2  sing N N 287 
MTX CG  CD   sing N N 288 
MTX CG  HG1  sing N N 289 
MTX CG  HG2  sing N N 290 
MTX CD  OE1  doub N N 291 
MTX CD  OE2  sing N N 292 
MTX OE2 HOE2 sing N N 293 
NDP PA  O1A  doub N N 294 
NDP PA  O2A  sing N N 295 
NDP PA  O5B  sing N N 296 
NDP PA  O3   sing N N 297 
NDP O2A HOA2 sing N N 298 
NDP O5B C5B  sing N N 299 
NDP C5B C4B  sing N N 300 
NDP C5B H51A sing N N 301 
NDP C5B H52A sing N N 302 
NDP C4B O4B  sing N N 303 
NDP C4B C3B  sing N N 304 
NDP C4B H4B  sing N N 305 
NDP O4B C1B  sing N N 306 
NDP C3B O3B  sing N N 307 
NDP C3B C2B  sing N N 308 
NDP C3B H3B  sing N N 309 
NDP O3B HO3A sing N N 310 
NDP C2B O2B  sing N N 311 
NDP C2B C1B  sing N N 312 
NDP C2B H2B  sing N N 313 
NDP O2B P2B  sing N N 314 
NDP C1B N9A  sing N N 315 
NDP C1B H1B  sing N N 316 
NDP N9A C8A  sing Y N 317 
NDP N9A C4A  sing Y N 318 
NDP C8A N7A  doub Y N 319 
NDP C8A H8A  sing N N 320 
NDP N7A C5A  sing Y N 321 
NDP C5A C6A  sing Y N 322 
NDP C5A C4A  doub Y N 323 
NDP C6A N6A  sing N N 324 
NDP C6A N1A  doub Y N 325 
NDP N6A H61A sing N N 326 
NDP N6A H62A sing N N 327 
NDP N1A C2A  sing Y N 328 
NDP C2A N3A  doub Y N 329 
NDP C2A H2A  sing N N 330 
NDP N3A C4A  sing Y N 331 
NDP O3  PN   sing N N 332 
NDP PN  O1N  doub N N 333 
NDP PN  O2N  sing N N 334 
NDP PN  O5D  sing N N 335 
NDP O2N H21N sing N N 336 
NDP O5D C5D  sing N N 337 
NDP C5D C4D  sing N N 338 
NDP C5D H51N sing N N 339 
NDP C5D H52N sing N N 340 
NDP C4D O4D  sing N N 341 
NDP C4D C3D  sing N N 342 
NDP C4D H4D  sing N N 343 
NDP O4D C1D  sing N N 344 
NDP C3D O3D  sing N N 345 
NDP C3D C2D  sing N N 346 
NDP C3D H3D  sing N N 347 
NDP O3D HO3N sing N N 348 
NDP C2D O2D  sing N N 349 
NDP C2D C1D  sing N N 350 
NDP C2D H2D  sing N N 351 
NDP O2D HO2N sing N N 352 
NDP C1D N1N  sing N N 353 
NDP C1D H1D  sing N N 354 
NDP N1N C2N  sing N N 355 
NDP N1N C6N  sing N N 356 
NDP C2N C3N  doub N N 357 
NDP C2N H2N  sing N N 358 
NDP C3N C7N  sing N N 359 
NDP C3N C4N  sing N N 360 
NDP C7N O7N  doub N N 361 
NDP C7N N7N  sing N N 362 
NDP N7N H71N sing N N 363 
NDP N7N H72N sing N N 364 
NDP C4N C5N  sing N N 365 
NDP C4N H41N sing N N 366 
NDP C4N H42N sing N N 367 
NDP C5N C6N  doub N N 368 
NDP C5N H5N  sing N N 369 
NDP C6N H6N  sing N N 370 
NDP P2B O1X  doub N N 371 
NDP P2B O2X  sing N N 372 
NDP P2B O3X  sing N N 373 
NDP O2X HOP2 sing N N 374 
NDP O3X HOP3 sing N N 375 
PHE N   CA   sing N N 376 
PHE N   H    sing N N 377 
PHE N   H2   sing N N 378 
PHE CA  C    sing N N 379 
PHE CA  CB   sing N N 380 
PHE CA  HA   sing N N 381 
PHE C   O    doub N N 382 
PHE C   OXT  sing N N 383 
PHE CB  CG   sing N N 384 
PHE CB  HB2  sing N N 385 
PHE CB  HB3  sing N N 386 
PHE CG  CD1  doub Y N 387 
PHE CG  CD2  sing Y N 388 
PHE CD1 CE1  sing Y N 389 
PHE CD1 HD1  sing N N 390 
PHE CD2 CE2  doub Y N 391 
PHE CD2 HD2  sing N N 392 
PHE CE1 CZ   doub Y N 393 
PHE CE1 HE1  sing N N 394 
PHE CE2 CZ   sing Y N 395 
PHE CE2 HE2  sing N N 396 
PHE CZ  HZ   sing N N 397 
PHE OXT HXT  sing N N 398 
PRO N   CA   sing N N 399 
PRO N   CD   sing N N 400 
PRO N   H    sing N N 401 
PRO CA  C    sing N N 402 
PRO CA  CB   sing N N 403 
PRO CA  HA   sing N N 404 
PRO C   O    doub N N 405 
PRO C   OXT  sing N N 406 
PRO CB  CG   sing N N 407 
PRO CB  HB2  sing N N 408 
PRO CB  HB3  sing N N 409 
PRO CG  CD   sing N N 410 
PRO CG  HG2  sing N N 411 
PRO CG  HG3  sing N N 412 
PRO CD  HD2  sing N N 413 
PRO CD  HD3  sing N N 414 
PRO OXT HXT  sing N N 415 
SER N   CA   sing N N 416 
SER N   H    sing N N 417 
SER N   H2   sing N N 418 
SER CA  C    sing N N 419 
SER CA  CB   sing N N 420 
SER CA  HA   sing N N 421 
SER C   O    doub N N 422 
SER C   OXT  sing N N 423 
SER CB  OG   sing N N 424 
SER CB  HB2  sing N N 425 
SER CB  HB3  sing N N 426 
SER OG  HG   sing N N 427 
SER OXT HXT  sing N N 428 
THR N   CA   sing N N 429 
THR N   H    sing N N 430 
THR N   H2   sing N N 431 
THR CA  C    sing N N 432 
THR CA  CB   sing N N 433 
THR CA  HA   sing N N 434 
THR C   O    doub N N 435 
THR C   OXT  sing N N 436 
THR CB  OG1  sing N N 437 
THR CB  CG2  sing N N 438 
THR CB  HB   sing N N 439 
THR OG1 HG1  sing N N 440 
THR CG2 HG21 sing N N 441 
THR CG2 HG22 sing N N 442 
THR CG2 HG23 sing N N 443 
THR OXT HXT  sing N N 444 
TRP N   CA   sing N N 445 
TRP N   H    sing N N 446 
TRP N   H2   sing N N 447 
TRP CA  C    sing N N 448 
TRP CA  CB   sing N N 449 
TRP CA  HA   sing N N 450 
TRP C   O    doub N N 451 
TRP C   OXT  sing N N 452 
TRP CB  CG   sing N N 453 
TRP CB  HB2  sing N N 454 
TRP CB  HB3  sing N N 455 
TRP CG  CD1  doub Y N 456 
TRP CG  CD2  sing Y N 457 
TRP CD1 NE1  sing Y N 458 
TRP CD1 HD1  sing N N 459 
TRP CD2 CE2  doub Y N 460 
TRP CD2 CE3  sing Y N 461 
TRP NE1 CE2  sing Y N 462 
TRP NE1 HE1  sing N N 463 
TRP CE2 CZ2  sing Y N 464 
TRP CE3 CZ3  doub Y N 465 
TRP CE3 HE3  sing N N 466 
TRP CZ2 CH2  doub Y N 467 
TRP CZ2 HZ2  sing N N 468 
TRP CZ3 CH2  sing Y N 469 
TRP CZ3 HZ3  sing N N 470 
TRP CH2 HH2  sing N N 471 
TRP OXT HXT  sing N N 472 
TYR N   CA   sing N N 473 
TYR N   H    sing N N 474 
TYR N   H2   sing N N 475 
TYR CA  C    sing N N 476 
TYR CA  CB   sing N N 477 
TYR CA  HA   sing N N 478 
TYR C   O    doub N N 479 
TYR C   OXT  sing N N 480 
TYR CB  CG   sing N N 481 
TYR CB  HB2  sing N N 482 
TYR CB  HB3  sing N N 483 
TYR CG  CD1  doub Y N 484 
TYR CG  CD2  sing Y N 485 
TYR CD1 CE1  sing Y N 486 
TYR CD1 HD1  sing N N 487 
TYR CD2 CE2  doub Y N 488 
TYR CD2 HD2  sing N N 489 
TYR CE1 CZ   doub Y N 490 
TYR CE1 HE1  sing N N 491 
TYR CE2 CZ   sing Y N 492 
TYR CE2 HE2  sing N N 493 
TYR CZ  OH   sing N N 494 
TYR OH  HH   sing N N 495 
TYR OXT HXT  sing N N 496 
VAL N   CA   sing N N 497 
VAL N   H    sing N N 498 
VAL N   H2   sing N N 499 
VAL CA  C    sing N N 500 
VAL CA  CB   sing N N 501 
VAL CA  HA   sing N N 502 
VAL C   O    doub N N 503 
VAL C   OXT  sing N N 504 
VAL CB  CG1  sing N N 505 
VAL CB  CG2  sing N N 506 
VAL CB  HB   sing N N 507 
VAL CG1 HG11 sing N N 508 
VAL CG1 HG12 sing N N 509 
VAL CG1 HG13 sing N N 510 
VAL CG2 HG21 sing N N 511 
VAL CG2 HG22 sing N N 512 
VAL CG2 HG23 sing N N 513 
VAL OXT HXT  sing N N 514 
# 
_atom_sites.entry_id                    1U72 
_atom_sites.fract_transf_matrix[1][1]   -0.00582169 
_atom_sites.fract_transf_matrix[1][2]   -0.00093392 
_atom_sites.fract_transf_matrix[1][3]   0.01182596 
_atom_sites.fract_transf_matrix[2][1]   0.00724785 
_atom_sites.fract_transf_matrix[2][2]   -0.00256397 
_atom_sites.fract_transf_matrix[2][3]   0.01074853 
_atom_sites.fract_transf_matrix[3][1]   0.00174811 
_atom_sites.fract_transf_matrix[3][2]   0.01278018 
_atom_sites.fract_transf_matrix[3][3]   0.00186984 
_atom_sites.fract_transf_vector[1]      0.349316 
_atom_sites.fract_transf_vector[2]      0.177650 
_atom_sites.fract_transf_vector[3]      -0.007507 
# 
loop_
_atom_type.symbol 
C 
N 
O 
P 
S 
# 
loop_
_atom_site.group_PDB 
_atom_site.id 
_atom_site.type_symbol 
_atom_site.label_atom_id 
_atom_site.label_alt_id 
_atom_site.label_comp_id 
_atom_site.label_asym_id 
_atom_site.label_entity_id 
_atom_site.label_seq_id 
_atom_site.pdbx_PDB_ins_code 
_atom_site.Cartn_x 
_atom_site.Cartn_y 
_atom_site.Cartn_z 
_atom_site.occupancy 
_atom_site.B_iso_or_equiv 
_atom_site.pdbx_formal_charge 
_atom_site.auth_seq_id 
_atom_site.auth_comp_id 
_atom_site.auth_asym_id 
_atom_site.auth_atom_id 
_atom_site.pdbx_PDB_model_num 
ATOM   1    N N   . VAL A 1 1   ? 18.135  0.062   -0.291  1.00 32.29 ? 1   VAL A N   1 
ATOM   2    C CA  . VAL A 1 1   ? 16.744  0.178   -0.822  1.00 31.39 ? 1   VAL A CA  1 
ATOM   3    C C   . VAL A 1 1   ? 16.424  -0.988  -1.774  1.00 30.84 ? 1   VAL A C   1 
ATOM   4    O O   . VAL A 1 1   ? 16.884  -1.025  -2.941  1.00 30.84 ? 1   VAL A O   1 
ATOM   5    C CB  . VAL A 1 1   ? 16.593  1.597   -1.390  1.00 31.78 ? 1   VAL A CB  1 
ATOM   6    C CG1 . VAL A 1 1   ? 15.141  1.837   -1.812  1.00 31.66 ? 1   VAL A CG1 1 
ATOM   7    C CG2 . VAL A 1 1   ? 17.084  2.712   -0.486  1.00 31.41 ? 1   VAL A CG2 1 
ATOM   8    N N   . GLY A 1 2   ? 15.652  -1.943  -1.263  1.00 29.89 ? 2   GLY A N   1 
ATOM   9    C CA  . GLY A 1 2   ? 15.254  -3.168  -2.019  1.00 28.80 ? 2   GLY A CA  1 
ATOM   10   C C   . GLY A 1 2   ? 14.058  -2.882  -2.892  1.00 28.16 ? 2   GLY A C   1 
ATOM   11   O O   . GLY A 1 2   ? 14.067  -1.905  -3.696  1.00 28.59 ? 2   GLY A O   1 
ATOM   12   N N   . SER A 1 3   ? 12.997  -3.639  -2.702  1.00 27.62 ? 3   SER A N   1 
ATOM   13   C CA  . SER A 1 3   ? 11.765  -3.468  -3.507  1.00 26.95 ? 3   SER A CA  1 
ATOM   14   C C   . SER A 1 3   ? 10.791  -2.322  -3.339  1.00 25.88 ? 3   SER A C   1 
ATOM   15   O O   . SER A 1 3   ? 10.616  -1.847  -2.209  1.00 25.91 ? 3   SER A O   1 
ATOM   16   C CB  . SER A 1 3   ? 11.004  -4.802  -3.288  1.00 27.16 ? 3   SER A CB  1 
ATOM   17   O OG  . SER A 1 3   ? 12.066  -5.678  -3.686  1.00 28.23 ? 3   SER A OG  1 
ATOM   18   N N   . LEU A 1 4   ? 10.184  -1.950  -4.479  1.00 24.93 ? 4   LEU A N   1 
ATOM   19   C CA  . LEU A 1 4   ? 9.165   -0.902  -4.595  1.00 23.98 ? 4   LEU A CA  1 
ATOM   20   C C   . LEU A 1 4   ? 7.862   -1.662  -4.887  1.00 22.91 ? 4   LEU A C   1 
ATOM   21   O O   . LEU A 1 4   ? 7.801   -2.325  -5.914  1.00 22.57 ? 4   LEU A O   1 
ATOM   22   C CB  . LEU A 1 4   ? 9.419   0.270   -5.571  1.00 24.01 ? 4   LEU A CB  1 
ATOM   23   C CG  . LEU A 1 4   ? 8.339   1.334   -5.355  1.00 23.97 ? 4   LEU A CG  1 
ATOM   24   C CD1 . LEU A 1 4   ? 8.564   2.212   -4.134  1.00 24.05 ? 4   LEU A CD1 1 
ATOM   25   C CD2 . LEU A 1 4   ? 8.217   2.156   -6.610  1.00 24.25 ? 4   LEU A CD2 1 
ATOM   26   N N   . ASN A 1 5   ? 6.935   -1.574  -3.948  1.00 22.27 ? 5   ASN A N   1 
ATOM   27   C CA  . ASN A 1 5   ? 5.665   -2.291  -4.036  1.00 21.17 ? 5   ASN A CA  1 
ATOM   28   C C   . ASN A 1 5   ? 4.449   -1.463  -3.629  1.00 20.43 ? 5   ASN A C   1 
ATOM   29   O O   . ASN A 1 5   ? 4.446   -0.595  -2.749  1.00 20.01 ? 5   ASN A O   1 
ATOM   30   C CB  . ASN A 1 5   ? 5.747   -3.568  -3.219  1.00 21.13 ? 5   ASN A CB  1 
ATOM   31   C CG  . ASN A 1 5   ? 7.056   -4.229  -2.891  1.00 21.05 ? 5   ASN A CG  1 
ATOM   32   O OD1 . ASN A 1 5   ? 7.415   -5.278  -3.435  1.00 19.98 ? 5   ASN A OD1 1 
ATOM   33   N ND2 . ASN A 1 5   ? 7.813   -3.642  -1.930  1.00 21.18 ? 5   ASN A ND2 1 
ATOM   34   N N   . CYS A 1 6   ? 3.349   -1.809  -4.317  1.00 20.31 ? 6   CYS A N   1 
ATOM   35   C CA  . CYS A 1 6   ? 2.058   -1.133  -4.003  1.00 19.07 ? 6   CYS A CA  1 
ATOM   36   C C   . CYS A 1 6   ? 1.211   -2.207  -3.329  1.00 17.69 ? 6   CYS A C   1 
ATOM   37   O O   . CYS A 1 6   ? 1.476   -3.368  -3.600  1.00 16.70 ? 6   CYS A O   1 
ATOM   38   C CB  . CYS A 1 6   ? 1.324   -0.494  -5.156  1.00 19.99 ? 6   CYS A CB  1 
ATOM   39   S SG  . CYS A 1 6   ? 2.127   0.769   -6.159  1.00 20.94 ? 6   CYS A SG  1 
ATOM   40   N N   . ILE A 1 7   ? 0.280   -1.855  -2.487  1.00 17.22 ? 7   ILE A N   1 
ATOM   41   C CA  . ILE A 1 7   ? -0.625  -2.769  -1.828  1.00 17.14 ? 7   ILE A CA  1 
ATOM   42   C C   . ILE A 1 7   ? -1.951  -2.005  -1.703  1.00 17.32 ? 7   ILE A C   1 
ATOM   43   O O   . ILE A 1 7   ? -2.050  -0.838  -1.358  1.00 17.31 ? 7   ILE A O   1 
ATOM   44   C CB  . ILE A 1 7   ? 0.022   -3.558  -0.627  1.00 17.07 ? 7   ILE A CB  1 
ATOM   45   C CG1 . ILE A 1 7   ? -0.846  -4.813  -0.263  1.00 16.16 ? 7   ILE A CG1 1 
ATOM   46   C CG2 . ILE A 1 7   ? 0.329   -2.715  0.634   1.00 17.84 ? 7   ILE A CG2 1 
ATOM   47   C CD1 . ILE A 1 7   ? -0.452  -5.603  1.021   1.00 15.70 ? 7   ILE A CD1 1 
ATOM   48   N N   . VAL A 1 8   ? -3.028  -2.685  -2.088  1.00 17.61 ? 8   VAL A N   1 
ATOM   49   C CA  . VAL A 1 8   ? -4.421  -2.219  -2.124  1.00 17.40 ? 8   VAL A CA  1 
ATOM   50   C C   . VAL A 1 8   ? -5.434  -3.372  -2.048  1.00 18.41 ? 8   VAL A C   1 
ATOM   51   O O   . VAL A 1 8   ? -5.240  -4.572  -2.394  1.00 19.06 ? 8   VAL A O   1 
ATOM   52   C CB  . VAL A 1 8   ? -4.549  -1.455  -3.464  1.00 16.24 ? 8   VAL A CB  1 
ATOM   53   C CG1 . VAL A 1 8   ? -4.205  -2.482  -4.562  1.00 15.04 ? 8   VAL A CG1 1 
ATOM   54   C CG2 . VAL A 1 8   ? -5.900  -0.861  -3.781  1.00 15.86 ? 8   VAL A CG2 1 
ATOM   55   N N   . ALA A 1 9   ? -6.625  -3.032  -1.615  1.00 19.02 ? 9   ALA A N   1 
ATOM   56   C CA  . ALA A 1 9   ? -7.816  -3.871  -1.483  1.00 18.27 ? 9   ALA A CA  1 
ATOM   57   C C   . ALA A 1 9   ? -8.858  -3.064  -2.244  1.00 17.66 ? 9   ALA A C   1 
ATOM   58   O O   . ALA A 1 9   ? -9.124  -1.920  -1.867  1.00 17.98 ? 9   ALA A O   1 
ATOM   59   C CB  . ALA A 1 9   ? -8.134  -4.100  -0.022  1.00 18.87 ? 9   ALA A CB  1 
ATOM   60   N N   . VAL A 1 10  ? -9.425  -3.568  -3.284  1.00 17.88 ? 10  VAL A N   1 
ATOM   61   C CA  . VAL A 1 10  ? -10.423 -3.148  -4.227  1.00 17.68 ? 10  VAL A CA  1 
ATOM   62   C C   . VAL A 1 10  ? -11.633 -4.107  -4.337  1.00 17.98 ? 10  VAL A C   1 
ATOM   63   O O   . VAL A 1 10  ? -11.457 -5.313  -4.335  1.00 18.05 ? 10  VAL A O   1 
ATOM   64   C CB  . VAL A 1 10  ? -9.925  -3.163  -5.714  1.00 17.61 ? 10  VAL A CB  1 
ATOM   65   C CG1 . VAL A 1 10  ? -9.673  -1.853  -6.366  1.00 16.57 ? 10  VAL A CG1 1 
ATOM   66   C CG2 . VAL A 1 10  ? -8.704  -4.097  -5.851  1.00 18.09 ? 10  VAL A CG2 1 
ATOM   67   N N   . SER A 1 11  ? -12.805 -3.545  -4.561  1.00 18.36 ? 11  SER A N   1 
ATOM   68   C CA  . SER A 1 11  ? -14.084 -4.199  -4.738  1.00 18.38 ? 11  SER A CA  1 
ATOM   69   C C   . SER A 1 11  ? -14.272 -4.410  -6.247  1.00 19.06 ? 11  SER A C   1 
ATOM   70   O O   . SER A 1 11  ? -13.578 -3.779  -7.005  1.00 18.32 ? 11  SER A O   1 
ATOM   71   C CB  . SER A 1 11  ? -15.179 -3.410  -4.119  1.00 18.53 ? 11  SER A CB  1 
ATOM   72   O OG  . SER A 1 11  ? -15.328 -2.125  -4.683  1.00 18.34 ? 11  SER A OG  1 
ATOM   73   N N   . GLN A 1 12  ? -15.171 -5.267  -6.649  1.00 21.05 ? 12  GLN A N   1 
ATOM   74   C CA  . GLN A 1 12  ? -15.459 -5.625  -8.048  1.00 22.86 ? 12  GLN A CA  1 
ATOM   75   C C   . GLN A 1 12  ? -15.579 -4.378  -8.902  1.00 23.44 ? 12  GLN A C   1 
ATOM   76   O O   . GLN A 1 12  ? -15.261 -4.436  -10.088 1.00 23.64 ? 12  GLN A O   1 
ATOM   77   C CB  . GLN A 1 12  ? -16.685 -6.513  -8.136  1.00 23.63 ? 12  GLN A CB  1 
ATOM   78   C CG  . GLN A 1 12  ? -17.066 -7.164  -9.461  1.00 25.34 ? 12  GLN A CG  1 
ATOM   79   C CD  . GLN A 1 12  ? -18.229 -8.112  -9.225  1.00 26.73 ? 12  GLN A CD  1 
ATOM   80   O OE1 . GLN A 1 12  ? -18.272 -8.620  -8.082  1.00 27.79 ? 12  GLN A OE1 1 
ATOM   81   N NE2 . GLN A 1 12  ? -19.186 -8.460  -10.110 1.00 27.43 ? 12  GLN A NE2 1 
ATOM   82   N N   . ASN A 1 13  ? -16.023 -3.270  -8.331  1.00 24.29 ? 13  ASN A N   1 
ATOM   83   C CA  . ASN A 1 13  ? -16.228 -1.992  -8.991  1.00 24.34 ? 13  ASN A CA  1 
ATOM   84   C C   . ASN A 1 13  ? -15.004 -1.063  -8.934  1.00 24.67 ? 13  ASN A C   1 
ATOM   85   O O   . ASN A 1 13  ? -15.184 0.159   -9.171  1.00 24.41 ? 13  ASN A O   1 
ATOM   86   C CB  . ASN A 1 13  ? -17.463 -1.199  -8.593  1.00 24.24 ? 13  ASN A CB  1 
ATOM   87   C CG  . ASN A 1 13  ? -17.669 -0.711  -7.218  1.00 24.61 ? 13  ASN A CG  1 
ATOM   88   O OD1 . ASN A 1 13  ? -17.322 -1.367  -6.231  1.00 24.52 ? 13  ASN A OD1 1 
ATOM   89   N ND2 . ASN A 1 13  ? -18.319 0.454   -7.036  1.00 24.86 ? 13  ASN A ND2 1 
ATOM   90   N N   . MET A 1 14  ? -13.868 -1.671  -8.635  1.00 24.83 ? 14  MET A N   1 
ATOM   91   C CA  . MET A 1 14  ? -12.641 -0.863  -8.571  1.00 25.00 ? 14  MET A CA  1 
ATOM   92   C C   . MET A 1 14  ? -12.790 0.219   -7.523  1.00 24.42 ? 14  MET A C   1 
ATOM   93   O O   . MET A 1 14  ? -12.471 1.371   -7.883  1.00 25.48 ? 14  MET A O   1 
ATOM   94   C CB  . MET A 1 14  ? -12.405 -0.250  -9.940  1.00 25.50 ? 14  MET A CB  1 
ATOM   95   C CG  . MET A 1 14  ? -11.038 -0.567  -10.470 1.00 26.72 ? 14  MET A CG  1 
ATOM   96   S SD  . MET A 1 14  ? -10.685 -2.382  -10.534 1.00 27.96 ? 14  MET A SD  1 
ATOM   97   C CE  . MET A 1 14  ? -8.854  -2.075  -10.561 1.00 27.39 ? 14  MET A CE  1 
ATOM   98   N N   . GLY A 1 15  ? -13.239 -0.004  -6.305  1.00 22.91 ? 15  GLY A N   1 
ATOM   99   C CA  . GLY A 1 15  ? -13.382 1.124   -5.371  1.00 22.15 ? 15  GLY A CA  1 
ATOM   100  C C   . GLY A 1 15  ? -12.672 0.800   -4.056  1.00 20.54 ? 15  GLY A C   1 
ATOM   101  O O   . GLY A 1 15  ? -12.842 -0.304  -3.511  1.00 20.81 ? 15  GLY A O   1 
ATOM   102  N N   . ILE A 1 16  ? -11.904 1.786   -3.591  1.00 19.41 ? 16  ILE A N   1 
ATOM   103  C CA  . ILE A 1 16  ? -11.073 1.652   -2.371  1.00 17.94 ? 16  ILE A CA  1 
ATOM   104  C C   . ILE A 1 16  ? -11.585 2.498   -1.213  1.00 16.61 ? 16  ILE A C   1 
ATOM   105  O O   . ILE A 1 16  ? -11.152 2.288   -0.067  1.00 15.42 ? 16  ILE A O   1 
ATOM   106  C CB  . ILE A 1 16  ? -9.603  2.076   -2.622  1.00 18.47 ? 16  ILE A CB  1 
ATOM   107  C CG1 . ILE A 1 16  ? -9.418  3.570   -2.945  1.00 18.20 ? 16  ILE A CG1 1 
ATOM   108  C CG2 . ILE A 1 16  ? -8.942  1.312   -3.771  1.00 17.66 ? 16  ILE A CG2 1 
ATOM   109  C CD1 . ILE A 1 16  ? -7.967  3.953   -3.292  1.00 17.56 ? 16  ILE A CD1 1 
ATOM   110  N N   . GLY A 1 17  ? -12.463 3.530   -1.344  1.00 16.43 ? 17  GLY A N   1 
ATOM   111  C CA  . GLY A 1 17  ? -12.791 4.288   -0.086  1.00 16.12 ? 17  GLY A CA  1 
ATOM   112  C C   . GLY A 1 17  ? -14.144 4.908   -0.120  1.00 16.14 ? 17  GLY A C   1 
ATOM   113  O O   . GLY A 1 17  ? -14.721 5.002   -1.213  1.00 16.10 ? 17  GLY A O   1 
ATOM   114  N N   . LYS A 1 18  ? -14.722 5.214   1.020   1.00 16.84 ? 18  LYS A N   1 
ATOM   115  C CA  . LYS A 1 18  ? -16.051 5.851   0.994   1.00 17.96 ? 18  LYS A CA  1 
ATOM   116  C C   . LYS A 1 18  ? -16.061 6.802   2.202   1.00 18.20 ? 18  LYS A C   1 
ATOM   117  O O   . LYS A 1 18  ? -15.865 6.251   3.249   1.00 17.75 ? 18  LYS A O   1 
ATOM   118  C CB  . LYS A 1 18  ? -17.340 5.084   1.019   1.00 18.35 ? 18  LYS A CB  1 
ATOM   119  C CG  . LYS A 1 18  ? -18.425 5.804   0.208   1.00 18.46 ? 18  LYS A CG  1 
ATOM   120  C CD  . LYS A 1 18  ? -19.761 5.655   0.939   1.00 19.74 ? 18  LYS A CD  1 
ATOM   121  C CE  . LYS A 1 18  ? -19.614 4.518   1.945   1.00 20.18 ? 18  LYS A CE  1 
ATOM   122  N NZ  . LYS A 1 18  ? -20.851 3.698   1.992   1.00 20.24 ? 18  LYS A NZ  1 
ATOM   123  N N   . ASN A 1 19  ? -16.156 8.105   1.978   1.00 19.18 ? 19  ASN A N   1 
ATOM   124  C CA  . ASN A 1 19  ? -16.159 9.034   3.115   1.00 19.08 ? 19  ASN A CA  1 
ATOM   125  C C   . ASN A 1 19  ? -15.105 8.838   4.189   1.00 18.97 ? 19  ASN A C   1 
ATOM   126  O O   . ASN A 1 19  ? -15.418 8.816   5.403   1.00 17.93 ? 19  ASN A O   1 
ATOM   127  C CB  . ASN A 1 19  ? -17.561 8.795   3.712   1.00 20.16 ? 19  ASN A CB  1 
ATOM   128  C CG  . ASN A 1 19  ? -18.565 9.585   2.898   1.00 20.86 ? 19  ASN A CG  1 
ATOM   129  O OD1 . ASN A 1 19  ? -18.111 10.615  2.364   1.00 21.37 ? 19  ASN A OD1 1 
ATOM   130  N ND2 . ASN A 1 19  ? -19.807 9.114   2.893   1.00 20.90 ? 19  ASN A ND2 1 
ATOM   131  N N   . GLY A 1 20  ? -13.862 8.779   3.777   1.00 18.84 ? 20  GLY A N   1 
ATOM   132  C CA  . GLY A 1 20  ? -12.748 8.601   4.712   1.00 19.59 ? 20  GLY A CA  1 
ATOM   133  C C   . GLY A 1 20  ? -12.565 7.175   5.187   1.00 20.99 ? 20  GLY A C   1 
ATOM   134  O O   . GLY A 1 20  ? -11.568 7.002   5.892   1.00 21.29 ? 20  GLY A O   1 
ATOM   135  N N   . ASP A 1 21  ? -13.361 6.153   4.955   1.00 21.24 ? 21  ASP A N   1 
ATOM   136  C CA  . ASP A 1 21  ? -13.051 4.799   5.473   1.00 22.40 ? 21  ASP A CA  1 
ATOM   137  C C   . ASP A 1 21  ? -13.167 3.819   4.308   1.00 21.09 ? 21  ASP A C   1 
ATOM   138  O O   . ASP A 1 21  ? -13.354 4.341   3.225   1.00 20.32 ? 21  ASP A O   1 
ATOM   139  C CB  . ASP A 1 21  ? -14.050 4.502   6.586   1.00 24.62 ? 21  ASP A CB  1 
ATOM   140  C CG  . ASP A 1 21  ? -13.383 3.616   7.610   1.00 27.19 ? 21  ASP A CG  1 
ATOM   141  O OD1 . ASP A 1 21  ? -12.365 2.950   7.319   1.00 28.75 ? 21  ASP A OD1 1 
ATOM   142  O OD2 . ASP A 1 21  ? -13.904 3.651   8.743   1.00 28.64 ? 21  ASP A OD2 1 
ATOM   143  N N   . LEU A 1 22  ? -13.113 2.544   4.499   1.00 20.56 ? 22  LEU A N   1 
ATOM   144  C CA  . LEU A 1 22  ? -13.302 1.551   3.421   1.00 20.01 ? 22  LEU A CA  1 
ATOM   145  C C   . LEU A 1 22  ? -14.784 1.369   3.135   1.00 19.48 ? 22  LEU A C   1 
ATOM   146  O O   . LEU A 1 22  ? -15.548 1.582   4.081   1.00 19.86 ? 22  LEU A O   1 
ATOM   147  C CB  . LEU A 1 22  ? -12.595 0.239   3.891   1.00 19.70 ? 22  LEU A CB  1 
ATOM   148  C CG  . LEU A 1 22  ? -11.093 0.425   3.976   1.00 19.73 ? 22  LEU A CG  1 
ATOM   149  C CD1 . LEU A 1 22  ? -10.429 -0.499  4.969   1.00 20.71 ? 22  LEU A CD1 1 
ATOM   150  C CD2 . LEU A 1 22  ? -10.490 0.137   2.599   1.00 19.34 ? 22  LEU A CD2 1 
ATOM   151  N N   . PRO A 1 23  ? -15.154 0.933   1.948   1.00 19.27 ? 23  PRO A N   1 
ATOM   152  C CA  . PRO A 1 23  ? -16.534 0.697   1.555   1.00 19.90 ? 23  PRO A CA  1 
ATOM   153  C C   . PRO A 1 23  ? -17.195 -0.505  2.211   1.00 20.55 ? 23  PRO A C   1 
ATOM   154  O O   . PRO A 1 23  ? -18.426 -0.611  2.250   1.00 21.41 ? 23  PRO A O   1 
ATOM   155  C CB  . PRO A 1 23  ? -16.497 0.371   0.056   1.00 19.55 ? 23  PRO A CB  1 
ATOM   156  C CG  . PRO A 1 23  ? -15.190 1.024   -0.330  1.00 19.57 ? 23  PRO A CG  1 
ATOM   157  C CD  . PRO A 1 23  ? -14.233 0.718   0.823   1.00 18.78 ? 23  PRO A CD  1 
ATOM   158  N N   . TRP A 1 24  ? -16.365 -1.397  2.707   1.00 20.37 ? 24  TRP A N   1 
ATOM   159  C CA  . TRP A 1 24  ? -16.705 -2.635  3.346   1.00 19.81 ? 24  TRP A CA  1 
ATOM   160  C C   . TRP A 1 24  ? -16.420 -2.710  4.852   1.00 21.29 ? 24  TRP A C   1 
ATOM   161  O O   . TRP A 1 24  ? -15.549 -2.049  5.452   1.00 21.86 ? 24  TRP A O   1 
ATOM   162  C CB  . TRP A 1 24  ? -16.083 -3.848  2.572   1.00 17.99 ? 24  TRP A CB  1 
ATOM   163  C CG  . TRP A 1 24  ? -14.632 -3.701  2.314   1.00 16.28 ? 24  TRP A CG  1 
ATOM   164  C CD1 . TRP A 1 24  ? -13.672 -4.006  3.213   1.00 15.67 ? 24  TRP A CD1 1 
ATOM   165  C CD2 . TRP A 1 24  ? -13.966 -3.144  1.151   1.00 15.09 ? 24  TRP A CD2 1 
ATOM   166  N NE1 . TRP A 1 24  ? -12.449 -3.654  2.703   1.00 16.06 ? 24  TRP A NE1 1 
ATOM   167  C CE2 . TRP A 1 24  ? -12.592 -3.148  1.440   1.00 15.32 ? 24  TRP A CE2 1 
ATOM   168  C CE3 . TRP A 1 24  ? -14.401 -2.649  -0.064  1.00 14.00 ? 24  TRP A CE3 1 
ATOM   169  C CZ2 . TRP A 1 24  ? -11.592 -2.666  0.583   1.00 14.85 ? 24  TRP A CZ2 1 
ATOM   170  C CZ3 . TRP A 1 24  ? -13.441 -2.137  -0.921  1.00 14.06 ? 24  TRP A CZ3 1 
ATOM   171  C CH2 . TRP A 1 24  ? -12.077 -2.180  -0.639  1.00 14.14 ? 24  TRP A CH2 1 
ATOM   172  N N   . PRO A 1 25  ? -17.183 -3.638  5.414   1.00 22.53 ? 25  PRO A N   1 
ATOM   173  C CA  . PRO A 1 25  ? -17.124 -3.991  6.838   1.00 24.34 ? 25  PRO A CA  1 
ATOM   174  C C   . PRO A 1 25  ? -15.675 -4.356  7.070   1.00 26.11 ? 25  PRO A C   1 
ATOM   175  O O   . PRO A 1 25  ? -15.026 -4.759  6.073   1.00 27.17 ? 25  PRO A O   1 
ATOM   176  C CB  . PRO A 1 25  ? -18.118 -5.157  6.926   1.00 24.17 ? 25  PRO A CB  1 
ATOM   177  C CG  . PRO A 1 25  ? -18.996 -5.082  5.707   1.00 23.24 ? 25  PRO A CG  1 
ATOM   178  C CD  . PRO A 1 25  ? -18.167 -4.447  4.647   1.00 22.54 ? 25  PRO A CD  1 
ATOM   179  N N   . PRO A 1 26  ? -15.128 -4.274  8.252   1.00 27.64 ? 26  PRO A N   1 
ATOM   180  C CA  . PRO A 1 26  ? -13.665 -4.557  8.419   1.00 28.47 ? 26  PRO A CA  1 
ATOM   181  C C   . PRO A 1 26  ? -13.413 -6.022  8.283   1.00 29.37 ? 26  PRO A C   1 
ATOM   182  O O   . PRO A 1 26  ? -14.167 -6.762  8.963   1.00 30.14 ? 26  PRO A O   1 
ATOM   183  C CB  . PRO A 1 26  ? -13.302 -3.823  9.712   1.00 28.69 ? 26  PRO A CB  1 
ATOM   184  C CG  . PRO A 1 26  ? -14.547 -3.206  10.290  1.00 27.98 ? 26  PRO A CG  1 
ATOM   185  C CD  . PRO A 1 26  ? -15.734 -3.797  9.499   1.00 27.94 ? 26  PRO A CD  1 
ATOM   186  N N   . LEU A 1 27  ? -12.478 -6.426  7.442   1.00 29.71 ? 27  LEU A N   1 
ATOM   187  C CA  . LEU A 1 27  ? -12.173 -7.877  7.264   1.00 29.76 ? 27  LEU A CA  1 
ATOM   188  C C   . LEU A 1 27  ? -10.878 -7.953  8.045   1.00 30.41 ? 27  LEU A C   1 
ATOM   189  O O   . LEU A 1 27  ? -9.911  -7.354  7.599   1.00 30.68 ? 27  LEU A O   1 
ATOM   190  C CB  . LEU A 1 27  ? -12.171 -8.328  5.807   1.00 29.14 ? 27  LEU A CB  1 
ATOM   191  C CG  . LEU A 1 27  ? -13.158 -7.681  4.852   1.00 28.69 ? 27  LEU A CG  1 
ATOM   192  C CD1 . LEU A 1 27  ? -12.826 -7.868  3.382   1.00 28.43 ? 27  LEU A CD1 1 
ATOM   193  C CD2 . LEU A 1 27  ? -14.595 -8.155  5.067   1.00 28.53 ? 27  LEU A CD2 1 
ATOM   194  N N   . ARG A 1 28  ? -10.868 -8.584  9.198   1.00 31.78 ? 28  ARG A N   1 
ATOM   195  C CA  . ARG A 1 28  ? -9.654  -8.670  10.028  1.00 32.25 ? 28  ARG A CA  1 
ATOM   196  C C   . ARG A 1 28  ? -8.552  -9.545  9.479   1.00 31.81 ? 28  ARG A C   1 
ATOM   197  O O   . ARG A 1 28  ? -7.412  -9.438  9.997   1.00 32.02 ? 28  ARG A O   1 
ATOM   198  C CB  . ARG A 1 28  ? -10.056 -9.217  11.423  1.00 33.99 ? 28  ARG A CB  1 
ATOM   199  C CG  . ARG A 1 28  ? -10.662 -8.040  12.212  1.00 36.41 ? 28  ARG A CG  1 
ATOM   200  C CD  . ARG A 1 28  ? -11.924 -8.443  12.885  1.00 38.47 ? 28  ARG A CD  1 
ATOM   201  N NE  . ARG A 1 28  ? -12.873 -7.340  13.086  1.00 40.06 ? 28  ARG A NE  1 
ATOM   202  C CZ  . ARG A 1 28  ? -13.693 -7.372  14.151  1.00 41.01 ? 28  ARG A CZ  1 
ATOM   203  N NH1 . ARG A 1 28  ? -14.573 -6.397  14.409  1.00 41.43 ? 28  ARG A NH1 1 
ATOM   204  N NH2 . ARG A 1 28  ? -13.615 -8.413  15.000  1.00 41.81 ? 28  ARG A NH2 1 
ATOM   205  N N   . ASN A 1 29  ? -8.830  -10.422 8.527   1.00 30.01 ? 29  ASN A N   1 
ATOM   206  C CA  . ASN A 1 29  ? -7.746  -11.276 8.001   1.00 28.48 ? 29  ASN A CA  1 
ATOM   207  C C   . ASN A 1 29  ? -7.045  -10.552 6.847   1.00 27.14 ? 29  ASN A C   1 
ATOM   208  O O   . ASN A 1 29  ? -5.884  -10.778 6.463   1.00 26.70 ? 29  ASN A O   1 
ATOM   209  C CB  . ASN A 1 29  ? -8.381  -12.600 7.615   1.00 29.13 ? 29  ASN A CB  1 
ATOM   210  C CG  . ASN A 1 29  ? -8.298  -13.395 8.913   1.00 29.52 ? 29  ASN A CG  1 
ATOM   211  O OD1 . ASN A 1 29  ? -7.239  -13.258 9.541   1.00 30.60 ? 29  ASN A OD1 1 
ATOM   212  N ND2 . ASN A 1 29  ? -9.324  -14.114 9.235   1.00 29.40 ? 29  ASN A ND2 1 
ATOM   213  N N   . GLU A 1 30  ? -7.917  -9.710  6.322   1.00 25.32 ? 30  GLU A N   1 
ATOM   214  C CA  . GLU A 1 30  ? -7.547  -8.818  5.189   1.00 24.05 ? 30  GLU A CA  1 
ATOM   215  C C   . GLU A 1 30  ? -6.532  -7.832  5.747   1.00 23.39 ? 30  GLU A C   1 
ATOM   216  O O   . GLU A 1 30  ? -5.466  -7.661  5.137   1.00 23.98 ? 30  GLU A O   1 
ATOM   217  C CB  . GLU A 1 30  ? -8.750  -8.150  4.540   1.00 22.23 ? 30  GLU A CB  1 
ATOM   218  C CG  . GLU A 1 30  ? -8.564  -7.601  3.157   1.00 21.36 ? 30  GLU A CG  1 
ATOM   219  C CD  . GLU A 1 30  ? -7.345  -6.815  2.863   1.00 20.75 ? 30  GLU A CD  1 
ATOM   220  O OE1 . GLU A 1 30  ? -6.365  -7.238  2.289   1.00 21.64 ? 30  GLU A OE1 1 
ATOM   221  O OE2 . GLU A 1 30  ? -7.320  -5.654  3.274   1.00 20.36 ? 30  GLU A OE2 1 
ATOM   222  N N   . PHE A 1 31  ? -6.874  -7.247  6.896   1.00 23.06 ? 31  PHE A N   1 
ATOM   223  C CA  . PHE A 1 31  ? -5.998  -6.320  7.625   1.00 22.32 ? 31  PHE A CA  1 
ATOM   224  C C   . PHE A 1 31  ? -4.762  -7.099  8.091   1.00 21.72 ? 31  PHE A C   1 
ATOM   225  O O   . PHE A 1 31  ? -3.658  -6.526  8.079   1.00 21.24 ? 31  PHE A O   1 
ATOM   226  C CB  . PHE A 1 31  ? -6.621  -5.648  8.866   1.00 22.16 ? 31  PHE A CB  1 
ATOM   227  C CG  . PHE A 1 31  ? -7.423  -4.424  8.580   1.00 22.31 ? 31  PHE A CG  1 
ATOM   228  C CD1 . PHE A 1 31  ? -6.869  -3.346  7.923   1.00 22.18 ? 31  PHE A CD1 1 
ATOM   229  C CD2 . PHE A 1 31  ? -8.774  -4.346  8.967   1.00 23.01 ? 31  PHE A CD2 1 
ATOM   230  C CE1 . PHE A 1 31  ? -7.584  -2.186  7.676   1.00 22.00 ? 31  PHE A CE1 1 
ATOM   231  C CE2 . PHE A 1 31  ? -9.527  -3.197  8.712   1.00 22.49 ? 31  PHE A CE2 1 
ATOM   232  C CZ  . PHE A 1 31  ? -8.913  -2.123  8.053   1.00 22.07 ? 31  PHE A CZ  1 
ATOM   233  N N   . ARG A 1 32  ? -4.965  -8.337  8.510   1.00 21.61 ? 32  ARG A N   1 
ATOM   234  C CA  . ARG A 1 32  ? -3.864  -9.204  8.977   1.00 21.29 ? 32  ARG A CA  1 
ATOM   235  C C   . ARG A 1 32  ? -2.685  -9.332  8.001   1.00 20.02 ? 32  ARG A C   1 
ATOM   236  O O   . ARG A 1 32  ? -1.480  -9.150  8.301   1.00 19.71 ? 32  ARG A O   1 
ATOM   237  C CB  . ARG A 1 32  ? -4.334  -10.589 9.368   1.00 23.07 ? 32  ARG A CB  1 
ATOM   238  C CG  . ARG A 1 32  ? -4.958  -10.796 10.716  1.00 25.30 ? 32  ARG A CG  1 
ATOM   239  C CD  . ARG A 1 32  ? -4.535  -12.070 11.396  1.00 27.53 ? 32  ARG A CD  1 
ATOM   240  N NE  . ARG A 1 32  ? -5.422  -12.381 12.516  1.00 29.17 ? 32  ARG A NE  1 
ATOM   241  C CZ  . ARG A 1 32  ? -5.753  -13.549 13.091  1.00 30.18 ? 32  ARG A CZ  1 
ATOM   242  N NH1 . ARG A 1 32  ? -6.514  -13.739 14.176  1.00 29.71 ? 32  ARG A NH1 1 
ATOM   243  N NH2 . ARG A 1 32  ? -5.259  -14.693 12.516  1.00 30.46 ? 32  ARG A NH2 1 
ATOM   244  N N   . TYR A 1 33  ? -2.979  -9.675  6.791   1.00 18.99 ? 33  TYR A N   1 
ATOM   245  C CA  . TYR A 1 33  ? -2.179  -9.859  5.597   1.00 18.45 ? 33  TYR A CA  1 
ATOM   246  C C   . TYR A 1 33  ? -1.506  -8.539  5.217   1.00 18.60 ? 33  TYR A C   1 
ATOM   247  O O   . TYR A 1 33  ? -0.302  -8.530  4.986   1.00 18.11 ? 33  TYR A O   1 
ATOM   248  C CB  . TYR A 1 33  ? -3.194  -10.343 4.527   1.00 18.29 ? 33  TYR A CB  1 
ATOM   249  C CG  . TYR A 1 33  ? -2.625  -10.353 3.135   1.00 17.60 ? 33  TYR A CG  1 
ATOM   250  C CD1 . TYR A 1 33  ? -2.930  -9.385  2.163   1.00 18.22 ? 33  TYR A CD1 1 
ATOM   251  C CD2 . TYR A 1 33  ? -1.721  -11.365 2.839   1.00 17.09 ? 33  TYR A CD2 1 
ATOM   252  C CE1 . TYR A 1 33  ? -2.346  -9.471  0.866   1.00 17.73 ? 33  TYR A CE1 1 
ATOM   253  C CE2 . TYR A 1 33  ? -1.171  -11.444 1.582   1.00 17.25 ? 33  TYR A CE2 1 
ATOM   254  C CZ  . TYR A 1 33  ? -1.441  -10.489 0.595   1.00 17.54 ? 33  TYR A CZ  1 
ATOM   255  O OH  . TYR A 1 33  ? -0.825  -10.755 -0.604  1.00 16.89 ? 33  TYR A OH  1 
ATOM   256  N N   . PHE A 1 34  ? -2.314  -7.454  5.208   1.00 19.46 ? 34  PHE A N   1 
ATOM   257  C CA  . PHE A 1 34  ? -1.836  -6.074  4.937   1.00 19.81 ? 34  PHE A CA  1 
ATOM   258  C C   . PHE A 1 34  ? -0.655  -5.797  5.860   1.00 20.05 ? 34  PHE A C   1 
ATOM   259  O O   . PHE A 1 34  ? 0.455   -5.409  5.460   1.00 19.49 ? 34  PHE A O   1 
ATOM   260  C CB  . PHE A 1 34  ? -2.875  -4.925  5.088   1.00 19.94 ? 34  PHE A CB  1 
ATOM   261  C CG  . PHE A 1 34  ? -2.306  -3.533  5.198   1.00 20.04 ? 34  PHE A CG  1 
ATOM   262  C CD1 . PHE A 1 34  ? -2.021  -2.773  4.058   1.00 20.35 ? 34  PHE A CD1 1 
ATOM   263  C CD2 . PHE A 1 34  ? -2.026  -2.994  6.445   1.00 20.24 ? 34  PHE A CD2 1 
ATOM   264  C CE1 . PHE A 1 34  ? -1.456  -1.497  4.124   1.00 20.31 ? 34  PHE A CE1 1 
ATOM   265  C CE2 . PHE A 1 34  ? -1.456  -1.715  6.565   1.00 20.38 ? 34  PHE A CE2 1 
ATOM   266  C CZ  . PHE A 1 34  ? -1.204  -0.968  5.398   1.00 20.29 ? 34  PHE A CZ  1 
ATOM   267  N N   . GLN A 1 35  ? -0.882  -6.047  7.143   1.00 21.28 ? 35  GLN A N   1 
ATOM   268  C CA  . GLN A 1 35  ? 0.133   -5.829  8.160   1.00 22.21 ? 35  GLN A CA  1 
ATOM   269  C C   . GLN A 1 35  ? 1.351   -6.730  8.095   1.00 23.33 ? 35  GLN A C   1 
ATOM   270  O O   . GLN A 1 35  ? 2.514   -6.393  8.440   1.00 23.87 ? 35  GLN A O   1 
ATOM   271  C CB  . GLN A 1 35  ? -0.472  -5.948  9.548   1.00 22.60 ? 35  GLN A CB  1 
ATOM   272  C CG  . GLN A 1 35  ? 0.690   -6.096  10.564  1.00 23.57 ? 35  GLN A CG  1 
ATOM   273  C CD  . GLN A 1 35  ? -0.080  -6.522  11.805  1.00 24.72 ? 35  GLN A CD  1 
ATOM   274  O OE1 . GLN A 1 35  ? -0.135  -5.879  12.839  1.00 25.43 ? 35  GLN A OE1 1 
ATOM   275  N NE2 . GLN A 1 35  ? -0.768  -7.642  11.626  1.00 25.06 ? 35  GLN A NE2 1 
ATOM   276  N N   . ARG A 1 36  ? 1.101   -7.949  7.726   1.00 24.40 ? 36  ARG A N   1 
ATOM   277  C CA  . ARG A 1 36  ? 2.103   -9.015  7.599   1.00 25.79 ? 36  ARG A CA  1 
ATOM   278  C C   . ARG A 1 36  ? 3.027   -8.698  6.424   1.00 25.84 ? 36  ARG A C   1 
ATOM   279  O O   . ARG A 1 36  ? 4.257   -8.783  6.552   1.00 26.64 ? 36  ARG A O   1 
ATOM   280  C CB  . ARG A 1 36  ? 1.262   -10.275 7.394   1.00 26.59 ? 36  ARG A CB  1 
ATOM   281  C CG  . ARG A 1 36  ? 1.894   -11.597 7.102   1.00 27.62 ? 36  ARG A CG  1 
ATOM   282  C CD  . ARG A 1 36  ? 0.971   -12.712 7.550   1.00 28.57 ? 36  ARG A CD  1 
ATOM   283  N NE  . ARG A 1 36  ? 0.111   -13.168 6.445   1.00 29.51 ? 36  ARG A NE  1 
ATOM   284  C CZ  . ARG A 1 36  ? 0.737   -13.551 5.284   1.00 29.94 ? 36  ARG A CZ  1 
ATOM   285  N NH1 . ARG A 1 36  ? 2.066   -13.459 5.135   1.00 29.71 ? 36  ARG A NH1 1 
ATOM   286  N NH2 . ARG A 1 36  ? 0.110   -14.066 4.221   1.00 30.07 ? 36  ARG A NH2 1 
ATOM   287  N N   . MET A 1 37  ? 2.456   -8.336  5.292   1.00 25.07 ? 37  MET A N   1 
ATOM   288  C CA  . MET A 1 37  ? 3.144   -8.012  4.063   1.00 24.77 ? 37  MET A CA  1 
ATOM   289  C C   . MET A 1 37  ? 4.055   -6.793  4.094   1.00 24.25 ? 37  MET A C   1 
ATOM   290  O O   . MET A 1 37  ? 5.178   -6.805  3.593   1.00 24.01 ? 37  MET A O   1 
ATOM   291  C CB  . MET A 1 37  ? 2.141   -7.875  2.911   1.00 25.08 ? 37  MET A CB  1 
ATOM   292  C CG  . MET A 1 37  ? 1.498   -9.170  2.554   1.00 25.86 ? 37  MET A CG  1 
ATOM   293  S SD  . MET A 1 37  ? 2.701   -10.490 2.029   1.00 28.00 ? 37  MET A SD  1 
ATOM   294  C CE  . MET A 1 37  ? 3.155   -9.903  0.416   1.00 26.00 ? 37  MET A CE  1 
ATOM   295  N N   . THR A 1 38  ? 3.575   -5.734  4.656   1.00 24.40 ? 38  THR A N   1 
ATOM   296  C CA  . THR A 1 38  ? 4.204   -4.406  4.794   1.00 24.34 ? 38  THR A CA  1 
ATOM   297  C C   . THR A 1 38  ? 5.200   -4.385  5.931   1.00 24.42 ? 38  THR A C   1 
ATOM   298  O O   . THR A 1 38  ? 6.229   -3.714  5.872   1.00 23.80 ? 38  THR A O   1 
ATOM   299  C CB  . THR A 1 38  ? 3.063   -3.293  4.740   1.00 23.73 ? 38  THR A CB  1 
ATOM   300  O OG1 . THR A 1 38  ? 2.208   -3.364  5.939   1.00 23.29 ? 38  THR A OG1 1 
ATOM   301  C CG2 . THR A 1 38  ? 2.173   -3.465  3.498   1.00 22.68 ? 38  THR A CG2 1 
ATOM   302  N N   . THR A 1 39  ? 4.942   -5.150  6.974   1.00 25.64 ? 39  THR A N   1 
ATOM   303  C CA  . THR A 1 39  ? 5.841   -5.206  8.116   1.00 26.99 ? 39  THR A CA  1 
ATOM   304  C C   . THR A 1 39  ? 7.014   -6.177  7.992   1.00 27.71 ? 39  THR A C   1 
ATOM   305  O O   . THR A 1 39  ? 8.029   -5.798  8.598   1.00 27.53 ? 39  THR A O   1 
ATOM   306  C CB  . THR A 1 39  ? 5.198   -5.598  9.494   1.00 27.32 ? 39  THR A CB  1 
ATOM   307  O OG1 . THR A 1 39  ? 4.279   -4.538  9.814   1.00 28.03 ? 39  THR A OG1 1 
ATOM   308  C CG2 . THR A 1 39  ? 6.262   -5.533  10.590  1.00 28.40 ? 39  THR A CG2 1 
ATOM   309  N N   . THR A 1 40  ? 6.840   -7.292  7.305   1.00 28.52 ? 40  THR A N   1 
ATOM   310  C CA  . THR A 1 40  ? 7.942   -8.265  7.246   1.00 29.22 ? 40  THR A CA  1 
ATOM   311  C C   . THR A 1 40  ? 9.126   -7.865  6.419   1.00 30.35 ? 40  THR A C   1 
ATOM   312  O O   . THR A 1 40  ? 9.019   -7.516  5.246   1.00 30.27 ? 40  THR A O   1 
ATOM   313  C CB  . THR A 1 40  ? 7.403   -9.719  6.916   1.00 28.70 ? 40  THR A CB  1 
ATOM   314  O OG1 . THR A 1 40  ? 6.463   -9.957  8.001   1.00 28.96 ? 40  THR A OG1 1 
ATOM   315  C CG2 . THR A 1 40  ? 8.536   -10.722 6.796   1.00 28.34 ? 40  THR A CG2 1 
ATOM   316  N N   . SER A 1 41  ? 10.260  -7.953  7.118   1.00 31.95 ? 41  SER A N   1 
ATOM   317  C CA  . SER A 1 41  ? 11.523  -7.589  6.445   1.00 33.54 ? 41  SER A CA  1 
ATOM   318  C C   . SER A 1 41  ? 12.407  -8.818  6.253   1.00 35.09 ? 41  SER A C   1 
ATOM   319  O O   . SER A 1 41  ? 12.722  -9.488  7.239   1.00 35.89 ? 41  SER A O   1 
ATOM   320  C CB  . SER A 1 41  ? 12.212  -6.491  7.227   1.00 32.94 ? 41  SER A CB  1 
ATOM   321  O OG  . SER A 1 41  ? 13.322  -5.941  6.571   1.00 32.29 ? 41  SER A OG  1 
ATOM   322  N N   . SER A 1 42  ? 12.837  -9.070  5.038   1.00 36.67 ? 42  SER A N   1 
ATOM   323  C CA  . SER A 1 42  ? 13.718  -10.142 4.607   1.00 38.41 ? 42  SER A CA  1 
ATOM   324  C C   . SER A 1 42  ? 15.189  -9.906  4.989   1.00 39.36 ? 42  SER A C   1 
ATOM   325  O O   . SER A 1 42  ? 16.062  -10.736 4.639   1.00 40.09 ? 42  SER A O   1 
ATOM   326  C CB  . SER A 1 42  ? 13.829  -10.139 3.059   1.00 38.80 ? 42  SER A CB  1 
ATOM   327  O OG  . SER A 1 42  ? 14.493  -8.891  2.817   1.00 38.97 ? 42  SER A OG  1 
ATOM   328  N N   . VAL A 1 43  ? 15.471  -8.799  5.639   1.00 39.96 ? 43  VAL A N   1 
ATOM   329  C CA  . VAL A 1 43  ? 16.807  -8.384  6.052   1.00 40.03 ? 43  VAL A CA  1 
ATOM   330  C C   . VAL A 1 43  ? 16.828  -7.877  7.489   1.00 40.32 ? 43  VAL A C   1 
ATOM   331  O O   . VAL A 1 43  ? 16.166  -6.864  7.770   1.00 40.83 ? 43  VAL A O   1 
ATOM   332  C CB  . VAL A 1 43  ? 17.300  -7.230  5.144   1.00 39.75 ? 43  VAL A CB  1 
ATOM   333  C CG1 . VAL A 1 43  ? 18.563  -6.596  5.717   1.00 39.72 ? 43  VAL A CG1 1 
ATOM   334  C CG2 . VAL A 1 43  ? 17.505  -7.568  3.686   1.00 39.75 ? 43  VAL A CG2 1 
ATOM   335  N N   . GLU A 1 44  ? 17.608  -8.500  8.322   1.00 40.58 ? 44  GLU A N   1 
ATOM   336  C CA  . GLU A 1 44  ? 17.813  -8.202  9.730   1.00 40.72 ? 44  GLU A CA  1 
ATOM   337  C C   . GLU A 1 44  ? 18.320  -6.795  9.982   1.00 39.63 ? 44  GLU A C   1 
ATOM   338  O O   . GLU A 1 44  ? 19.290  -6.349  9.342   1.00 40.09 ? 44  GLU A O   1 
ATOM   339  C CB  . GLU A 1 44  ? 18.876  -9.105  10.386  1.00 42.23 ? 44  GLU A CB  1 
ATOM   340  C CG  . GLU A 1 44  ? 19.878  -8.505  11.387  1.00 43.72 ? 44  GLU A CG  1 
ATOM   341  C CD  . GLU A 1 44  ? 19.521  -8.508  12.848  1.00 44.63 ? 44  GLU A CD  1 
ATOM   342  O OE1 . GLU A 1 44  ? 18.838  -9.385  13.380  1.00 45.03 ? 44  GLU A OE1 1 
ATOM   343  O OE2 . GLU A 1 44  ? 19.987  -7.516  13.472  1.00 45.10 ? 44  GLU A OE2 1 
ATOM   344  N N   . GLY A 1 45  ? 17.687  -6.177  10.961  1.00 38.39 ? 45  GLY A N   1 
ATOM   345  C CA  . GLY A 1 45  ? 18.066  -4.806  11.342  1.00 36.68 ? 45  GLY A CA  1 
ATOM   346  C C   . GLY A 1 45  ? 17.529  -3.777  10.354  1.00 35.54 ? 45  GLY A C   1 
ATOM   347  O O   . GLY A 1 45  ? 17.717  -2.555  10.583  1.00 35.26 ? 45  GLY A O   1 
ATOM   348  N N   . LYS A 1 46  ? 16.902  -4.207  9.270   1.00 34.20 ? 46  LYS A N   1 
ATOM   349  C CA  . LYS A 1 46  ? 16.343  -3.280  8.287   1.00 33.44 ? 46  LYS A CA  1 
ATOM   350  C C   . LYS A 1 46  ? 14.821  -3.336  8.436   1.00 32.94 ? 46  LYS A C   1 
ATOM   351  O O   . LYS A 1 46  ? 14.331  -4.398  8.858   1.00 32.88 ? 46  LYS A O   1 
ATOM   352  C CB  . LYS A 1 46  ? 16.588  -3.613  6.823   1.00 33.73 ? 46  LYS A CB  1 
ATOM   353  C CG  . LYS A 1 46  ? 17.821  -2.984  6.195   1.00 34.00 ? 46  LYS A CG  1 
ATOM   354  C CD  . LYS A 1 46  ? 18.357  -3.869  5.080   1.00 34.46 ? 46  LYS A CD  1 
ATOM   355  C CE  . LYS A 1 46  ? 19.513  -3.117  4.422   1.00 34.97 ? 46  LYS A CE  1 
ATOM   356  N NZ  . LYS A 1 46  ? 19.492  -3.284  2.936   1.00 35.16 ? 46  LYS A NZ  1 
ATOM   357  N N   . GLN A 1 47  ? 14.218  -2.229  8.034   1.00 32.05 ? 47  GLN A N   1 
ATOM   358  C CA  . GLN A 1 47  ? 12.767  -2.039  8.059   1.00 31.12 ? 47  GLN A CA  1 
ATOM   359  C C   . GLN A 1 47  ? 12.058  -1.652  6.756   1.00 29.79 ? 47  GLN A C   1 
ATOM   360  O O   . GLN A 1 47  ? 12.682  -1.156  5.786   1.00 29.88 ? 47  GLN A O   1 
ATOM   361  C CB  . GLN A 1 47  ? 12.364  -0.904  9.026   1.00 31.24 ? 47  GLN A CB  1 
ATOM   362  C CG  . GLN A 1 47  ? 12.182  -1.474  10.430  1.00 31.44 ? 47  GLN A CG  1 
ATOM   363  C CD  . GLN A 1 47  ? 11.392  -0.400  11.180  1.00 31.80 ? 47  GLN A CD  1 
ATOM   364  O OE1 . GLN A 1 47  ? 11.189  0.650   10.573  1.00 32.36 ? 47  GLN A OE1 1 
ATOM   365  N NE2 . GLN A 1 47  ? 11.019  -0.708  12.393  1.00 31.36 ? 47  GLN A NE2 1 
ATOM   366  N N   . ASN A 1 48  ? 10.730  -1.889  6.837   1.00 27.69 ? 48  ASN A N   1 
ATOM   367  C CA  . ASN A 1 48  ? 9.977   -1.488  5.618   1.00 26.13 ? 48  ASN A CA  1 
ATOM   368  C C   . ASN A 1 48  ? 9.455   -0.065  5.853   1.00 25.44 ? 48  ASN A C   1 
ATOM   369  O O   . ASN A 1 48  ? 9.135   0.289   6.987   1.00 25.34 ? 48  ASN A O   1 
ATOM   370  C CB  . ASN A 1 48  ? 8.884   -2.466  5.245   1.00 25.46 ? 48  ASN A CB  1 
ATOM   371  C CG  . ASN A 1 48  ? 9.516   -3.771  4.758   1.00 25.21 ? 48  ASN A CG  1 
ATOM   372  O OD1 . ASN A 1 48  ? 10.647  -3.565  4.336   1.00 25.16 ? 48  ASN A OD1 1 
ATOM   373  N ND2 . ASN A 1 48  ? 8.914   -4.946  4.796   1.00 23.95 ? 48  ASN A ND2 1 
ATOM   374  N N   . LEU A 1 49  ? 9.369   0.636   4.752   1.00 24.84 ? 49  LEU A N   1 
ATOM   375  C CA  . LEU A 1 49  ? 8.863   2.008   4.663   1.00 23.92 ? 49  LEU A CA  1 
ATOM   376  C C   . LEU A 1 49  ? 7.473   2.015   4.003   1.00 22.47 ? 49  LEU A C   1 
ATOM   377  O O   . LEU A 1 49  ? 7.357   1.398   2.958   1.00 21.57 ? 49  LEU A O   1 
ATOM   378  C CB  . LEU A 1 49  ? 9.838   2.857   3.837   1.00 24.49 ? 49  LEU A CB  1 
ATOM   379  C CG  . LEU A 1 49  ? 9.400   4.269   3.450   1.00 24.29 ? 49  LEU A CG  1 
ATOM   380  C CD1 . LEU A 1 49  ? 9.498   5.194   4.654   1.00 23.75 ? 49  LEU A CD1 1 
ATOM   381  C CD2 . LEU A 1 49  ? 10.310  4.657   2.274   1.00 24.14 ? 49  LEU A CD2 1 
ATOM   382  N N   . VAL A 1 50  ? 6.555   2.735   4.588   1.00 21.01 ? 50  VAL A N   1 
ATOM   383  C CA  . VAL A 1 50  ? 5.170   2.841   4.059   1.00 20.17 ? 50  VAL A CA  1 
ATOM   384  C C   . VAL A 1 50  ? 4.968   4.295   3.651   1.00 18.84 ? 50  VAL A C   1 
ATOM   385  O O   . VAL A 1 50  ? 5.281   5.186   4.424   1.00 18.27 ? 50  VAL A O   1 
ATOM   386  C CB  . VAL A 1 50  ? 4.202   2.130   5.023   1.00 19.93 ? 50  VAL A CB  1 
ATOM   387  C CG1 . VAL A 1 50  ? 4.995   1.187   5.939   1.00 20.38 ? 50  VAL A CG1 1 
ATOM   388  C CG2 . VAL A 1 50  ? 3.299   2.972   5.887   1.00 19.71 ? 50  VAL A CG2 1 
ATOM   389  N N   . ILE A 1 51  ? 4.505   4.524   2.443   1.00 18.01 ? 51  ILE A N   1 
ATOM   390  C CA  . ILE A 1 51  ? 4.235   5.826   1.830   1.00 16.56 ? 51  ILE A CA  1 
ATOM   391  C C   . ILE A 1 51  ? 2.720   5.891   1.616   1.00 17.27 ? 51  ILE A C   1 
ATOM   392  O O   . ILE A 1 51  ? 2.206   4.986   0.924   1.00 16.93 ? 51  ILE A O   1 
ATOM   393  C CB  . ILE A 1 51  ? 5.105   5.978   0.531   1.00 15.49 ? 51  ILE A CB  1 
ATOM   394  C CG1 . ILE A 1 51  ? 6.596   6.027   0.848   1.00 14.30 ? 51  ILE A CG1 1 
ATOM   395  C CG2 . ILE A 1 51  ? 4.690   7.199   -0.329  1.00 14.58 ? 51  ILE A CG2 1 
ATOM   396  C CD1 . ILE A 1 51  ? 7.626   6.261   -0.258  1.00 14.58 ? 51  ILE A CD1 1 
ATOM   397  N N   . MET A 1 52  ? 2.041   6.888   2.159   1.00 17.40 ? 52  MET A N   1 
ATOM   398  C CA  . MET A 1 52  ? 0.627   7.183   2.141   1.00 17.51 ? 52  MET A CA  1 
ATOM   399  C C   . MET A 1 52  ? 0.254   8.640   2.011   1.00 17.44 ? 52  MET A C   1 
ATOM   400  O O   . MET A 1 52  ? 0.934   9.450   2.631   1.00 18.16 ? 52  MET A O   1 
ATOM   401  C CB  . MET A 1 52  ? -0.026  6.652   3.403   1.00 18.22 ? 52  MET A CB  1 
ATOM   402  C CG  . MET A 1 52  ? 0.000   7.552   4.600   1.00 18.43 ? 52  MET A CG  1 
ATOM   403  S SD  . MET A 1 52  ? 0.009   6.326   5.974   1.00 19.19 ? 52  MET A SD  1 
ATOM   404  C CE  . MET A 1 52  ? 1.603   5.576   5.734   1.00 18.64 ? 52  MET A CE  1 
ATOM   405  N N   . GLY A 1 53  ? -0.771  9.017   1.327   1.00 17.53 ? 53  GLY A N   1 
ATOM   406  C CA  . GLY A 1 53  ? -1.171  10.457  1.175   1.00 17.58 ? 53  GLY A CA  1 
ATOM   407  C C   . GLY A 1 53  ? -1.729  10.875  2.509   1.00 18.17 ? 53  GLY A C   1 
ATOM   408  O O   . GLY A 1 53  ? -1.789  9.960   3.359   1.00 19.05 ? 53  GLY A O   1 
ATOM   409  N N   . LYS A 1 54  ? -2.050  12.131  2.696   1.00 18.15 ? 54  LYS A N   1 
ATOM   410  C CA  . LYS A 1 54  ? -2.621  12.618  3.972   1.00 18.27 ? 54  LYS A CA  1 
ATOM   411  C C   . LYS A 1 54  ? -4.020  12.082  4.196   1.00 17.66 ? 54  LYS A C   1 
ATOM   412  O O   . LYS A 1 54  ? -4.410  11.853  5.365   1.00 17.26 ? 54  LYS A O   1 
ATOM   413  C CB  . LYS A 1 54  ? -2.521  14.140  3.974   1.00 18.21 ? 54  LYS A CB  1 
ATOM   414  C CG  . LYS A 1 54  ? -3.613  14.851  4.719   1.00 18.82 ? 54  LYS A CG  1 
ATOM   415  C CD  . LYS A 1 54  ? -3.355  16.344  4.501   1.00 18.95 ? 54  LYS A CD  1 
ATOM   416  C CE  . LYS A 1 54  ? -4.418  17.069  3.708   1.00 18.69 ? 54  LYS A CE  1 
ATOM   417  N NZ  . LYS A 1 54  ? -3.738  18.313  3.209   1.00 18.69 ? 54  LYS A NZ  1 
ATOM   418  N N   . LYS A 1 55  ? -4.828  11.815  3.182   1.00 17.28 ? 55  LYS A N   1 
ATOM   419  C CA  . LYS A 1 55  ? -6.166  11.293  3.592   1.00 18.27 ? 55  LYS A CA  1 
ATOM   420  C C   . LYS A 1 55  ? -6.161  9.854   4.019   1.00 18.28 ? 55  LYS A C   1 
ATOM   421  O O   . LYS A 1 55  ? -7.121  9.420   4.720   1.00 19.98 ? 55  LYS A O   1 
ATOM   422  C CB  . LYS A 1 55  ? -7.224  11.656  2.558   1.00 18.73 ? 55  LYS A CB  1 
ATOM   423  C CG  . LYS A 1 55  ? -8.663  11.435  2.989   1.00 18.39 ? 55  LYS A CG  1 
ATOM   424  C CD  . LYS A 1 55  ? -9.603  11.110  1.848   1.00 18.54 ? 55  LYS A CD  1 
ATOM   425  C CE  . LYS A 1 55  ? -11.040 11.443  2.102   1.00 18.86 ? 55  LYS A CE  1 
ATOM   426  N NZ  . LYS A 1 55  ? -12.012 10.653  1.291   1.00 20.57 ? 55  LYS A NZ  1 
ATOM   427  N N   . THR A 1 56  ? -5.201  9.043   3.642   1.00 18.28 ? 56  THR A N   1 
ATOM   428  C CA  . THR A 1 56  ? -5.017  7.656   4.015   1.00 18.43 ? 56  THR A CA  1 
ATOM   429  C C   . THR A 1 56  ? -4.486  7.682   5.471   1.00 18.32 ? 56  THR A C   1 
ATOM   430  O O   . THR A 1 56  ? -4.984  6.945   6.332   1.00 19.54 ? 56  THR A O   1 
ATOM   431  C CB  . THR A 1 56  ? -4.066  6.777   3.134   1.00 18.31 ? 56  THR A CB  1 
ATOM   432  O OG1 . THR A 1 56  ? -4.589  6.694   1.801   1.00 18.78 ? 56  THR A OG1 1 
ATOM   433  C CG2 . THR A 1 56  ? -3.988  5.329   3.606   1.00 18.25 ? 56  THR A CG2 1 
ATOM   434  N N   . TRP A 1 57  ? -3.491  8.476   5.773   1.00 18.04 ? 57  TRP A N   1 
ATOM   435  C CA  . TRP A 1 57  ? -2.947  8.573   7.123   1.00 18.96 ? 57  TRP A CA  1 
ATOM   436  C C   . TRP A 1 57  ? -4.055  8.836   8.116   1.00 19.81 ? 57  TRP A C   1 
ATOM   437  O O   . TRP A 1 57  ? -4.157  8.279   9.201   1.00 20.42 ? 57  TRP A O   1 
ATOM   438  C CB  . TRP A 1 57  ? -1.752  9.551   7.206   1.00 18.42 ? 57  TRP A CB  1 
ATOM   439  C CG  . TRP A 1 57  ? -1.425  9.915   8.623   1.00 18.06 ? 57  TRP A CG  1 
ATOM   440  C CD1 . TRP A 1 57  ? -1.994  10.962  9.327   1.00 18.00 ? 57  TRP A CD1 1 
ATOM   441  C CD2 . TRP A 1 57  ? -0.547  9.252   9.553   1.00 17.61 ? 57  TRP A CD2 1 
ATOM   442  N NE1 . TRP A 1 57  ? -1.481  10.990  10.622  1.00 17.33 ? 57  TRP A NE1 1 
ATOM   443  C CE2 . TRP A 1 57  ? -0.612  9.957   10.784  1.00 17.36 ? 57  TRP A CE2 1 
ATOM   444  C CE3 . TRP A 1 57  ? 0.297   8.151   9.446   1.00 17.00 ? 57  TRP A CE3 1 
ATOM   445  C CZ2 . TRP A 1 57  ? 0.137   9.589   11.897  1.00 17.12 ? 57  TRP A CZ2 1 
ATOM   446  C CZ3 . TRP A 1 57  ? 1.036   7.764   10.525  1.00 16.47 ? 57  TRP A CZ3 1 
ATOM   447  C CH2 . TRP A 1 57  ? 0.964   8.463   11.728  1.00 16.55 ? 57  TRP A CH2 1 
ATOM   448  N N   . PHE A 1 58  ? -4.980  9.689   7.798   1.00 21.60 ? 58  PHE A N   1 
ATOM   449  C CA  . PHE A 1 58  ? -6.111  10.173  8.609   1.00 22.67 ? 58  PHE A CA  1 
ATOM   450  C C   . PHE A 1 58  ? -7.239  9.168   8.687   1.00 24.20 ? 58  PHE A C   1 
ATOM   451  O O   . PHE A 1 58  ? -8.157  9.261   9.533   1.00 24.67 ? 58  PHE A O   1 
ATOM   452  C CB  . PHE A 1 58  ? -6.562  11.630  8.254   1.00 21.22 ? 58  PHE A CB  1 
ATOM   453  C CG  . PHE A 1 58  ? -5.573  12.611  8.865   1.00 20.51 ? 58  PHE A CG  1 
ATOM   454  C CD1 . PHE A 1 58  ? -4.754  13.376  8.063   1.00 20.36 ? 58  PHE A CD1 1 
ATOM   455  C CD2 . PHE A 1 58  ? -5.437  12.662  10.231  1.00 19.49 ? 58  PHE A CD2 1 
ATOM   456  C CE1 . PHE A 1 58  ? -3.823  14.249  8.625   1.00 20.43 ? 58  PHE A CE1 1 
ATOM   457  C CE2 . PHE A 1 58  ? -4.525  13.485  10.843  1.00 19.93 ? 58  PHE A CE2 1 
ATOM   458  C CZ  . PHE A 1 58  ? -3.694  14.272  10.003  1.00 20.29 ? 58  PHE A CZ  1 
ATOM   459  N N   . SER A 1 59  ? -7.174  8.141   7.854   1.00 25.99 ? 59  SER A N   1 
ATOM   460  C CA  . SER A 1 59  ? -8.238  7.111   7.904   1.00 26.14 ? 59  SER A CA  1 
ATOM   461  C C   . SER A 1 59  ? -7.781  5.971   8.791   1.00 26.40 ? 59  SER A C   1 
ATOM   462  O O   . SER A 1 59  ? -8.649  5.099   9.055   1.00 26.86 ? 59  SER A O   1 
ATOM   463  C CB  . SER A 1 59  ? -8.668  6.662   6.538   1.00 26.51 ? 59  SER A CB  1 
ATOM   464  O OG  . SER A 1 59  ? -7.610  6.342   5.662   1.00 27.55 ? 59  SER A OG  1 
ATOM   465  N N   . ILE A 1 60  ? -6.520  5.925   9.225   1.00 25.92 ? 60  ILE A N   1 
ATOM   466  C CA  . ILE A 1 60  ? -6.090  4.806   10.088  1.00 24.81 ? 60  ILE A CA  1 
ATOM   467  C C   . ILE A 1 60  ? -6.510  5.233   11.504  1.00 25.30 ? 60  ILE A C   1 
ATOM   468  O O   . ILE A 1 60  ? -6.268  6.411   11.839  1.00 24.74 ? 60  ILE A O   1 
ATOM   469  C CB  . ILE A 1 60  ? -4.565  4.538   10.166  1.00 24.78 ? 60  ILE A CB  1 
ATOM   470  C CG1 . ILE A 1 60  ? -3.942  4.330   8.744   1.00 24.25 ? 60  ILE A CG1 1 
ATOM   471  C CG2 . ILE A 1 60  ? -4.192  3.426   11.177  1.00 23.89 ? 60  ILE A CG2 1 
ATOM   472  C CD1 . ILE A 1 60  ? -2.555  5.031   8.781   1.00 24.27 ? 60  ILE A CD1 1 
ATOM   473  N N   . PRO A 1 61  ? -7.120  4.290   12.192  1.00 25.21 ? 61  PRO A N   1 
ATOM   474  C CA  . PRO A 1 61  ? -7.568  4.580   13.544  1.00 25.59 ? 61  PRO A CA  1 
ATOM   475  C C   . PRO A 1 61  ? -6.354  5.099   14.296  1.00 26.29 ? 61  PRO A C   1 
ATOM   476  O O   . PRO A 1 61  ? -5.258  4.527   14.308  1.00 26.13 ? 61  PRO A O   1 
ATOM   477  C CB  . PRO A 1 61  ? -8.219  3.312   14.045  1.00 25.28 ? 61  PRO A CB  1 
ATOM   478  C CG  . PRO A 1 61  ? -8.186  2.332   12.930  1.00 25.19 ? 61  PRO A CG  1 
ATOM   479  C CD  . PRO A 1 61  ? -7.421  2.924   11.767  1.00 25.16 ? 61  PRO A CD  1 
ATOM   480  N N   . GLU A 1 62  ? -6.596  6.182   15.008  1.00 27.38 ? 62  GLU A N   1 
ATOM   481  C CA  . GLU A 1 62  ? -5.619  6.915   15.809  1.00 28.49 ? 62  GLU A CA  1 
ATOM   482  C C   . GLU A 1 62  ? -4.611  6.055   16.551  1.00 28.46 ? 62  GLU A C   1 
ATOM   483  O O   . GLU A 1 62  ? -3.411  6.278   16.511  1.00 28.84 ? 62  GLU A O   1 
ATOM   484  C CB  . GLU A 1 62  ? -6.278  7.793   16.892  1.00 29.51 ? 62  GLU A CB  1 
ATOM   485  C CG  . GLU A 1 62  ? -5.389  8.965   17.373  1.00 30.62 ? 62  GLU A CG  1 
ATOM   486  C CD  . GLU A 1 62  ? -6.181  10.197  17.770  1.00 31.62 ? 62  GLU A CD  1 
ATOM   487  O OE1 . GLU A 1 62  ? -7.302  10.391  17.301  1.00 31.55 ? 62  GLU A OE1 1 
ATOM   488  O OE2 . GLU A 1 62  ? -5.511  10.912  18.577  1.00 32.50 ? 62  GLU A OE2 1 
ATOM   489  N N   . LYS A 1 63  ? -5.167  5.111   17.223  1.00 28.82 ? 63  LYS A N   1 
ATOM   490  C CA  . LYS A 1 63  ? -4.580  4.110   18.072  1.00 29.60 ? 63  LYS A CA  1 
ATOM   491  C C   . LYS A 1 63  ? -3.612  3.227   17.325  1.00 29.17 ? 63  LYS A C   1 
ATOM   492  O O   . LYS A 1 63  ? -2.637  2.706   17.930  1.00 29.56 ? 63  LYS A O   1 
ATOM   493  C CB  . LYS A 1 63  ? -5.771  3.371   18.669  1.00 30.77 ? 63  LYS A CB  1 
ATOM   494  C CG  . LYS A 1 63  ? -6.479  2.374   17.757  1.00 32.27 ? 63  LYS A CG  1 
ATOM   495  C CD  . LYS A 1 63  ? -6.177  0.967   18.285  1.00 33.14 ? 63  LYS A CD  1 
ATOM   496  C CE  . LYS A 1 63  ? -7.404  0.073   18.398  1.00 33.76 ? 63  LYS A CE  1 
ATOM   497  N NZ  . LYS A 1 63  ? -7.053  -1.138  19.223  1.00 33.86 ? 63  LYS A NZ  1 
ATOM   498  N N   . ASN A 1 64  ? -3.835  3.064   16.036  1.00 28.27 ? 64  ASN A N   1 
ATOM   499  C CA  . ASN A 1 64  ? -2.917  2.230   15.219  1.00 27.10 ? 64  ASN A CA  1 
ATOM   500  C C   . ASN A 1 64  ? -1.917  3.063   14.432  1.00 26.03 ? 64  ASN A C   1 
ATOM   501  O O   . ASN A 1 64  ? -1.288  2.513   13.530  1.00 25.97 ? 64  ASN A O   1 
ATOM   502  C CB  . ASN A 1 64  ? -3.792  1.474   14.210  1.00 27.96 ? 64  ASN A CB  1 
ATOM   503  C CG  . ASN A 1 64  ? -4.467  0.276   14.846  1.00 28.84 ? 64  ASN A CG  1 
ATOM   504  O OD1 . ASN A 1 64  ? -3.983  -0.214  15.875  1.00 29.17 ? 64  ASN A OD1 1 
ATOM   505  N ND2 . ASN A 1 64  ? -5.567  -0.170  14.257  1.00 29.31 ? 64  ASN A ND2 1 
ATOM   506  N N   . ARG A 1 65  ? -1.797  4.330   14.650  1.00 25.89 ? 65  ARG A N   1 
ATOM   507  C CA  . ARG A 1 65  ? -0.979  5.365   14.022  1.00 25.25 ? 65  ARG A CA  1 
ATOM   508  C C   . ARG A 1 65  ? 0.190   5.891   14.866  1.00 24.46 ? 65  ARG A C   1 
ATOM   509  O O   . ARG A 1 65  ? -0.001  6.303   16.012  1.00 24.63 ? 65  ARG A O   1 
ATOM   510  C CB  . ARG A 1 65  ? -1.879  6.549   13.686  1.00 26.02 ? 65  ARG A CB  1 
ATOM   511  C CG  . ARG A 1 65  ? -2.426  6.461   12.263  1.00 26.41 ? 65  ARG A CG  1 
ATOM   512  C CD  . ARG A 1 65  ? -3.403  7.532   12.058  1.00 26.64 ? 65  ARG A CD  1 
ATOM   513  N NE  . ARG A 1 65  ? -3.221  8.721   12.861  1.00 27.19 ? 65  ARG A NE  1 
ATOM   514  C CZ  . ARG A 1 65  ? -4.299  9.498   13.107  1.00 27.56 ? 65  ARG A CZ  1 
ATOM   515  N NH1 . ARG A 1 65  ? -4.295  10.694  13.705  1.00 27.69 ? 65  ARG A NH1 1 
ATOM   516  N NH2 . ARG A 1 65  ? -5.489  9.010   12.774  1.00 27.67 ? 65  ARG A NH2 1 
ATOM   517  N N   . PRO A 1 66  ? 1.415   5.867   14.346  1.00 22.86 ? 66  PRO A N   1 
ATOM   518  C CA  . PRO A 1 66  ? 1.787   5.388   13.013  1.00 21.99 ? 66  PRO A CA  1 
ATOM   519  C C   . PRO A 1 66  ? 1.770   3.857   13.039  1.00 21.15 ? 66  PRO A C   1 
ATOM   520  O O   . PRO A 1 66  ? 1.956   3.310   14.127  1.00 21.28 ? 66  PRO A O   1 
ATOM   521  C CB  . PRO A 1 66  ? 3.217   5.879   12.870  1.00 22.20 ? 66  PRO A CB  1 
ATOM   522  C CG  . PRO A 1 66  ? 3.731   5.779   14.290  1.00 22.31 ? 66  PRO A CG  1 
ATOM   523  C CD  . PRO A 1 66  ? 2.570   6.325   15.121  1.00 22.39 ? 66  PRO A CD  1 
ATOM   524  N N   . LEU A 1 67  ? 1.578   3.265   11.895  1.00 19.55 ? 67  LEU A N   1 
ATOM   525  C CA  . LEU A 1 67  ? 1.529   1.780   11.741  1.00 18.25 ? 67  LEU A CA  1 
ATOM   526  C C   . LEU A 1 67  ? 2.854   1.300   12.367  1.00 18.86 ? 67  LEU A C   1 
ATOM   527  O O   . LEU A 1 67  ? 3.819   1.954   11.934  1.00 18.50 ? 67  LEU A O   1 
ATOM   528  C CB  . LEU A 1 67  ? 1.402   1.494   10.275  1.00 15.62 ? 67  LEU A CB  1 
ATOM   529  C CG  . LEU A 1 67  ? 0.298   1.990   9.375   1.00 13.87 ? 67  LEU A CG  1 
ATOM   530  C CD1 . LEU A 1 67  ? 0.525   1.530   7.927   1.00 13.21 ? 67  LEU A CD1 1 
ATOM   531  C CD2 . LEU A 1 67  ? -1.026  1.454   9.899   1.00 12.42 ? 67  LEU A CD2 1 
ATOM   532  N N   . LYS A 1 68  ? 2.736   0.289   13.211  1.00 20.24 ? 68  LYS A N   1 
ATOM   533  C CA  . LYS A 1 68  ? 3.923   -0.213  13.920  1.00 21.70 ? 68  LYS A CA  1 
ATOM   534  C C   . LYS A 1 68  ? 4.829   -1.235  13.218  1.00 21.80 ? 68  LYS A C   1 
ATOM   535  O O   . LYS A 1 68  ? 4.381   -2.097  12.437  1.00 21.80 ? 68  LYS A O   1 
ATOM   536  C CB  . LYS A 1 68  ? 3.621   -0.714  15.334  1.00 22.28 ? 68  LYS A CB  1 
ATOM   537  C CG  . LYS A 1 68  ? 3.013   -2.103  15.444  1.00 24.06 ? 68  LYS A CG  1 
ATOM   538  C CD  . LYS A 1 68  ? 2.294   -2.132  16.799  1.00 25.43 ? 68  LYS A CD  1 
ATOM   539  C CE  . LYS A 1 68  ? 1.096   -3.096  16.809  1.00 26.13 ? 68  LYS A CE  1 
ATOM   540  N NZ  . LYS A 1 68  ? 0.268   -2.693  18.004  1.00 27.29 ? 68  LYS A NZ  1 
ATOM   541  N N   . GLY A 1 69  ? 6.104   -1.052  13.507  1.00 21.48 ? 69  GLY A N   1 
ATOM   542  C CA  . GLY A 1 69  ? 7.258   -1.820  13.023  1.00 21.00 ? 69  GLY A CA  1 
ATOM   543  C C   . GLY A 1 69  ? 7.723   -1.318  11.654  1.00 20.79 ? 69  GLY A C   1 
ATOM   544  O O   . GLY A 1 69  ? 8.683   -1.821  11.031  1.00 20.80 ? 69  GLY A O   1 
ATOM   545  N N   . ARG A 1 70  ? 7.014   -0.285  11.200  1.00 19.96 ? 70  ARG A N   1 
ATOM   546  C CA  . ARG A 1 70  ? 7.175   0.358   9.898   1.00 18.50 ? 70  ARG A CA  1 
ATOM   547  C C   . ARG A 1 70  ? 7.609   1.800   9.940   1.00 18.76 ? 70  ARG A C   1 
ATOM   548  O O   . ARG A 1 70  ? 7.106   2.410   10.892  1.00 18.60 ? 70  ARG A O   1 
ATOM   549  C CB  . ARG A 1 70  ? 5.760   0.310   9.235   1.00 17.06 ? 70  ARG A CB  1 
ATOM   550  C CG  . ARG A 1 70  ? 5.513   -1.091  8.635   1.00 16.77 ? 70  ARG A CG  1 
ATOM   551  C CD  . ARG A 1 70  ? 4.100   -1.530  8.575   1.00 14.57 ? 70  ARG A CD  1 
ATOM   552  N NE  . ARG A 1 70  ? 3.685   -1.846  9.935   1.00 14.81 ? 70  ARG A NE  1 
ATOM   553  C CZ  . ARG A 1 70  ? 2.389   -2.074  10.188  1.00 15.26 ? 70  ARG A CZ  1 
ATOM   554  N NH1 . ARG A 1 70  ? 1.498   -1.947  9.214   1.00 15.03 ? 70  ARG A NH1 1 
ATOM   555  N NH2 . ARG A 1 70  ? 1.980   -2.398  11.418  1.00 15.68 ? 70  ARG A NH2 1 
ATOM   556  N N   . ILE A 1 71  ? 8.448   2.238   8.983   1.00 18.91 ? 71  ILE A N   1 
ATOM   557  C CA  . ILE A 1 71  ? 8.847   3.662   8.994   1.00 18.61 ? 71  ILE A CA  1 
ATOM   558  C C   . ILE A 1 71  ? 7.706   4.341   8.219   1.00 18.09 ? 71  ILE A C   1 
ATOM   559  O O   . ILE A 1 71  ? 7.537   4.012   7.010   1.00 17.17 ? 71  ILE A O   1 
ATOM   560  C CB  . ILE A 1 71  ? 10.271  3.965   8.384   1.00 19.34 ? 71  ILE A CB  1 
ATOM   561  C CG1 . ILE A 1 71  ? 11.420  3.509   9.298   1.00 19.43 ? 71  ILE A CG1 1 
ATOM   562  C CG2 . ILE A 1 71  ? 10.419  5.464   7.984   1.00 19.24 ? 71  ILE A CG2 1 
ATOM   563  C CD1 . ILE A 1 71  ? 12.664  3.000   8.513   1.00 20.18 ? 71  ILE A CD1 1 
ATOM   564  N N   . ASN A 1 72  ? 6.973   5.233   8.885   1.00 17.12 ? 72  ASN A N   1 
ATOM   565  C CA  . ASN A 1 72  ? 5.832   5.870   8.237   1.00 16.27 ? 72  ASN A CA  1 
ATOM   566  C C   . ASN A 1 72  ? 5.976   7.167   7.490   1.00 16.61 ? 72  ASN A C   1 
ATOM   567  O O   . ASN A 1 72  ? 6.250   8.098   8.243   1.00 16.79 ? 72  ASN A O   1 
ATOM   568  C CB  . ASN A 1 72  ? 4.794   6.160   9.360   1.00 15.79 ? 72  ASN A CB  1 
ATOM   569  C CG  . ASN A 1 72  ? 4.309   4.814   9.877   1.00 14.89 ? 72  ASN A CG  1 
ATOM   570  O OD1 . ASN A 1 72  ? 3.121   4.614   10.024  1.00 14.63 ? 72  ASN A OD1 1 
ATOM   571  N ND2 . ASN A 1 72  ? 5.154   3.877   10.208  1.00 14.95 ? 72  ASN A ND2 1 
ATOM   572  N N   . LEU A 1 73  ? 5.657   7.253   6.233   1.00 17.11 ? 73  LEU A N   1 
ATOM   573  C CA  . LEU A 1 73  ? 5.759   8.557   5.562   1.00 17.75 ? 73  LEU A CA  1 
ATOM   574  C C   . LEU A 1 73  ? 4.494   9.130   4.941   1.00 18.52 ? 73  LEU A C   1 
ATOM   575  O O   . LEU A 1 73  ? 3.916   8.396   4.127   1.00 18.11 ? 73  LEU A O   1 
ATOM   576  C CB  . LEU A 1 73  ? 6.874   8.408   4.514   1.00 17.36 ? 73  LEU A CB  1 
ATOM   577  C CG  . LEU A 1 73  ? 7.285   9.651   3.756   1.00 16.99 ? 73  LEU A CG  1 
ATOM   578  C CD1 . LEU A 1 73  ? 8.566   9.400   3.017   1.00 16.66 ? 73  LEU A CD1 1 
ATOM   579  C CD2 . LEU A 1 73  ? 6.125   10.022  2.851   1.00 17.16 ? 73  LEU A CD2 1 
ATOM   580  N N   . VAL A 1 74  ? 4.200   10.396  5.269   1.00 18.69 ? 74  VAL A N   1 
ATOM   581  C CA  . VAL A 1 74  ? 3.007   11.051  4.654   1.00 19.43 ? 74  VAL A CA  1 
ATOM   582  C C   . VAL A 1 74  ? 3.499   11.901  3.473   1.00 20.31 ? 74  VAL A C   1 
ATOM   583  O O   . VAL A 1 74  ? 4.674   12.334  3.331   1.00 20.30 ? 74  VAL A O   1 
ATOM   584  C CB  . VAL A 1 74  ? 2.183   11.728  5.738   1.00 19.60 ? 74  VAL A CB  1 
ATOM   585  C CG1 . VAL A 1 74  ? 0.787   12.161  5.375   1.00 19.79 ? 74  VAL A CG1 1 
ATOM   586  C CG2 . VAL A 1 74  ? 2.104   10.857  6.994   1.00 19.74 ? 74  VAL A CG2 1 
ATOM   587  N N   . LEU A 1 75  ? 2.603   12.075  2.523   1.00 20.66 ? 75  LEU A N   1 
ATOM   588  C CA  . LEU A 1 75  ? 2.765   12.825  1.282   1.00 21.55 ? 75  LEU A CA  1 
ATOM   589  C C   . LEU A 1 75  ? 1.752   13.981  1.362   1.00 22.94 ? 75  LEU A C   1 
ATOM   590  O O   . LEU A 1 75  ? 0.584   13.748  1.720   1.00 23.33 ? 75  LEU A O   1 
ATOM   591  C CB  . LEU A 1 75  ? 2.449   12.004  0.018   1.00 20.61 ? 75  LEU A CB  1 
ATOM   592  C CG  . LEU A 1 75  ? 3.469   11.030  -0.532  1.00 19.33 ? 75  LEU A CG  1 
ATOM   593  C CD1 . LEU A 1 75  ? 2.913   10.413  -1.794  1.00 18.42 ? 75  LEU A CD1 1 
ATOM   594  C CD2 . LEU A 1 75  ? 4.782   11.784  -0.679  1.00 18.45 ? 75  LEU A CD2 1 
ATOM   595  N N   . SER A 1 76  ? 2.218   15.171  1.030   1.00 24.76 ? 76  SER A N   1 
ATOM   596  C CA  . SER A 1 76  ? 1.356   16.347  1.107   1.00 25.78 ? 76  SER A CA  1 
ATOM   597  C C   . SER A 1 76  ? 2.095   17.592  0.674   1.00 27.30 ? 76  SER A C   1 
ATOM   598  O O   . SER A 1 76  ? 3.294   17.833  0.931   1.00 27.64 ? 76  SER A O   1 
ATOM   599  C CB  . SER A 1 76  ? 0.929   16.532  2.571   1.00 26.28 ? 76  SER A CB  1 
ATOM   600  O OG  . SER A 1 76  ? 0.417   17.835  2.825   1.00 25.67 ? 76  SER A OG  1 
ATOM   601  N N   . ARG A 1 77  ? 1.285   18.405  -0.007  1.00 28.89 ? 77  ARG A N   1 
ATOM   602  C CA  . ARG A 1 77  ? 1.928   19.684  -0.429  1.00 30.22 ? 77  ARG A CA  1 
ATOM   603  C C   . ARG A 1 77  ? 1.505   20.731  0.582   1.00 30.16 ? 77  ARG A C   1 
ATOM   604  O O   . ARG A 1 77  ? 2.222   21.738  0.650   1.00 31.14 ? 77  ARG A O   1 
ATOM   605  C CB  . ARG A 1 77  ? 1.716   19.904  -1.912  1.00 31.16 ? 77  ARG A CB  1 
ATOM   606  C CG  . ARG A 1 77  ? 2.231   18.694  -2.713  1.00 32.15 ? 77  ARG A CG  1 
ATOM   607  C CD  . ARG A 1 77  ? 1.957   18.881  -4.153  1.00 33.04 ? 77  ARG A CD  1 
ATOM   608  N NE  . ARG A 1 77  ? 2.734   17.928  -4.963  1.00 34.02 ? 77  ARG A NE  1 
ATOM   609  C CZ  . ARG A 1 77  ? 2.750   17.946  -6.309  1.00 34.76 ? 77  ARG A CZ  1 
ATOM   610  N NH1 . ARG A 1 77  ? 2.091   18.828  -7.078  1.00 34.33 ? 77  ARG A NH1 1 
ATOM   611  N NH2 . ARG A 1 77  ? 3.480   16.994  -6.958  1.00 35.55 ? 77  ARG A NH2 1 
ATOM   612  N N   . GLU A 1 78  ? 0.468   20.566  1.376   1.00 29.88 ? 78  GLU A N   1 
ATOM   613  C CA  . GLU A 1 78  ? -0.007  21.528  2.360   1.00 29.34 ? 78  GLU A CA  1 
ATOM   614  C C   . GLU A 1 78  ? 0.678   21.628  3.694   1.00 28.69 ? 78  GLU A C   1 
ATOM   615  O O   . GLU A 1 78  ? 1.051   22.735  4.155   1.00 28.95 ? 78  GLU A O   1 
ATOM   616  C CB  . GLU A 1 78  ? -1.503  21.308  2.667   1.00 30.53 ? 78  GLU A CB  1 
ATOM   617  C CG  . GLU A 1 78  ? -2.510  21.538  1.575   1.00 31.98 ? 78  GLU A CG  1 
ATOM   618  C CD  . GLU A 1 78  ? -3.991  21.557  1.796   1.00 33.31 ? 78  GLU A CD  1 
ATOM   619  O OE1 . GLU A 1 78  ? -4.683  21.022  2.680   1.00 34.15 ? 78  GLU A OE1 1 
ATOM   620  O OE2 . GLU A 1 78  ? -4.588  22.223  0.879   1.00 33.47 ? 78  GLU A OE2 1 
ATOM   621  N N   . LEU A 1 79  ? 0.779   20.518  4.420   1.00 27.90 ? 79  LEU A N   1 
ATOM   622  C CA  . LEU A 1 79  ? 1.394   20.397  5.751   1.00 26.36 ? 79  LEU A CA  1 
ATOM   623  C C   . LEU A 1 79  ? 2.877   20.806  5.749   1.00 26.27 ? 79  LEU A C   1 
ATOM   624  O O   . LEU A 1 79  ? 3.593   20.565  4.763   1.00 25.73 ? 79  LEU A O   1 
ATOM   625  C CB  . LEU A 1 79  ? 1.217   18.920  6.152   1.00 25.43 ? 79  LEU A CB  1 
ATOM   626  C CG  . LEU A 1 79  ? -0.070  18.183  6.392   1.00 24.22 ? 79  LEU A CG  1 
ATOM   627  C CD1 . LEU A 1 79  ? 0.142   16.709  6.744   1.00 23.44 ? 79  LEU A CD1 1 
ATOM   628  C CD2 . LEU A 1 79  ? -0.879  18.819  7.518   1.00 23.75 ? 79  LEU A CD2 1 
ATOM   629  N N   . LYS A 1 80  ? 3.327   21.402  6.837   1.00 26.83 ? 80  LYS A N   1 
ATOM   630  C CA  . LYS A 1 80  ? 4.662   21.893  7.070   1.00 27.81 ? 80  LYS A CA  1 
ATOM   631  C C   . LYS A 1 80  ? 5.540   20.853  7.756   1.00 27.55 ? 80  LYS A C   1 
ATOM   632  O O   . LYS A 1 80  ? 6.749   20.784  7.550   1.00 27.17 ? 80  LYS A O   1 
ATOM   633  C CB  . LYS A 1 80  ? 4.713   23.019  8.092   1.00 29.43 ? 80  LYS A CB  1 
ATOM   634  C CG  . LYS A 1 80  ? 4.140   24.375  7.652   1.00 30.96 ? 80  LYS A CG  1 
ATOM   635  C CD  . LYS A 1 80  ? 4.412   24.691  6.185   1.00 32.24 ? 80  LYS A CD  1 
ATOM   636  C CE  . LYS A 1 80  ? 4.496   26.184  5.907   1.00 33.20 ? 80  LYS A CE  1 
ATOM   637  N NZ  . LYS A 1 80  ? 5.912   26.620  5.669   1.00 34.00 ? 80  LYS A NZ  1 
ATOM   638  N N   . GLU A 1 81  ? 4.839   20.137  8.623   1.00 26.93 ? 81  GLU A N   1 
ATOM   639  C CA  . GLU A 1 81  ? 5.535   19.097  9.390   1.00 26.16 ? 81  GLU A CA  1 
ATOM   640  C C   . GLU A 1 81  ? 4.719   17.830  9.319   1.00 25.51 ? 81  GLU A C   1 
ATOM   641  O O   . GLU A 1 81  ? 3.525   17.909  9.075   1.00 25.01 ? 81  GLU A O   1 
ATOM   642  C CB  . GLU A 1 81  ? 5.750   19.622  10.797  1.00 26.96 ? 81  GLU A CB  1 
ATOM   643  C CG  . GLU A 1 81  ? 4.665   19.681  11.851  1.00 27.78 ? 81  GLU A CG  1 
ATOM   644  C CD  . GLU A 1 81  ? 5.019   20.136  13.228  1.00 28.84 ? 81  GLU A CD  1 
ATOM   645  O OE1 . GLU A 1 81  ? 5.856   19.614  13.981  1.00 29.38 ? 81  GLU A OE1 1 
ATOM   646  O OE2 . GLU A 1 81  ? 4.430   21.175  13.652  1.00 28.85 ? 81  GLU A OE2 1 
ATOM   647  N N   . PRO A 1 82  ? 5.338   16.675  9.514   1.00 25.54 ? 82  PRO A N   1 
ATOM   648  C CA  . PRO A 1 82  ? 4.626   15.397  9.516   1.00 25.59 ? 82  PRO A CA  1 
ATOM   649  C C   . PRO A 1 82  ? 3.509   15.481  10.560  1.00 25.94 ? 82  PRO A C   1 
ATOM   650  O O   . PRO A 1 82  ? 3.772   16.050  11.622  1.00 26.53 ? 82  PRO A O   1 
ATOM   651  C CB  . PRO A 1 82  ? 5.700   14.419  9.968   1.00 25.72 ? 82  PRO A CB  1 
ATOM   652  C CG  . PRO A 1 82  ? 7.036   15.046  9.807   1.00 24.94 ? 82  PRO A CG  1 
ATOM   653  C CD  . PRO A 1 82  ? 6.784   16.529  9.797   1.00 25.66 ? 82  PRO A CD  1 
ATOM   654  N N   . PRO A 1 83  ? 2.339   14.950  10.296  1.00 26.05 ? 83  PRO A N   1 
ATOM   655  C CA  . PRO A 1 83  ? 1.203   14.953  11.219  1.00 25.97 ? 83  PRO A CA  1 
ATOM   656  C C   . PRO A 1 83  ? 1.630   14.259  12.494  1.00 26.55 ? 83  PRO A C   1 
ATOM   657  O O   . PRO A 1 83  ? 2.527   13.427  12.318  1.00 27.04 ? 83  PRO A O   1 
ATOM   658  C CB  . PRO A 1 83  ? 0.089   14.203  10.505  1.00 25.30 ? 83  PRO A CB  1 
ATOM   659  C CG  . PRO A 1 83  ? 0.654   13.649  9.259   1.00 25.19 ? 83  PRO A CG  1 
ATOM   660  C CD  . PRO A 1 83  ? 2.005   14.291  9.001   1.00 25.75 ? 83  PRO A CD  1 
ATOM   661  N N   . GLN A 1 84  ? 1.066   14.542  13.647  1.00 27.23 ? 84  GLN A N   1 
ATOM   662  C CA  . GLN A 1 84  ? 1.485   13.871  14.885  1.00 27.73 ? 84  GLN A CA  1 
ATOM   663  C C   . GLN A 1 84  ? 1.462   12.356  14.705  1.00 27.27 ? 84  GLN A C   1 
ATOM   664  O O   . GLN A 1 84  ? 0.386   11.828  14.310  1.00 27.74 ? 84  GLN A O   1 
ATOM   665  C CB  . GLN A 1 84  ? 0.601   14.210  16.061  1.00 29.01 ? 84  GLN A CB  1 
ATOM   666  C CG  . GLN A 1 84  ? 0.344   13.138  17.100  1.00 30.97 ? 84  GLN A CG  1 
ATOM   667  C CD  . GLN A 1 84  ? -0.152  13.824  18.369  1.00 32.84 ? 84  GLN A CD  1 
ATOM   668  O OE1 . GLN A 1 84  ? -1.290  14.326  18.341  1.00 33.53 ? 84  GLN A OE1 1 
ATOM   669  N NE2 . GLN A 1 84  ? 0.725   13.866  19.408  1.00 33.42 ? 84  GLN A NE2 1 
ATOM   670  N N   . GLY A 1 85  ? 2.577   11.740  15.087  1.00 26.43 ? 85  GLY A N   1 
ATOM   671  C CA  . GLY A 1 85  ? 2.732   10.277  14.965  1.00 26.01 ? 85  GLY A CA  1 
ATOM   672  C C   . GLY A 1 85  ? 3.543   9.829   13.749  1.00 25.59 ? 85  GLY A C   1 
ATOM   673  O O   . GLY A 1 85  ? 4.133   8.726   13.764  1.00 25.43 ? 85  GLY A O   1 
ATOM   674  N N   . ALA A 1 86  ? 3.612   10.639  12.701  1.00 25.45 ? 86  ALA A N   1 
ATOM   675  C CA  . ALA A 1 86  ? 4.317   10.335  11.443  1.00 25.63 ? 86  ALA A CA  1 
ATOM   676  C C   . ALA A 1 86  ? 5.809   10.486  11.677  1.00 25.52 ? 86  ALA A C   1 
ATOM   677  O O   . ALA A 1 86  ? 6.162   11.162  12.669  1.00 26.35 ? 86  ALA A O   1 
ATOM   678  C CB  . ALA A 1 86  ? 3.820   11.115  10.225  1.00 25.35 ? 86  ALA A CB  1 
ATOM   679  N N   . HIS A 1 87  ? 6.590   9.872   10.796  1.00 24.45 ? 87  HIS A N   1 
ATOM   680  C CA  . HIS A 1 87  ? 8.051   9.956   10.962  1.00 23.64 ? 87  HIS A CA  1 
ATOM   681  C C   . HIS A 1 87  ? 8.644   10.892  9.923   1.00 23.49 ? 87  HIS A C   1 
ATOM   682  O O   . HIS A 1 87  ? 9.636   11.476  10.377  1.00 23.92 ? 87  HIS A O   1 
ATOM   683  C CB  . HIS A 1 87  ? 8.896   8.643   10.921  1.00 22.66 ? 87  HIS A CB  1 
ATOM   684  C CG  . HIS A 1 87  ? 8.328   7.592   11.832  1.00 21.73 ? 87  HIS A CG  1 
ATOM   685  N ND1 . HIS A 1 87  ? 8.325   7.693   13.202  1.00 21.81 ? 87  HIS A ND1 1 
ATOM   686  C CD2 . HIS A 1 87  ? 7.752   6.429   11.534  1.00 21.00 ? 87  HIS A CD2 1 
ATOM   687  C CE1 . HIS A 1 87  ? 7.737   6.634   13.764  1.00 21.59 ? 87  HIS A CE1 1 
ATOM   688  N NE2 . HIS A 1 87  ? 7.390   5.875   12.730  1.00 21.67 ? 87  HIS A NE2 1 
ATOM   689  N N   . PHE A 1 88  ? 8.060   10.954  8.755   1.00 23.61 ? 88  PHE A N   1 
ATOM   690  C CA  . PHE A 1 88  ? 8.588   11.800  7.672   1.00 23.47 ? 88  PHE A CA  1 
ATOM   691  C C   . PHE A 1 88  ? 7.460   12.414  6.878   1.00 23.10 ? 88  PHE A C   1 
ATOM   692  O O   . PHE A 1 88  ? 6.390   11.799  6.984   1.00 23.08 ? 88  PHE A O   1 
ATOM   693  C CB  . PHE A 1 88  ? 9.414   10.883  6.726   1.00 23.98 ? 88  PHE A CB  1 
ATOM   694  C CG  . PHE A 1 88  ? 10.631  10.418  7.446   1.00 24.98 ? 88  PHE A CG  1 
ATOM   695  C CD1 . PHE A 1 88  ? 11.785  11.234  7.473   1.00 25.14 ? 88  PHE A CD1 1 
ATOM   696  C CD2 . PHE A 1 88  ? 10.644  9.225   8.143   1.00 25.40 ? 88  PHE A CD2 1 
ATOM   697  C CE1 . PHE A 1 88  ? 12.897  10.837  8.200   1.00 25.32 ? 88  PHE A CE1 1 
ATOM   698  C CE2 . PHE A 1 88  ? 11.791  8.807   8.862   1.00 25.65 ? 88  PHE A CE2 1 
ATOM   699  C CZ  . PHE A 1 88  ? 12.920  9.635   8.900   1.00 25.26 ? 88  PHE A CZ  1 
ATOM   700  N N   . LEU A 1 89  ? 7.671   13.490  6.171   1.00 23.22 ? 89  LEU A N   1 
ATOM   701  C CA  . LEU A 1 89  ? 6.711   14.170  5.300   1.00 23.31 ? 89  LEU A CA  1 
ATOM   702  C C   . LEU A 1 89  ? 7.481   14.496  4.032   1.00 23.44 ? 89  LEU A C   1 
ATOM   703  O O   . LEU A 1 89  ? 8.609   14.957  4.167   1.00 23.78 ? 89  LEU A O   1 
ATOM   704  C CB  . LEU A 1 89  ? 6.103   15.415  5.944   1.00 24.03 ? 89  LEU A CB  1 
ATOM   705  C CG  . LEU A 1 89  ? 5.163   16.401  5.294   1.00 24.36 ? 89  LEU A CG  1 
ATOM   706  C CD1 . LEU A 1 89  ? 4.345   15.873  4.132   1.00 24.72 ? 89  LEU A CD1 1 
ATOM   707  C CD2 . LEU A 1 89  ? 4.016   16.763  6.243   1.00 25.32 ? 89  LEU A CD2 1 
ATOM   708  N N   . SER A 1 90  ? 6.938   14.335  2.861   1.00 24.42 ? 90  SER A N   1 
ATOM   709  C CA  . SER A 1 90  ? 7.572   14.646  1.570   1.00 24.64 ? 90  SER A CA  1 
ATOM   710  C C   . SER A 1 90  ? 6.475   15.318  0.725   1.00 24.96 ? 90  SER A C   1 
ATOM   711  O O   . SER A 1 90  ? 5.298   15.090  1.009   1.00 23.55 ? 90  SER A O   1 
ATOM   712  C CB  . SER A 1 90  ? 8.195   13.499  0.844   1.00 24.98 ? 90  SER A CB  1 
ATOM   713  O OG  . SER A 1 90  ? 9.008   12.650  1.707   1.00 25.69 ? 90  SER A OG  1 
ATOM   714  N N   . ARG A 1 91  ? 6.932   16.119  -0.235  1.00 26.55 ? 91  ARG A N   1 
ATOM   715  C CA  . ARG A 1 91  ? 6.043   16.853  -1.142  1.00 27.82 ? 91  ARG A CA  1 
ATOM   716  C C   . ARG A 1 91  ? 5.859   16.076  -2.435  1.00 27.46 ? 91  ARG A C   1 
ATOM   717  O O   . ARG A 1 91  ? 5.080   16.556  -3.261  1.00 27.29 ? 91  ARG A O   1 
ATOM   718  C CB  . ARG A 1 91  ? 6.562   18.244  -1.488  1.00 29.70 ? 91  ARG A CB  1 
ATOM   719  C CG  . ARG A 1 91  ? 7.882   18.403  -2.176  1.00 32.66 ? 91  ARG A CG  1 
ATOM   720  C CD  . ARG A 1 91  ? 8.031   18.766  -3.613  1.00 34.67 ? 91  ARG A CD  1 
ATOM   721  N NE  . ARG A 1 91  ? 8.368   17.705  -4.558  1.00 37.03 ? 91  ARG A NE  1 
ATOM   722  C CZ  . ARG A 1 91  ? 8.860   17.732  -5.815  1.00 38.05 ? 91  ARG A CZ  1 
ATOM   723  N NH1 . ARG A 1 91  ? 9.132   16.671  -6.608  1.00 37.69 ? 91  ARG A NH1 1 
ATOM   724  N NH2 . ARG A 1 91  ? 9.106   19.002  -6.265  1.00 39.03 ? 91  ARG A NH2 1 
ATOM   725  N N   . SER A 1 92  ? 6.538   14.954  -2.619  1.00 27.60 ? 92  SER A N   1 
ATOM   726  C CA  . SER A 1 92  ? 6.406   14.192  -3.868  1.00 28.02 ? 92  SER A CA  1 
ATOM   727  C C   . SER A 1 92  ? 6.807   12.743  -3.649  1.00 28.45 ? 92  SER A C   1 
ATOM   728  O O   . SER A 1 92  ? 7.481   12.442  -2.665  1.00 28.33 ? 92  SER A O   1 
ATOM   729  C CB  . SER A 1 92  ? 7.250   14.807  -4.977  1.00 28.42 ? 92  SER A CB  1 
ATOM   730  O OG  . SER A 1 92  ? 8.645   14.670  -4.828  1.00 28.76 ? 92  SER A OG  1 
ATOM   731  N N   . LEU A 1 93  ? 6.349   11.901  -4.560  1.00 29.17 ? 93  LEU A N   1 
ATOM   732  C CA  . LEU A 1 93  ? 6.739   10.476  -4.447  1.00 30.13 ? 93  LEU A CA  1 
ATOM   733  C C   . LEU A 1 93  ? 8.237   10.369  -4.843  1.00 30.30 ? 93  LEU A C   1 
ATOM   734  O O   . LEU A 1 93  ? 8.874   9.416   -4.366  1.00 30.17 ? 93  LEU A O   1 
ATOM   735  C CB  . LEU A 1 93  ? 5.844   9.522   -5.278  1.00 30.13 ? 93  LEU A CB  1 
ATOM   736  C CG  . LEU A 1 93  ? 6.314   8.071   -5.415  1.00 29.76 ? 93  LEU A CG  1 
ATOM   737  C CD1 . LEU A 1 93  ? 5.702   7.104   -4.419  1.00 29.56 ? 93  LEU A CD1 1 
ATOM   738  C CD2 . LEU A 1 93  ? 5.981   7.602   -6.841  1.00 30.26 ? 93  LEU A CD2 1 
ATOM   739  N N   . ASP A 1 94  ? 8.723   11.278  -5.679  1.00 30.88 ? 94  ASP A N   1 
ATOM   740  C CA  . ASP A 1 94  ? 10.118  11.231  -6.152  1.00 31.47 ? 94  ASP A CA  1 
ATOM   741  C C   . ASP A 1 94  ? 11.027  11.688  -5.025  1.00 31.73 ? 94  ASP A C   1 
ATOM   742  O O   . ASP A 1 94  ? 12.108  11.100  -4.895  1.00 32.16 ? 94  ASP A O   1 
ATOM   743  C CB  . ASP A 1 94  ? 10.349  11.890  -7.495  1.00 32.09 ? 94  ASP A CB  1 
ATOM   744  C CG  . ASP A 1 94  ? 9.902   10.934  -8.611  1.00 32.59 ? 94  ASP A CG  1 
ATOM   745  O OD1 . ASP A 1 94  ? 9.531   11.422  -9.722  1.00 33.18 ? 94  ASP A OD1 1 
ATOM   746  O OD2 . ASP A 1 94  ? 9.902   9.693   -8.422  1.00 32.29 ? 94  ASP A OD2 1 
ATOM   747  N N   . ASP A 1 95  ? 10.561  12.631  -4.266  1.00 31.85 ? 95  ASP A N   1 
ATOM   748  C CA  . ASP A 1 95  ? 11.324  13.106  -3.096  1.00 32.76 ? 95  ASP A CA  1 
ATOM   749  C C   . ASP A 1 95  ? 11.433  12.045  -1.988  1.00 32.27 ? 95  ASP A C   1 
ATOM   750  O O   . ASP A 1 95  ? 12.493  11.951  -1.337  1.00 32.01 ? 95  ASP A O   1 
ATOM   751  C CB  . ASP A 1 95  ? 10.611  14.364  -2.529  1.00 33.04 ? 95  ASP A CB  1 
ATOM   752  C CG  . ASP A 1 95  ? 11.017  15.473  -3.485  1.00 33.03 ? 95  ASP A CG  1 
ATOM   753  O OD1 . ASP A 1 95  ? 12.051  15.163  -4.098  1.00 33.66 ? 95  ASP A OD1 1 
ATOM   754  O OD2 . ASP A 1 95  ? 10.370  16.504  -3.612  1.00 32.78 ? 95  ASP A OD2 1 
ATOM   755  N N   . ALA A 1 96  ? 10.307  11.359  -1.817  1.00 31.72 ? 96  ALA A N   1 
ATOM   756  C CA  . ALA A 1 96  ? 10.219  10.326  -0.765  1.00 31.62 ? 96  ALA A CA  1 
ATOM   757  C C   . ALA A 1 96  ? 11.210  9.193   -0.983  1.00 31.45 ? 96  ALA A C   1 
ATOM   758  O O   . ALA A 1 96  ? 11.840  8.711   -0.027  1.00 30.73 ? 96  ALA A O   1 
ATOM   759  C CB  . ALA A 1 96  ? 8.756   9.940   -0.553  1.00 32.07 ? 96  ALA A CB  1 
ATOM   760  N N   . LEU A 1 97  ? 11.359  8.768   -2.224  1.00 31.93 ? 97  LEU A N   1 
ATOM   761  C CA  . LEU A 1 97  ? 12.256  7.723   -2.694  1.00 32.05 ? 97  LEU A CA  1 
ATOM   762  C C   . LEU A 1 97  ? 13.694  8.225   -2.627  1.00 33.06 ? 97  LEU A C   1 
ATOM   763  O O   . LEU A 1 97  ? 14.590  7.425   -2.364  1.00 32.88 ? 97  LEU A O   1 
ATOM   764  C CB  . LEU A 1 97  ? 11.844  7.281   -4.127  1.00 31.47 ? 97  LEU A CB  1 
ATOM   765  C CG  . LEU A 1 97  ? 10.347  7.103   -4.342  1.00 30.84 ? 97  LEU A CG  1 
ATOM   766  C CD1 . LEU A 1 97  ? 9.972   6.685   -5.749  1.00 30.73 ? 97  LEU A CD1 1 
ATOM   767  C CD2 . LEU A 1 97  ? 9.899   6.055   -3.348  1.00 30.78 ? 97  LEU A CD2 1 
ATOM   768  N N   . LYS A 1 98  ? 13.963  9.499   -2.884  1.00 34.99 ? 98  LYS A N   1 
ATOM   769  C CA  . LYS A 1 98  ? 15.345  10.032  -2.824  1.00 36.30 ? 98  LYS A CA  1 
ATOM   770  C C   . LYS A 1 98  ? 15.875  9.916   -1.400  1.00 37.04 ? 98  LYS A C   1 
ATOM   771  O O   . LYS A 1 98  ? 17.022  9.532   -1.117  1.00 37.67 ? 98  LYS A O   1 
ATOM   772  C CB  . LYS A 1 98  ? 15.506  11.447  -3.341  1.00 36.65 ? 98  LYS A CB  1 
ATOM   773  C CG  . LYS A 1 98  ? 14.881  11.771  -4.699  1.00 37.33 ? 98  LYS A CG  1 
ATOM   774  C CD  . LYS A 1 98  ? 14.968  13.249  -5.027  1.00 38.26 ? 98  LYS A CD  1 
ATOM   775  C CE  . LYS A 1 98  ? 14.727  13.700  -6.439  1.00 38.92 ? 98  LYS A CE  1 
ATOM   776  N NZ  . LYS A 1 98  ? 13.351  14.187  -6.777  1.00 39.29 ? 98  LYS A NZ  1 
ATOM   777  N N   . LEU A 1 99  ? 15.055  10.201  -0.437  1.00 37.85 ? 99  LEU A N   1 
ATOM   778  C CA  . LEU A 1 99  ? 15.311  10.161  1.015   1.00 38.63 ? 99  LEU A CA  1 
ATOM   779  C C   . LEU A 1 99  ? 15.831  8.817   1.489   1.00 39.52 ? 99  LEU A C   1 
ATOM   780  O O   . LEU A 1 99  ? 16.494  8.582   2.503   1.00 38.91 ? 99  LEU A O   1 
ATOM   781  C CB  . LEU A 1 99  ? 13.945  10.601  1.551   1.00 38.80 ? 99  LEU A CB  1 
ATOM   782  C CG  . LEU A 1 99  ? 13.767  11.239  2.898   1.00 38.96 ? 99  LEU A CG  1 
ATOM   783  C CD1 . LEU A 1 99  ? 12.285  11.336  3.238   1.00 39.11 ? 99  LEU A CD1 1 
ATOM   784  C CD2 . LEU A 1 99  ? 14.495  10.358  3.905   1.00 39.25 ? 99  LEU A CD2 1 
ATOM   785  N N   . THR A 1 100 ? 15.503  7.811   0.706   1.00 41.24 ? 100 THR A N   1 
ATOM   786  C CA  . THR A 1 100 ? 15.805  6.381   0.815   1.00 42.27 ? 100 THR A CA  1 
ATOM   787  C C   . THR A 1 100 ? 17.285  6.167   0.498   1.00 43.53 ? 100 THR A C   1 
ATOM   788  O O   . THR A 1 100 ? 17.968  5.242   0.947   1.00 43.42 ? 100 THR A O   1 
ATOM   789  C CB  . THR A 1 100 ? 14.847  5.550   -0.133  1.00 41.74 ? 100 THR A CB  1 
ATOM   790  O OG1 . THR A 1 100 ? 13.571  6.260   -0.089  1.00 41.51 ? 100 THR A OG1 1 
ATOM   791  C CG2 . THR A 1 100 ? 14.705  4.065   0.205   1.00 41.46 ? 100 THR A CG2 1 
ATOM   792  N N   . GLU A 1 101 ? 17.702  7.118   -0.339  1.00 44.98 ? 101 GLU A N   1 
ATOM   793  C CA  . GLU A 1 101 ? 19.074  7.224   -0.835  1.00 46.06 ? 101 GLU A CA  1 
ATOM   794  C C   . GLU A 1 101 ? 19.906  8.018   0.174   1.00 46.55 ? 101 GLU A C   1 
ATOM   795  O O   . GLU A 1 101 ? 21.147  8.046   0.073   1.00 46.92 ? 101 GLU A O   1 
ATOM   796  C CB  . GLU A 1 101 ? 19.190  7.895   -2.190  1.00 46.23 ? 101 GLU A CB  1 
ATOM   797  C CG  . GLU A 1 101 ? 18.459  7.347   -3.394  1.00 47.13 ? 101 GLU A CG  1 
ATOM   798  C CD  . GLU A 1 101 ? 18.639  5.951   -3.899  1.00 47.64 ? 101 GLU A CD  1 
ATOM   799  O OE1 . GLU A 1 101 ? 19.678  5.283   -3.824  1.00 48.12 ? 101 GLU A OE1 1 
ATOM   800  O OE2 . GLU A 1 101 ? 17.583  5.502   -4.445  1.00 47.61 ? 101 GLU A OE2 1 
ATOM   801  N N   . GLN A 1 102 ? 19.265  8.661   1.133   1.00 47.05 ? 102 GLN A N   1 
ATOM   802  C CA  . GLN A 1 102 ? 20.026  9.423   2.148   1.00 47.40 ? 102 GLN A CA  1 
ATOM   803  C C   . GLN A 1 102 ? 20.585  8.371   3.098   1.00 47.71 ? 102 GLN A C   1 
ATOM   804  O O   . GLN A 1 102 ? 19.953  7.334   3.355   1.00 47.91 ? 102 GLN A O   1 
ATOM   805  C CB  . GLN A 1 102 ? 19.236  10.447  2.934   1.00 47.59 ? 102 GLN A CB  1 
ATOM   806  C CG  . GLN A 1 102 ? 18.384  11.272  1.967   1.00 47.92 ? 102 GLN A CG  1 
ATOM   807  C CD  . GLN A 1 102 ? 19.329  12.031  1.061   1.00 48.26 ? 102 GLN A CD  1 
ATOM   808  O OE1 . GLN A 1 102 ? 19.984  12.952  1.539   1.00 48.61 ? 102 GLN A OE1 1 
ATOM   809  N NE2 . GLN A 1 102 ? 19.390  11.630  -0.200  1.00 48.46 ? 102 GLN A NE2 1 
ATOM   810  N N   . PRO A 1 103 ? 21.771  8.672   3.561   1.00 48.16 ? 103 PRO A N   1 
ATOM   811  C CA  . PRO A 1 103 ? 22.471  7.740   4.461   1.00 48.43 ? 103 PRO A CA  1 
ATOM   812  C C   . PRO A 1 103 ? 21.664  7.597   5.739   1.00 48.98 ? 103 PRO A C   1 
ATOM   813  O O   . PRO A 1 103 ? 21.824  6.521   6.366   1.00 49.31 ? 103 PRO A O   1 
ATOM   814  C CB  . PRO A 1 103 ? 23.872  8.294   4.591   1.00 48.46 ? 103 PRO A CB  1 
ATOM   815  C CG  . PRO A 1 103 ? 23.688  9.774   4.300   1.00 48.56 ? 103 PRO A CG  1 
ATOM   816  C CD  . PRO A 1 103 ? 22.568  9.871   3.276   1.00 48.26 ? 103 PRO A CD  1 
ATOM   817  N N   . GLU A 1 104 ? 20.861  8.619   6.059   1.00 48.79 ? 104 GLU A N   1 
ATOM   818  C CA  . GLU A 1 104 ? 20.054  8.491   7.291   1.00 48.76 ? 104 GLU A CA  1 
ATOM   819  C C   . GLU A 1 104 ? 19.346  7.135   7.241   1.00 48.47 ? 104 GLU A C   1 
ATOM   820  O O   . GLU A 1 104 ? 19.570  6.226   8.046   1.00 48.33 ? 104 GLU A O   1 
ATOM   821  C CB  . GLU A 1 104 ? 19.018  9.584   7.517   1.00 49.15 ? 104 GLU A CB  1 
ATOM   822  C CG  . GLU A 1 104 ? 18.694  10.507  6.356   1.00 49.55 ? 104 GLU A CG  1 
ATOM   823  C CD  . GLU A 1 104 ? 17.864  11.727  6.610   1.00 50.01 ? 104 GLU A CD  1 
ATOM   824  O OE1 . GLU A 1 104 ? 17.757  12.720  5.885   1.00 49.99 ? 104 GLU A OE1 1 
ATOM   825  O OE2 . GLU A 1 104 ? 17.246  11.622  7.705   1.00 50.54 ? 104 GLU A OE2 1 
ATOM   826  N N   . LEU A 1 105 ? 18.520  7.015   6.218   1.00 48.13 ? 105 LEU A N   1 
ATOM   827  C CA  . LEU A 1 105 ? 17.671  5.884   5.892   1.00 47.19 ? 105 LEU A CA  1 
ATOM   828  C C   . LEU A 1 105 ? 18.273  4.795   5.028   1.00 46.92 ? 105 LEU A C   1 
ATOM   829  O O   . LEU A 1 105 ? 17.765  3.645   5.048   1.00 46.60 ? 105 LEU A O   1 
ATOM   830  C CB  . LEU A 1 105 ? 16.452  6.497   5.144   1.00 46.78 ? 105 LEU A CB  1 
ATOM   831  C CG  . LEU A 1 105 ? 15.476  7.278   6.004   1.00 46.35 ? 105 LEU A CG  1 
ATOM   832  C CD1 . LEU A 1 105 ? 14.365  7.865   5.153   1.00 46.27 ? 105 LEU A CD1 1 
ATOM   833  C CD2 . LEU A 1 105 ? 14.897  6.300   7.029   1.00 45.94 ? 105 LEU A CD2 1 
ATOM   834  N N   . ALA A 1 106 ? 19.292  5.176   4.285   1.00 46.81 ? 106 ALA A N   1 
ATOM   835  C CA  . ALA A 1 106 ? 19.906  4.194   3.368   1.00 46.85 ? 106 ALA A CA  1 
ATOM   836  C C   . ALA A 1 106 ? 20.296  2.849   3.947   1.00 46.36 ? 106 ALA A C   1 
ATOM   837  O O   . ALA A 1 106 ? 20.484  1.957   3.085   1.00 46.79 ? 106 ALA A O   1 
ATOM   838  C CB  . ALA A 1 106 ? 21.158  4.780   2.695   1.00 47.10 ? 106 ALA A CB  1 
ATOM   839  N N   . ASN A 1 107 ? 20.408  2.691   5.240   1.00 45.68 ? 107 ASN A N   1 
ATOM   840  C CA  . ASN A 1 107 ? 20.831  1.404   5.853   1.00 44.80 ? 107 ASN A CA  1 
ATOM   841  C C   . ASN A 1 107 ? 19.793  0.827   6.790   1.00 43.45 ? 107 ASN A C   1 
ATOM   842  O O   . ASN A 1 107 ? 20.001  -0.276  7.316   1.00 43.71 ? 107 ASN A O   1 
ATOM   843  C CB  . ASN A 1 107 ? 22.227  1.584   6.488   1.00 45.57 ? 107 ASN A CB  1 
ATOM   844  C CG  . ASN A 1 107 ? 22.532  2.942   7.110   1.00 46.19 ? 107 ASN A CG  1 
ATOM   845  O OD1 . ASN A 1 107 ? 21.574  3.691   7.446   1.00 46.82 ? 107 ASN A OD1 1 
ATOM   846  N ND2 . ASN A 1 107 ? 23.786  3.393   7.345   1.00 46.10 ? 107 ASN A ND2 1 
ATOM   847  N N   . LYS A 1 108 ? 18.708  1.522   6.989   1.00 42.20 ? 108 LYS A N   1 
ATOM   848  C CA  . LYS A 1 108 ? 17.582  1.156   7.854   1.00 41.05 ? 108 LYS A CA  1 
ATOM   849  C C   . LYS A 1 108 ? 16.385  0.501   7.159   1.00 39.80 ? 108 LYS A C   1 
ATOM   850  O O   . LYS A 1 108 ? 15.643  -0.282  7.787   1.00 39.87 ? 108 LYS A O   1 
ATOM   851  C CB  . LYS A 1 108 ? 17.030  2.402   8.560   1.00 41.36 ? 108 LYS A CB  1 
ATOM   852  C CG  . LYS A 1 108 ? 17.947  3.120   9.535   1.00 41.64 ? 108 LYS A CG  1 
ATOM   853  C CD  . LYS A 1 108 ? 17.406  4.468   10.001  1.00 42.26 ? 108 LYS A CD  1 
ATOM   854  C CE  . LYS A 1 108 ? 18.269  5.157   11.057  1.00 42.42 ? 108 LYS A CE  1 
ATOM   855  N NZ  . LYS A 1 108 ? 19.716  5.242   10.645  1.00 42.28 ? 108 LYS A NZ  1 
ATOM   856  N N   . VAL A 1 109 ? 16.122  0.793   5.913   1.00 38.23 ? 109 VAL A N   1 
ATOM   857  C CA  . VAL A 1 109 ? 15.089  0.369   4.991   1.00 36.31 ? 109 VAL A CA  1 
ATOM   858  C C   . VAL A 1 109 ? 15.469  -0.716  3.948   1.00 35.26 ? 109 VAL A C   1 
ATOM   859  O O   . VAL A 1 109 ? 16.428  -0.602  3.150   1.00 35.38 ? 109 VAL A O   1 
ATOM   860  C CB  . VAL A 1 109 ? 14.599  1.607   4.153   1.00 35.97 ? 109 VAL A CB  1 
ATOM   861  C CG1 . VAL A 1 109 ? 13.759  1.195   2.930   1.00 35.38 ? 109 VAL A CG1 1 
ATOM   862  C CG2 . VAL A 1 109 ? 13.891  2.676   4.961   1.00 35.42 ? 109 VAL A CG2 1 
ATOM   863  N N   . ASP A 1 110 ? 14.596  -1.710  3.911   1.00 33.30 ? 110 ASP A N   1 
ATOM   864  C CA  . ASP A 1 110 ? 14.661  -2.856  2.981   1.00 31.61 ? 110 ASP A CA  1 
ATOM   865  C C   . ASP A 1 110 ? 13.718  -2.546  1.815   1.00 30.16 ? 110 ASP A C   1 
ATOM   866  O O   . ASP A 1 110 ? 14.144  -1.941  0.802   1.00 29.92 ? 110 ASP A O   1 
ATOM   867  C CB  . ASP A 1 110 ? 14.459  -4.108  3.813   1.00 31.61 ? 110 ASP A CB  1 
ATOM   868  C CG  . ASP A 1 110 ? 14.129  -5.354  3.061   1.00 31.93 ? 110 ASP A CG  1 
ATOM   869  O OD1 . ASP A 1 110 ? 13.692  -6.398  3.577   1.00 32.53 ? 110 ASP A OD1 1 
ATOM   870  O OD2 . ASP A 1 110 ? 14.275  -5.379  1.831   1.00 32.29 ? 110 ASP A OD2 1 
ATOM   871  N N   . MET A 1 111 ? 12.435  -2.899  1.892   1.00 28.45 ? 111 MET A N   1 
ATOM   872  C CA  . MET A 1 111 ? 11.461  -2.616  0.828   1.00 26.45 ? 111 MET A CA  1 
ATOM   873  C C   . MET A 1 111 ? 10.611  -1.382  1.165   1.00 24.95 ? 111 MET A C   1 
ATOM   874  O O   . MET A 1 111 ? 10.450  -1.043  2.343   1.00 24.41 ? 111 MET A O   1 
ATOM   875  C CB  . MET A 1 111 ? 10.442  -3.730  0.642   1.00 27.14 ? 111 MET A CB  1 
ATOM   876  C CG  . MET A 1 111 ? 10.871  -5.078  1.187   1.00 27.78 ? 111 MET A CG  1 
ATOM   877  S SD  . MET A 1 111 ? 9.687   -6.295  0.483   1.00 28.47 ? 111 MET A SD  1 
ATOM   878  C CE  . MET A 1 111 ? 9.049   -7.063  1.965   1.00 27.05 ? 111 MET A CE  1 
ATOM   879  N N   . VAL A 1 112 ? 10.071  -0.776  0.120   1.00 22.99 ? 112 VAL A N   1 
ATOM   880  C CA  . VAL A 1 112 ? 9.158   0.385   0.363   1.00 21.07 ? 112 VAL A CA  1 
ATOM   881  C C   . VAL A 1 112 ? 7.791   -0.039  -0.150  1.00 20.47 ? 112 VAL A C   1 
ATOM   882  O O   . VAL A 1 112 ? 7.567   -0.632  -1.205  1.00 20.81 ? 112 VAL A O   1 
ATOM   883  C CB  . VAL A 1 112 ? 9.763   1.728   -0.084  1.00 19.29 ? 112 VAL A CB  1 
ATOM   884  C CG1 . VAL A 1 112 ? 11.128  1.644   -0.726  1.00 17.98 ? 112 VAL A CG1 1 
ATOM   885  C CG2 . VAL A 1 112 ? 8.773   2.496   -0.908  1.00 18.71 ? 112 VAL A CG2 1 
ATOM   886  N N   . TRP A 1 113 ? 6.770   0.199   0.662   1.00 20.39 ? 113 TRP A N   1 
ATOM   887  C CA  . TRP A 1 113 ? 5.347   -0.124  0.461   1.00 18.50 ? 113 TRP A CA  1 
ATOM   888  C C   . TRP A 1 113 ? 4.532   1.154   0.378   1.00 17.85 ? 113 TRP A C   1 
ATOM   889  O O   . TRP A 1 113 ? 4.519   2.001   1.268   1.00 18.27 ? 113 TRP A O   1 
ATOM   890  C CB  . TRP A 1 113 ? 4.957   -1.096  1.589   1.00 18.22 ? 113 TRP A CB  1 
ATOM   891  C CG  . TRP A 1 113 ? 5.420   -2.511  1.532   1.00 16.74 ? 113 TRP A CG  1 
ATOM   892  C CD1 . TRP A 1 113 ? 6.499   -3.067  2.156   1.00 16.84 ? 113 TRP A CD1 1 
ATOM   893  C CD2 . TRP A 1 113 ? 4.811   -3.593  0.835   1.00 16.98 ? 113 TRP A CD2 1 
ATOM   894  N NE1 . TRP A 1 113 ? 6.625   -4.409  1.907   1.00 16.77 ? 113 TRP A NE1 1 
ATOM   895  C CE2 . TRP A 1 113 ? 5.586   -4.756  1.081   1.00 17.18 ? 113 TRP A CE2 1 
ATOM   896  C CE3 . TRP A 1 113 ? 3.701   -3.727  0.015   1.00 16.82 ? 113 TRP A CE3 1 
ATOM   897  C CZ2 . TRP A 1 113 ? 5.256   -5.986  0.515   1.00 16.97 ? 113 TRP A CZ2 1 
ATOM   898  C CZ3 . TRP A 1 113 ? 3.383   -4.959  -0.463  1.00 16.53 ? 113 TRP A CZ3 1 
ATOM   899  C CH2 . TRP A 1 113 ? 4.154   -6.089  -0.281  1.00 16.30 ? 113 TRP A CH2 1 
ATOM   900  N N   . ILE A 1 114 ? 3.810   1.381   -0.658  1.00 17.06 ? 114 ILE A N   1 
ATOM   901  C CA  . ILE A 1 114 ? 2.887   2.425   -1.095  1.00 15.99 ? 114 ILE A CA  1 
ATOM   902  C C   . ILE A 1 114 ? 1.501   1.928   -0.693  1.00 15.54 ? 114 ILE A C   1 
ATOM   903  O O   . ILE A 1 114 ? 1.106   0.896   -1.181  1.00 14.26 ? 114 ILE A O   1 
ATOM   904  C CB  . ILE A 1 114 ? 3.012   2.672   -2.625  1.00 15.74 ? 114 ILE A CB  1 
ATOM   905  C CG1 . ILE A 1 114 ? 4.344   3.442   -2.801  1.00 16.48 ? 114 ILE A CG1 1 
ATOM   906  C CG2 . ILE A 1 114 ? 1.772   3.424   -3.186  1.00 14.99 ? 114 ILE A CG2 1 
ATOM   907  C CD1 . ILE A 1 114 ? 5.078   2.976   -4.083  1.00 17.71 ? 114 ILE A CD1 1 
ATOM   908  N N   . VAL A 1 115 ? 0.843   2.646   0.187   1.00 15.98 ? 115 VAL A N   1 
ATOM   909  C CA  . VAL A 1 115 ? -0.422  2.138   0.717   1.00 15.62 ? 115 VAL A CA  1 
ATOM   910  C C   . VAL A 1 115 ? -1.586  2.963   0.253   1.00 16.16 ? 115 VAL A C   1 
ATOM   911  O O   . VAL A 1 115 ? -2.722  2.597   0.664   1.00 15.71 ? 115 VAL A O   1 
ATOM   912  C CB  . VAL A 1 115 ? -0.270  1.740   2.154   1.00 14.83 ? 115 VAL A CB  1 
ATOM   913  C CG1 . VAL A 1 115 ? 1.062   1.008   2.277   1.00 15.04 ? 115 VAL A CG1 1 
ATOM   914  C CG2 . VAL A 1 115 ? -0.363  2.834   3.236   1.00 15.45 ? 115 VAL A CG2 1 
ATOM   915  N N   . GLY A 1 116 ? -1.201  3.872   -0.630  1.00 16.63 ? 116 GLY A N   1 
ATOM   916  C CA  . GLY A 1 116 ? -2.326  4.679   -1.196  1.00 17.12 ? 116 GLY A CA  1 
ATOM   917  C C   . GLY A 1 116 ? -2.346  6.096   -0.665  1.00 17.33 ? 116 GLY A C   1 
ATOM   918  O O   . GLY A 1 116 ? -1.485  6.361   0.168   1.00 16.84 ? 116 GLY A O   1 
ATOM   919  N N   . GLY A 1 117 ? -3.309  6.807   -1.116  1.00 18.03 ? 117 GLY A N   1 
ATOM   920  C CA  . GLY A 1 117 ? -4.379  6.507   -2.027  1.00 19.77 ? 117 GLY A CA  1 
ATOM   921  C C   . GLY A 1 117 ? -4.178  6.583   -3.505  1.00 20.98 ? 117 GLY A C   1 
ATOM   922  O O   . GLY A 1 117 ? -3.093  6.343   -4.038  1.00 22.58 ? 117 GLY A O   1 
ATOM   923  N N   . SER A 1 118 ? -5.250  6.823   -4.240  1.00 21.31 ? 118 SER A N   1 
ATOM   924  C CA  . SER A 1 118 ? -5.304  6.837   -5.667  1.00 22.50 ? 118 SER A CA  1 
ATOM   925  C C   . SER A 1 118 ? -4.253  7.518   -6.522  1.00 23.19 ? 118 SER A C   1 
ATOM   926  O O   . SER A 1 118 ? -3.729  6.973   -7.489  1.00 23.29 ? 118 SER A O   1 
ATOM   927  C CB  . SER A 1 118 ? -6.568  7.640   -6.101  1.00 22.46 ? 118 SER A CB  1 
ATOM   928  O OG  . SER A 1 118 ? -7.552  7.242   -5.177  1.00 23.30 ? 118 SER A OG  1 
ATOM   929  N N   . SER A 1 119 ? -4.112  8.794   -6.168  1.00 23.53 ? 119 SER A N   1 
ATOM   930  C CA  . SER A 1 119 ? -3.279  9.755   -6.851  1.00 23.90 ? 119 SER A CA  1 
ATOM   931  C C   . SER A 1 119 ? -1.863  9.226   -6.724  1.00 23.72 ? 119 SER A C   1 
ATOM   932  O O   . SER A 1 119 ? -1.128  9.352   -7.685  1.00 24.39 ? 119 SER A O   1 
ATOM   933  C CB  . SER A 1 119 ? -3.454  11.126  -6.189  1.00 24.16 ? 119 SER A CB  1 
ATOM   934  O OG  . SER A 1 119 ? -3.830  10.777  -4.829  1.00 25.08 ? 119 SER A OG  1 
ATOM   935  N N   . VAL A 1 120 ? -1.667  8.725   -5.530  1.00 23.47 ? 120 VAL A N   1 
ATOM   936  C CA  . VAL A 1 120 ? -0.385  8.197   -5.120  1.00 22.29 ? 120 VAL A CA  1 
ATOM   937  C C   . VAL A 1 120 ? -0.138  6.864   -5.820  1.00 22.75 ? 120 VAL A C   1 
ATOM   938  O O   . VAL A 1 120 ? 1.077   6.674   -6.001  1.00 22.90 ? 120 VAL A O   1 
ATOM   939  C CB  . VAL A 1 120 ? -0.259  7.979   -3.603  1.00 21.29 ? 120 VAL A CB  1 
ATOM   940  C CG1 . VAL A 1 120 ? 1.159   7.509   -3.254  1.00 21.12 ? 120 VAL A CG1 1 
ATOM   941  C CG2 . VAL A 1 120 ? -0.568  9.224   -2.805  1.00 20.26 ? 120 VAL A CG2 1 
ATOM   942  N N   . TYR A 1 121 ? -1.205  6.104   -6.022  1.00 22.42 ? 121 TYR A N   1 
ATOM   943  C CA  . TYR A 1 121 ? -1.026  4.762   -6.629  1.00 21.88 ? 121 TYR A CA  1 
ATOM   944  C C   . TYR A 1 121 ? -0.670  4.952   -8.094  1.00 23.33 ? 121 TYR A C   1 
ATOM   945  O O   . TYR A 1 121 ? 0.233   4.339   -8.646  1.00 23.86 ? 121 TYR A O   1 
ATOM   946  C CB  . TYR A 1 121 ? -2.241  3.864   -6.579  1.00 19.50 ? 121 TYR A CB  1 
ATOM   947  C CG  . TYR A 1 121 ? -2.552  3.145   -5.286  1.00 18.31 ? 121 TYR A CG  1 
ATOM   948  C CD1 . TYR A 1 121 ? -3.794  3.313   -4.676  1.00 17.59 ? 121 TYR A CD1 1 
ATOM   949  C CD2 . TYR A 1 121 ? -1.616  2.302   -4.683  1.00 17.41 ? 121 TYR A CD2 1 
ATOM   950  C CE1 . TYR A 1 121 ? -4.119  2.628   -3.502  1.00 16.75 ? 121 TYR A CE1 1 
ATOM   951  C CE2 . TYR A 1 121 ? -1.901  1.611   -3.513  1.00 17.21 ? 121 TYR A CE2 1 
ATOM   952  C CZ  . TYR A 1 121 ? -3.144  1.799   -2.934  1.00 16.77 ? 121 TYR A CZ  1 
ATOM   953  O OH  . TYR A 1 121 ? -3.413  1.146   -1.766  1.00 16.78 ? 121 TYR A OH  1 
ATOM   954  N N   . LYS A 1 122 ? -1.444  5.820   -8.682  1.00 25.89 ? 122 LYS A N   1 
ATOM   955  C CA  . LYS A 1 122 ? -1.395  6.201   -10.079 1.00 27.49 ? 122 LYS A CA  1 
ATOM   956  C C   . LYS A 1 122 ? -0.019  6.608   -10.578 1.00 28.79 ? 122 LYS A C   1 
ATOM   957  O O   . LYS A 1 122 ? 0.345   6.222   -11.687 1.00 28.73 ? 122 LYS A O   1 
ATOM   958  C CB  . LYS A 1 122 ? -2.329  7.377   -10.325 1.00 28.02 ? 122 LYS A CB  1 
ATOM   959  C CG  . LYS A 1 122 ? -2.897  7.129   -11.735 1.00 29.13 ? 122 LYS A CG  1 
ATOM   960  C CD  . LYS A 1 122 ? -3.587  8.382   -12.234 1.00 30.05 ? 122 LYS A CD  1 
ATOM   961  C CE  . LYS A 1 122 ? -3.201  8.545   -13.704 1.00 30.79 ? 122 LYS A CE  1 
ATOM   962  N NZ  . LYS A 1 122 ? -4.449  8.910   -14.444 1.00 31.48 ? 122 LYS A NZ  1 
ATOM   963  N N   . GLU A 1 123 ? 0.660   7.362   -9.760  1.00 29.97 ? 123 GLU A N   1 
ATOM   964  C CA  . GLU A 1 123 ? 1.975   7.840   -10.141 1.00 31.88 ? 123 GLU A CA  1 
ATOM   965  C C   . GLU A 1 123 ? 3.037   6.772   -9.952  1.00 31.99 ? 123 GLU A C   1 
ATOM   966  O O   . GLU A 1 123 ? 3.927   6.650   -10.828 1.00 32.38 ? 123 GLU A O   1 
ATOM   967  C CB  . GLU A 1 123 ? 2.268   8.950   -9.139  1.00 33.75 ? 123 GLU A CB  1 
ATOM   968  C CG  . GLU A 1 123 ? 3.431   9.895   -9.295  1.00 36.09 ? 123 GLU A CG  1 
ATOM   969  C CD  . GLU A 1 123 ? 3.365   11.010  -10.306 1.00 37.49 ? 123 GLU A CD  1 
ATOM   970  O OE1 . GLU A 1 123 ? 2.723   12.053  -10.076 1.00 37.98 ? 123 GLU A OE1 1 
ATOM   971  O OE2 . GLU A 1 123 ? 4.035   10.780  -11.374 1.00 38.07 ? 123 GLU A OE2 1 
ATOM   972  N N   . ALA A 1 124 ? 2.988   6.068   -8.835  1.00 31.52 ? 124 ALA A N   1 
ATOM   973  C CA  . ALA A 1 124 ? 3.965   5.012   -8.507  1.00 31.24 ? 124 ALA A CA  1 
ATOM   974  C C   . ALA A 1 124 ? 3.883   3.914   -9.568  1.00 31.37 ? 124 ALA A C   1 
ATOM   975  O O   . ALA A 1 124 ? 4.842   3.421   -10.097 1.00 30.44 ? 124 ALA A O   1 
ATOM   976  C CB  . ALA A 1 124 ? 3.690   4.390   -7.160  1.00 30.82 ? 124 ALA A CB  1 
ATOM   977  N N   . MET A 1 125 ? 2.663   3.579   -9.849  1.00 32.61 ? 125 MET A N   1 
ATOM   978  C CA  . MET A 1 125 ? 2.168   2.578   -10.797 1.00 34.31 ? 125 MET A CA  1 
ATOM   979  C C   . MET A 1 125 ? 2.764   2.826   -12.174 1.00 35.66 ? 125 MET A C   1 
ATOM   980  O O   . MET A 1 125 ? 2.878   1.850   -12.907 1.00 36.06 ? 125 MET A O   1 
ATOM   981  C CB  . MET A 1 125 ? 0.677   2.759   -10.905 1.00 34.02 ? 125 MET A CB  1 
ATOM   982  C CG  . MET A 1 125 ? -0.334  1.938   -11.557 1.00 33.62 ? 125 MET A CG  1 
ATOM   983  S SD  . MET A 1 125 ? -1.221  1.009   -10.284 1.00 32.90 ? 125 MET A SD  1 
ATOM   984  C CE  . MET A 1 125 ? -2.782  0.632   -10.999 1.00 33.31 ? 125 MET A CE  1 
ATOM   985  N N   . ASN A 1 126 ? 3.078   4.070   -12.441 1.00 37.52 ? 126 ASN A N   1 
ATOM   986  C CA  . ASN A 1 126 ? 3.605   4.477   -13.750 1.00 39.23 ? 126 ASN A CA  1 
ATOM   987  C C   . ASN A 1 126 ? 5.106   4.841   -13.687 1.00 39.74 ? 126 ASN A C   1 
ATOM   988  O O   . ASN A 1 126 ? 5.664   5.227   -14.717 1.00 39.66 ? 126 ASN A O   1 
ATOM   989  C CB  . ASN A 1 126 ? 2.914   5.634   -14.413 1.00 40.05 ? 126 ASN A CB  1 
ATOM   990  C CG  . ASN A 1 126 ? 1.461   5.896   -14.572 1.00 40.78 ? 126 ASN A CG  1 
ATOM   991  O OD1 . ASN A 1 126 ? 0.491   5.132   -14.657 1.00 41.37 ? 126 ASN A OD1 1 
ATOM   992  N ND2 . ASN A 1 126 ? 1.257   7.237   -14.656 1.00 41.37 ? 126 ASN A ND2 1 
ATOM   993  N N   . HIS A 1 127 ? 5.623   4.708   -12.497 1.00 40.12 ? 127 HIS A N   1 
ATOM   994  C CA  . HIS A 1 127 ? 7.033   4.945   -12.215 1.00 40.35 ? 127 HIS A CA  1 
ATOM   995  C C   . HIS A 1 127 ? 7.888   4.009   -13.065 1.00 39.95 ? 127 HIS A C   1 
ATOM   996  O O   . HIS A 1 127 ? 7.693   2.771   -13.193 1.00 40.29 ? 127 HIS A O   1 
ATOM   997  C CB  . HIS A 1 127 ? 7.333   4.541   -10.738 1.00 40.72 ? 127 HIS A CB  1 
ATOM   998  C CG  . HIS A 1 127 ? 8.656   5.020   -10.231 1.00 40.98 ? 127 HIS A CG  1 
ATOM   999  N ND1 . HIS A 1 127 ? 9.762   4.221   -10.089 1.00 41.34 ? 127 HIS A ND1 1 
ATOM   1000 C CD2 . HIS A 1 127 ? 9.002   6.251   -9.801  1.00 40.89 ? 127 HIS A CD2 1 
ATOM   1001 C CE1 . HIS A 1 127 ? 10.749  4.943   -9.598  1.00 41.14 ? 127 HIS A CE1 1 
ATOM   1002 N NE2 . HIS A 1 127 ? 10.305  6.166   -9.417  1.00 41.11 ? 127 HIS A NE2 1 
ATOM   1003 N N   . PRO A 1 128 ? 8.884   4.609   -13.684 1.00 39.60 ? 128 PRO A N   1 
ATOM   1004 C CA  . PRO A 1 128 ? 9.815   3.812   -14.526 1.00 39.16 ? 128 PRO A CA  1 
ATOM   1005 C C   . PRO A 1 128 ? 10.369  2.686   -13.668 1.00 38.51 ? 128 PRO A C   1 
ATOM   1006 O O   . PRO A 1 128 ? 10.565  2.968   -12.449 1.00 39.08 ? 128 PRO A O   1 
ATOM   1007 C CB  . PRO A 1 128 ? 10.900  4.819   -14.865 1.00 39.07 ? 128 PRO A CB  1 
ATOM   1008 C CG  . PRO A 1 128 ? 10.786  5.821   -13.737 1.00 39.30 ? 128 PRO A CG  1 
ATOM   1009 C CD  . PRO A 1 128 ? 9.262   6.026   -13.632 1.00 39.30 ? 128 PRO A CD  1 
ATOM   1010 N N   . GLY A 1 129 ? 10.601  1.515   -14.233 1.00 37.13 ? 129 GLY A N   1 
ATOM   1011 C CA  . GLY A 1 129 ? 11.203  0.507   -13.330 1.00 35.75 ? 129 GLY A CA  1 
ATOM   1012 C C   . GLY A 1 129 ? 10.409  -0.741  -13.006 1.00 34.25 ? 129 GLY A C   1 
ATOM   1013 O O   . GLY A 1 129 ? 9.305   -0.922  -13.540 1.00 34.65 ? 129 GLY A O   1 
ATOM   1014 N N   . HIS A 1 130 ? 11.037  -1.513  -12.126 1.00 32.54 ? 130 HIS A N   1 
ATOM   1015 C CA  . HIS A 1 130 ? 10.450  -2.812  -11.696 1.00 30.93 ? 130 HIS A CA  1 
ATOM   1016 C C   . HIS A 1 130 ? 9.545   -2.573  -10.499 1.00 28.55 ? 130 HIS A C   1 
ATOM   1017 O O   . HIS A 1 130 ? 9.870   -1.818  -9.574  1.00 27.86 ? 130 HIS A O   1 
ATOM   1018 C CB  . HIS A 1 130 ? 11.516  -3.917  -11.546 1.00 31.76 ? 130 HIS A CB  1 
ATOM   1019 C CG  . HIS A 1 130 ? 10.887  -5.230  -11.153 1.00 31.99 ? 130 HIS A CG  1 
ATOM   1020 N ND1 . HIS A 1 130 ? 10.122  -6.001  -12.002 1.00 31.63 ? 130 HIS A ND1 1 
ATOM   1021 C CD2 . HIS A 1 130 ? 10.921  -5.825  -9.929  1.00 31.87 ? 130 HIS A CD2 1 
ATOM   1022 C CE1 . HIS A 1 130 ? 9.706   -7.017  -11.283 1.00 32.13 ? 130 HIS A CE1 1 
ATOM   1023 N NE2 . HIS A 1 130 ? 10.166  -6.948  -10.031 1.00 31.99 ? 130 HIS A NE2 1 
ATOM   1024 N N   . LEU A 1 131 ? 8.361   -3.160  -10.633 1.00 25.72 ? 131 LEU A N   1 
ATOM   1025 C CA  . LEU A 1 131 ? 7.345   -2.934  -9.565  1.00 23.90 ? 131 LEU A CA  1 
ATOM   1026 C C   . LEU A 1 131 ? 6.373   -4.075  -9.499  1.00 22.64 ? 131 LEU A C   1 
ATOM   1027 O O   . LEU A 1 131 ? 6.223   -4.832  -10.459 1.00 23.03 ? 131 LEU A O   1 
ATOM   1028 C CB  . LEU A 1 131 ? 6.759   -1.563  -9.897  1.00 23.37 ? 131 LEU A CB  1 
ATOM   1029 C CG  . LEU A 1 131 ? 5.897   -0.886  -8.850  1.00 22.72 ? 131 LEU A CG  1 
ATOM   1030 C CD1 . LEU A 1 131 ? 6.830   -0.002  -8.093  1.00 22.74 ? 131 LEU A CD1 1 
ATOM   1031 C CD2 . LEU A 1 131 ? 4.761   -0.163  -9.556  1.00 22.30 ? 131 LEU A CD2 1 
ATOM   1032 N N   . LYS A 1 132 ? 5.727   -4.246  -8.392  1.00 21.78 ? 132 LYS A N   1 
ATOM   1033 C CA  . LYS A 1 132 ? 4.752   -5.286  -8.088  1.00 20.67 ? 132 LYS A CA  1 
ATOM   1034 C C   . LYS A 1 132 ? 3.594   -4.617  -7.367  1.00 19.27 ? 132 LYS A C   1 
ATOM   1035 O O   . LYS A 1 132 ? 3.935   -3.723  -6.567  1.00 18.36 ? 132 LYS A O   1 
ATOM   1036 C CB  . LYS A 1 132 ? 5.284   -6.365  -7.138  1.00 21.60 ? 132 LYS A CB  1 
ATOM   1037 C CG  . LYS A 1 132 ? 6.357   -7.191  -7.830  1.00 23.52 ? 132 LYS A CG  1 
ATOM   1038 C CD  . LYS A 1 132 ? 6.684   -8.525  -7.165  1.00 24.49 ? 132 LYS A CD  1 
ATOM   1039 C CE  . LYS A 1 132 ? 7.915   -8.242  -6.287  1.00 25.73 ? 132 LYS A CE  1 
ATOM   1040 N NZ  . LYS A 1 132 ? 8.674   -9.543  -6.268  1.00 27.95 ? 132 LYS A NZ  1 
ATOM   1041 N N   . LEU A 1 133 ? 2.434   -5.109  -7.708  1.00 17.73 ? 133 LEU A N   1 
ATOM   1042 C CA  . LEU A 1 133 ? 1.148   -4.690  -7.171  1.00 17.50 ? 133 LEU A CA  1 
ATOM   1043 C C   . LEU A 1 133 ? 0.521   -5.933  -6.501  1.00 17.21 ? 133 LEU A C   1 
ATOM   1044 O O   . LEU A 1 133 ? 0.223   -6.946  -7.158  1.00 16.53 ? 133 LEU A O   1 
ATOM   1045 C CB  . LEU A 1 133 ? 0.404   -4.132  -8.335  1.00 17.89 ? 133 LEU A CB  1 
ATOM   1046 C CG  . LEU A 1 133 ? 0.132   -2.882  -9.045  1.00 19.05 ? 133 LEU A CG  1 
ATOM   1047 C CD1 . LEU A 1 133 ? 1.199   -1.762  -8.970  1.00 19.25 ? 133 LEU A CD1 1 
ATOM   1048 C CD2 . LEU A 1 133 ? -0.121  -3.158  -10.544 1.00 19.07 ? 133 LEU A CD2 1 
ATOM   1049 N N   . PHE A 1 134 ? 0.308   -5.859  -5.204  1.00 17.01 ? 134 PHE A N   1 
ATOM   1050 C CA  . PHE A 1 134 ? -0.329  -6.907  -4.395  1.00 17.23 ? 134 PHE A CA  1 
ATOM   1051 C C   . PHE A 1 134 ? -1.769  -6.392  -4.287  1.00 18.04 ? 134 PHE A C   1 
ATOM   1052 O O   . PHE A 1 134 ? -1.922  -5.432  -3.527  1.00 19.03 ? 134 PHE A O   1 
ATOM   1053 C CB  . PHE A 1 134 ? 0.352   -7.173  -3.062  1.00 16.00 ? 134 PHE A CB  1 
ATOM   1054 C CG  . PHE A 1 134 ? 1.780   -7.646  -3.140  1.00 15.03 ? 134 PHE A CG  1 
ATOM   1055 C CD1 . PHE A 1 134 ? 2.766   -6.849  -3.682  1.00 15.13 ? 134 PHE A CD1 1 
ATOM   1056 C CD2 . PHE A 1 134 ? 2.132   -8.920  -2.653  1.00 14.84 ? 134 PHE A CD2 1 
ATOM   1057 C CE1 . PHE A 1 134 ? 4.105   -7.232  -3.817  1.00 13.95 ? 134 PHE A CE1 1 
ATOM   1058 C CE2 . PHE A 1 134 ? 3.463   -9.350  -2.715  1.00 13.51 ? 134 PHE A CE2 1 
ATOM   1059 C CZ  . PHE A 1 134 ? 4.424   -8.489  -3.305  1.00 14.20 ? 134 PHE A CZ  1 
ATOM   1060 N N   . VAL A 1 135 ? -2.725  -6.966  -4.968  1.00 18.41 ? 135 VAL A N   1 
ATOM   1061 C CA  . VAL A 1 135 ? -4.122  -6.578  -4.966  1.00 18.55 ? 135 VAL A CA  1 
ATOM   1062 C C   . VAL A 1 135 ? -5.053  -7.529  -4.273  1.00 19.22 ? 135 VAL A C   1 
ATOM   1063 O O   . VAL A 1 135 ? -5.022  -8.661  -4.758  1.00 20.57 ? 135 VAL A O   1 
ATOM   1064 C CB  . VAL A 1 135 ? -4.598  -6.573  -6.454  1.00 18.98 ? 135 VAL A CB  1 
ATOM   1065 C CG1 . VAL A 1 135 ? -5.839  -5.700  -6.668  1.00 18.85 ? 135 VAL A CG1 1 
ATOM   1066 C CG2 . VAL A 1 135 ? -3.451  -6.162  -7.373  1.00 18.54 ? 135 VAL A CG2 1 
ATOM   1067 N N   . THR A 1 136 ? -5.866  -7.149  -3.323  1.00 18.73 ? 136 THR A N   1 
ATOM   1068 C CA  . THR A 1 136 ? -6.814  -8.043  -2.705  1.00 17.79 ? 136 THR A CA  1 
ATOM   1069 C C   . THR A 1 136 ? -8.037  -7.797  -3.581  1.00 18.60 ? 136 THR A C   1 
ATOM   1070 O O   . THR A 1 136 ? -8.385  -6.608  -3.617  1.00 19.58 ? 136 THR A O   1 
ATOM   1071 C CB  . THR A 1 136 ? -7.156  -7.697  -1.203  1.00 16.41 ? 136 THR A CB  1 
ATOM   1072 O OG1 . THR A 1 136 ? -5.939  -7.652  -0.411  1.00 14.90 ? 136 THR A OG1 1 
ATOM   1073 C CG2 . THR A 1 136 ? -8.244  -8.648  -0.693  1.00 15.70 ? 136 THR A CG2 1 
ATOM   1074 N N   . ARG A 1 137 ? -8.666  -8.709  -4.226  1.00 18.53 ? 137 ARG A N   1 
ATOM   1075 C CA  . ARG A 1 137 ? -9.847  -8.481  -5.052  1.00 18.71 ? 137 ARG A CA  1 
ATOM   1076 C C   . ARG A 1 137 ? -11.033 -8.807  -4.183  1.00 19.15 ? 137 ARG A C   1 
ATOM   1077 O O   . ARG A 1 137 ? -11.197 -10.000 -3.904  1.00 19.40 ? 137 ARG A O   1 
ATOM   1078 C CB  . ARG A 1 137 ? -9.746  -9.458  -6.226  1.00 19.42 ? 137 ARG A CB  1 
ATOM   1079 C CG  . ARG A 1 137 ? -8.617  -8.962  -7.137  1.00 19.16 ? 137 ARG A CG  1 
ATOM   1080 C CD  . ARG A 1 137 ? -9.250  -8.096  -8.162  1.00 18.61 ? 137 ARG A CD  1 
ATOM   1081 N NE  . ARG A 1 137 ? -8.188  -7.862  -9.122  1.00 18.76 ? 137 ARG A NE  1 
ATOM   1082 C CZ  . ARG A 1 137 ? -8.137  -6.692  -9.779  1.00 19.51 ? 137 ARG A CZ  1 
ATOM   1083 N NH1 . ARG A 1 137 ? -9.067  -5.757  -9.494  1.00 20.02 ? 137 ARG A NH1 1 
ATOM   1084 N NH2 . ARG A 1 137 ? -7.171  -6.458  -10.668 1.00 18.97 ? 137 ARG A NH2 1 
ATOM   1085 N N   . ILE A 1 138 ? -11.735 -7.791  -3.708  1.00 20.39 ? 138 ILE A N   1 
ATOM   1086 C CA  . ILE A 1 138 ? -12.901 -7.976  -2.815  1.00 20.59 ? 138 ILE A CA  1 
ATOM   1087 C C   . ILE A 1 138 ? -13.939 -8.226  -3.908  1.00 22.14 ? 138 ILE A C   1 
ATOM   1088 O O   . ILE A 1 138 ? -14.186 -7.474  -4.895  1.00 21.95 ? 138 ILE A O   1 
ATOM   1089 C CB  . ILE A 1 138 ? -13.148 -6.760  -1.890  1.00 20.73 ? 138 ILE A CB  1 
ATOM   1090 C CG1 . ILE A 1 138 ? -11.995 -6.262  -1.003  1.00 20.51 ? 138 ILE A CG1 1 
ATOM   1091 C CG2 . ILE A 1 138 ? -14.454 -6.932  -1.076  1.00 20.91 ? 138 ILE A CG2 1 
ATOM   1092 C CD1 . ILE A 1 138 ? -11.707 -6.587  0.442   1.00 20.61 ? 138 ILE A CD1 1 
ATOM   1093 N N   . MET A 1 139 ? -14.558 -9.365  -3.782  1.00 23.57 ? 139 MET A N   1 
ATOM   1094 C CA  . MET A 1 139 ? -15.496 -9.825  -4.811  1.00 25.36 ? 139 MET A CA  1 
ATOM   1095 C C   . MET A 1 139 ? -16.877 -9.292  -4.865  1.00 25.77 ? 139 MET A C   1 
ATOM   1096 O O   . MET A 1 139 ? -17.669 -10.155 -5.333  1.00 27.88 ? 139 MET A O   1 
ATOM   1097 C CB  . MET A 1 139 ? -15.309 -11.368 -4.804  1.00 26.92 ? 139 MET A CB  1 
ATOM   1098 C CG  . MET A 1 139 ? -14.164 -11.735 -5.720  1.00 28.71 ? 139 MET A CG  1 
ATOM   1099 S SD  . MET A 1 139 ? -13.467 -13.376 -5.297  1.00 30.52 ? 139 MET A SD  1 
ATOM   1100 C CE  . MET A 1 139 ? -14.611 -14.506 -6.081  1.00 30.57 ? 139 MET A CE  1 
ATOM   1101 N N   . GLN A 1 140 ? -17.315 -8.121  -4.519  1.00 25.63 ? 140 GLN A N   1 
ATOM   1102 C CA  . GLN A 1 140 ? -18.699 -7.635  -4.668  1.00 25.33 ? 140 GLN A CA  1 
ATOM   1103 C C   . GLN A 1 140 ? -18.584 -6.109  -4.904  1.00 25.17 ? 140 GLN A C   1 
ATOM   1104 O O   . GLN A 1 140 ? -17.449 -5.620  -4.963  1.00 24.78 ? 140 GLN A O   1 
ATOM   1105 C CB  . GLN A 1 140 ? -19.801 -7.927  -3.696  1.00 24.90 ? 140 GLN A CB  1 
ATOM   1106 C CG  . GLN A 1 140 ? -19.358 -8.104  -2.268  1.00 25.25 ? 140 GLN A CG  1 
ATOM   1107 C CD  . GLN A 1 140 ? -20.619 -8.267  -1.455  1.00 25.98 ? 140 GLN A CD  1 
ATOM   1108 O OE1 . GLN A 1 140 ? -21.516 -7.451  -1.687  1.00 26.53 ? 140 GLN A OE1 1 
ATOM   1109 N NE2 . GLN A 1 140 ? -20.577 -9.291  -0.615  1.00 25.80 ? 140 GLN A NE2 1 
ATOM   1110 N N   . ASP A 1 141 ? -19.725 -5.497  -5.072  1.00 25.36 ? 141 ASP A N   1 
ATOM   1111 C CA  . ASP A 1 141 ? -19.772 -4.066  -5.333  1.00 26.17 ? 141 ASP A CA  1 
ATOM   1112 C C   . ASP A 1 141 ? -20.057 -3.388  -3.993  1.00 25.95 ? 141 ASP A C   1 
ATOM   1113 O O   . ASP A 1 141 ? -20.896 -3.874  -3.236  1.00 26.32 ? 141 ASP A O   1 
ATOM   1114 C CB  . ASP A 1 141 ? -20.730 -3.638  -6.418  1.00 27.74 ? 141 ASP A CB  1 
ATOM   1115 C CG  . ASP A 1 141 ? -20.234 -3.955  -7.821  1.00 29.25 ? 141 ASP A CG  1 
ATOM   1116 O OD1 . ASP A 1 141 ? -19.129 -4.456  -8.098  1.00 30.21 ? 141 ASP A OD1 1 
ATOM   1117 O OD2 . ASP A 1 141 ? -21.049 -3.709  -8.739  1.00 30.45 ? 141 ASP A OD2 1 
ATOM   1118 N N   . PHE A 1 142 ? -19.328 -2.300  -3.814  1.00 25.43 ? 142 PHE A N   1 
ATOM   1119 C CA  . PHE A 1 142 ? -19.468 -1.472  -2.611  1.00 25.13 ? 142 PHE A CA  1 
ATOM   1120 C C   . PHE A 1 142 ? -19.475 -0.039  -3.135  1.00 25.31 ? 142 PHE A C   1 
ATOM   1121 O O   . PHE A 1 142 ? -18.702 0.367   -4.038  1.00 25.75 ? 142 PHE A O   1 
ATOM   1122 C CB  . PHE A 1 142 ? -18.486 -1.799  -1.550  1.00 25.24 ? 142 PHE A CB  1 
ATOM   1123 C CG  . PHE A 1 142 ? -18.531 -3.098  -0.834  1.00 24.77 ? 142 PHE A CG  1 
ATOM   1124 C CD1 . PHE A 1 142 ? -19.341 -3.275  0.269   1.00 25.05 ? 142 PHE A CD1 1 
ATOM   1125 C CD2 . PHE A 1 142 ? -17.687 -4.132  -1.248  1.00 24.94 ? 142 PHE A CD2 1 
ATOM   1126 C CE1 . PHE A 1 142 ? -19.373 -4.491  0.961   1.00 24.99 ? 142 PHE A CE1 1 
ATOM   1127 C CE2 . PHE A 1 142 ? -17.662 -5.354  -0.578  1.00 24.61 ? 142 PHE A CE2 1 
ATOM   1128 C CZ  . PHE A 1 142 ? -18.517 -5.506  0.523   1.00 25.12 ? 142 PHE A CZ  1 
ATOM   1129 N N   . GLU A 1 143 ? -20.458 0.668   -2.604  1.00 25.25 ? 143 GLU A N   1 
ATOM   1130 C CA  . GLU A 1 143 ? -20.613 2.091   -3.009  1.00 24.74 ? 143 GLU A CA  1 
ATOM   1131 C C   . GLU A 1 143 ? -19.313 2.728   -2.536  1.00 23.62 ? 143 GLU A C   1 
ATOM   1132 O O   . GLU A 1 143 ? -19.014 2.497   -1.357  1.00 23.25 ? 143 GLU A O   1 
ATOM   1133 C CB  . GLU A 1 143 ? -21.795 2.677   -2.236  1.00 26.08 ? 143 GLU A CB  1 
ATOM   1134 C CG  . GLU A 1 143 ? -22.404 3.934   -2.836  1.00 27.77 ? 143 GLU A CG  1 
ATOM   1135 C CD  . GLU A 1 143 ? -23.191 4.824   -1.936  1.00 28.60 ? 143 GLU A CD  1 
ATOM   1136 O OE1 . GLU A 1 143 ? -23.902 5.723   -2.398  1.00 30.08 ? 143 GLU A OE1 1 
ATOM   1137 O OE2 . GLU A 1 143 ? -23.113 4.520   -0.734  1.00 28.96 ? 143 GLU A OE2 1 
ATOM   1138 N N   . SER A 1 144 ? -18.565 3.423   -3.349  1.00 22.70 ? 144 SER A N   1 
ATOM   1139 C CA  . SER A 1 144 ? -17.324 4.037   -2.975  1.00 22.22 ? 144 SER A CA  1 
ATOM   1140 C C   . SER A 1 144 ? -17.332 5.471   -3.551  1.00 22.29 ? 144 SER A C   1 
ATOM   1141 O O   . SER A 1 144 ? -18.282 5.680   -4.287  1.00 23.67 ? 144 SER A O   1 
ATOM   1142 C CB  . SER A 1 144 ? -16.068 3.463   -3.581  1.00 21.74 ? 144 SER A CB  1 
ATOM   1143 O OG  . SER A 1 144 ? -16.181 2.206   -4.081  1.00 21.46 ? 144 SER A OG  1 
ATOM   1144 N N   . ASP A 1 145 ? -16.318 6.233   -3.224  1.00 21.46 ? 145 ASP A N   1 
ATOM   1145 C CA  . ASP A 1 145 ? -16.091 7.595   -3.615  1.00 19.84 ? 145 ASP A CA  1 
ATOM   1146 C C   . ASP A 1 145 ? -14.694 7.814   -4.140  1.00 19.35 ? 145 ASP A C   1 
ATOM   1147 O O   . ASP A 1 145 ? -14.488 8.947   -4.595  1.00 19.44 ? 145 ASP A O   1 
ATOM   1148 C CB  . ASP A 1 145 ? -16.435 8.553   -2.483  1.00 19.70 ? 145 ASP A CB  1 
ATOM   1149 C CG  . ASP A 1 145 ? -15.762 8.675   -1.190  1.00 19.81 ? 145 ASP A CG  1 
ATOM   1150 O OD1 . ASP A 1 145 ? -14.891 7.965   -0.672  1.00 20.48 ? 145 ASP A OD1 1 
ATOM   1151 O OD2 . ASP A 1 145 ? -16.023 9.651   -0.449  1.00 20.04 ? 145 ASP A OD2 1 
ATOM   1152 N N   . THR A 1 146 ? -13.809 6.911   -4.039  1.00 18.89 ? 146 THR A N   1 
ATOM   1153 C CA  . THR A 1 146 ? -12.400 6.909   -4.442  1.00 19.46 ? 146 THR A CA  1 
ATOM   1154 C C   . THR A 1 146 ? -12.114 5.548   -5.041  1.00 20.04 ? 146 THR A C   1 
ATOM   1155 O O   . THR A 1 146 ? -12.645 4.500   -4.545  1.00 20.34 ? 146 THR A O   1 
ATOM   1156 C CB  . THR A 1 146 ? -11.459 7.419   -3.290  1.00 19.20 ? 146 THR A CB  1 
ATOM   1157 O OG1 . THR A 1 146 ? -10.810 6.384   -2.527  1.00 19.24 ? 146 THR A OG1 1 
ATOM   1158 C CG2 . THR A 1 146 ? -12.358 8.108   -2.281  1.00 18.96 ? 146 THR A CG2 1 
ATOM   1159 N N   . PHE A 1 147 ? -11.395 5.583   -6.150  1.00 20.32 ? 147 PHE A N   1 
ATOM   1160 C CA  . PHE A 1 147 ? -11.044 4.423   -6.961  1.00 19.75 ? 147 PHE A CA  1 
ATOM   1161 C C   . PHE A 1 147 ? -9.571  4.177   -7.187  1.00 20.28 ? 147 PHE A C   1 
ATOM   1162 O O   . PHE A 1 147 ? -8.744  5.116   -7.057  1.00 21.03 ? 147 PHE A O   1 
ATOM   1163 C CB  . PHE A 1 147 ? -11.666 4.681   -8.350  1.00 20.31 ? 147 PHE A CB  1 
ATOM   1164 C CG  . PHE A 1 147 ? -13.145 4.848   -8.108  1.00 21.32 ? 147 PHE A CG  1 
ATOM   1165 C CD1 . PHE A 1 147 ? -13.702 6.106   -7.944  1.00 21.47 ? 147 PHE A CD1 1 
ATOM   1166 C CD2 . PHE A 1 147 ? -13.930 3.695   -7.996  1.00 21.59 ? 147 PHE A CD2 1 
ATOM   1167 C CE1 . PHE A 1 147 ? -15.076 6.217   -7.696  1.00 21.51 ? 147 PHE A CE1 1 
ATOM   1168 C CE2 . PHE A 1 147 ? -15.301 3.788   -7.745  1.00 21.72 ? 147 PHE A CE2 1 
ATOM   1169 C CZ  . PHE A 1 147 ? -15.850 5.062   -7.594  1.00 21.59 ? 147 PHE A CZ  1 
ATOM   1170 N N   . PHE A 1 148 ? -9.297  2.946   -7.562  1.00 18.95 ? 148 PHE A N   1 
ATOM   1171 C CA  . PHE A 1 148 ? -8.001  2.391   -7.922  1.00 17.89 ? 148 PHE A CA  1 
ATOM   1172 C C   . PHE A 1 148 ? -7.825  2.618   -9.428  1.00 18.26 ? 148 PHE A C   1 
ATOM   1173 O O   . PHE A 1 148 ? -8.759  2.395   -10.163 1.00 18.15 ? 148 PHE A O   1 
ATOM   1174 C CB  . PHE A 1 148 ? -7.981  0.933   -7.508  1.00 16.70 ? 148 PHE A CB  1 
ATOM   1175 C CG  . PHE A 1 148 ? -6.575  0.430   -7.614  1.00 16.15 ? 148 PHE A CG  1 
ATOM   1176 C CD1 . PHE A 1 148 ? -5.612  0.950   -6.772  1.00 15.63 ? 148 PHE A CD1 1 
ATOM   1177 C CD2 . PHE A 1 148 ? -6.234  -0.464  -8.632  1.00 16.27 ? 148 PHE A CD2 1 
ATOM   1178 C CE1 . PHE A 1 148 ? -4.292  0.549   -6.909  1.00 15.54 ? 148 PHE A CE1 1 
ATOM   1179 C CE2 . PHE A 1 148 ? -4.903  -0.878  -8.747  1.00 16.71 ? 148 PHE A CE2 1 
ATOM   1180 C CZ  . PHE A 1 148 ? -3.927  -0.364  -7.883  1.00 15.36 ? 148 PHE A CZ  1 
ATOM   1181 N N   . PRO A 1 149 ? -6.690  3.139   -9.901  1.00 19.10 ? 149 PRO A N   1 
ATOM   1182 C CA  . PRO A 1 149 ? -6.492  3.354   -11.337 1.00 19.87 ? 149 PRO A CA  1 
ATOM   1183 C C   . PRO A 1 149 ? -6.542  2.009   -12.066 1.00 22.01 ? 149 PRO A C   1 
ATOM   1184 O O   . PRO A 1 149 ? -6.388  0.926   -11.435 1.00 21.41 ? 149 PRO A O   1 
ATOM   1185 C CB  . PRO A 1 149 ? -5.155  4.054   -11.396 1.00 19.82 ? 149 PRO A CB  1 
ATOM   1186 C CG  . PRO A 1 149 ? -4.705  4.344   -9.985  1.00 19.64 ? 149 PRO A CG  1 
ATOM   1187 C CD  . PRO A 1 149 ? -5.493  3.442   -9.073  1.00 18.42 ? 149 PRO A CD  1 
ATOM   1188 N N   . GLU A 1 150 ? -6.726  1.976   -13.395 1.00 23.51 ? 150 GLU A N   1 
ATOM   1189 C CA  . GLU A 1 150 ? -6.794  0.674   -14.072 1.00 25.96 ? 150 GLU A CA  1 
ATOM   1190 C C   . GLU A 1 150 ? -5.400  0.055   -14.204 1.00 26.07 ? 150 GLU A C   1 
ATOM   1191 O O   . GLU A 1 150 ? -4.400  0.798   -14.313 1.00 26.78 ? 150 GLU A O   1 
ATOM   1192 C CB  . GLU A 1 150 ? -7.337  0.623   -15.516 1.00 28.20 ? 150 GLU A CB  1 
ATOM   1193 C CG  . GLU A 1 150 ? -6.452  1.167   -16.629 1.00 30.25 ? 150 GLU A CG  1 
ATOM   1194 C CD  . GLU A 1 150 ? -6.966  1.312   -18.045 1.00 31.91 ? 150 GLU A CD  1 
ATOM   1195 O OE1 . GLU A 1 150 ? -7.110  0.316   -18.784 1.00 32.77 ? 150 GLU A OE1 1 
ATOM   1196 O OE2 . GLU A 1 150 ? -7.190  2.519   -18.451 1.00 32.47 ? 150 GLU A OE2 1 
ATOM   1197 N N   . ILE A 1 151 ? -5.417  -1.288  -14.242 1.00 24.79 ? 151 ILE A N   1 
ATOM   1198 C CA  . ILE A 1 151 ? -4.127  -1.966  -14.419 1.00 23.47 ? 151 ILE A CA  1 
ATOM   1199 C C   . ILE A 1 151 ? -3.937  -2.163  -15.926 1.00 23.44 ? 151 ILE A C   1 
ATOM   1200 O O   . ILE A 1 151 ? -4.837  -2.691  -16.609 1.00 22.56 ? 151 ILE A O   1 
ATOM   1201 C CB  . ILE A 1 151 ? -4.104  -3.263  -13.579 1.00 22.66 ? 151 ILE A CB  1 
ATOM   1202 C CG1 . ILE A 1 151 ? -4.805  -2.945  -12.241 1.00 22.10 ? 151 ILE A CG1 1 
ATOM   1203 C CG2 . ILE A 1 151 ? -2.704  -3.818  -13.250 1.00 22.63 ? 151 ILE A CG2 1 
ATOM   1204 C CD1 . ILE A 1 151 ? -4.411  -4.163  -11.305 1.00 22.02 ? 151 ILE A CD1 1 
ATOM   1205 N N   . ASP A 1 152 ? -2.762  -1.687  -16.344 1.00 23.77 ? 152 ASP A N   1 
ATOM   1206 C CA  . ASP A 1 152 ? -2.453  -1.822  -17.773 1.00 24.20 ? 152 ASP A CA  1 
ATOM   1207 C C   . ASP A 1 152 ? -1.801  -3.198  -17.849 1.00 24.67 ? 152 ASP A C   1 
ATOM   1208 O O   . ASP A 1 152 ? -0.660  -3.381  -17.408 1.00 25.04 ? 152 ASP A O   1 
ATOM   1209 C CB  . ASP A 1 152 ? -1.673  -0.664  -18.337 1.00 24.58 ? 152 ASP A CB  1 
ATOM   1210 C CG  . ASP A 1 152 ? -1.336  -1.053  -19.773 1.00 24.45 ? 152 ASP A CG  1 
ATOM   1211 O OD1 . ASP A 1 152 ? -0.298  -0.645  -20.255 1.00 24.98 ? 152 ASP A OD1 1 
ATOM   1212 O OD2 . ASP A 1 152 ? -2.149  -1.803  -20.326 1.00 25.28 ? 152 ASP A OD2 1 
ATOM   1213 N N   . LEU A 1 153 ? -2.610  -4.112  -18.363 1.00 24.75 ? 153 LEU A N   1 
ATOM   1214 C CA  . LEU A 1 153 ? -2.372  -5.541  -18.558 1.00 24.43 ? 153 LEU A CA  1 
ATOM   1215 C C   . LEU A 1 153 ? -1.389  -5.872  -19.668 1.00 24.65 ? 153 LEU A C   1 
ATOM   1216 O O   . LEU A 1 153 ? -0.820  -6.964  -19.721 1.00 23.79 ? 153 LEU A O   1 
ATOM   1217 C CB  . LEU A 1 153 ? -3.784  -6.134  -18.673 1.00 24.65 ? 153 LEU A CB  1 
ATOM   1218 C CG  . LEU A 1 153 ? -4.460  -6.421  -17.336 1.00 24.03 ? 153 LEU A CG  1 
ATOM   1219 C CD1 . LEU A 1 153 ? -5.261  -7.666  -17.580 1.00 24.11 ? 153 LEU A CD1 1 
ATOM   1220 C CD2 . LEU A 1 153 ? -3.335  -6.694  -16.367 1.00 23.76 ? 153 LEU A CD2 1 
ATOM   1221 N N   . GLU A 1 154 ? -1.137  -4.828  -20.469 1.00 24.83 ? 154 GLU A N   1 
ATOM   1222 C CA  . GLU A 1 154 ? -0.166  -4.955  -21.540 1.00 25.38 ? 154 GLU A CA  1 
ATOM   1223 C C   . GLU A 1 154 ? 1.214   -4.732  -20.917 1.00 25.33 ? 154 GLU A C   1 
ATOM   1224 O O   . GLU A 1 154 ? 2.232   -5.148  -21.520 1.00 25.79 ? 154 GLU A O   1 
ATOM   1225 C CB  . GLU A 1 154 ? -0.386  -4.105  -22.759 1.00 26.34 ? 154 GLU A CB  1 
ATOM   1226 C CG  . GLU A 1 154 ? -1.679  -3.862  -23.497 1.00 27.42 ? 154 GLU A CG  1 
ATOM   1227 C CD  . GLU A 1 154 ? -1.921  -4.457  -24.853 1.00 28.66 ? 154 GLU A CD  1 
ATOM   1228 O OE1 . GLU A 1 154 ? -2.470  -3.848  -25.794 1.00 29.40 ? 154 GLU A OE1 1 
ATOM   1229 O OE2 . GLU A 1 154 ? -1.553  -5.658  -24.999 1.00 28.54 ? 154 GLU A OE2 1 
ATOM   1230 N N   . LYS A 1 155 ? 1.357   -4.174  -19.758 1.00 24.69 ? 155 LYS A N   1 
ATOM   1231 C CA  . LYS A 1 155 ? 2.618   -3.920  -19.021 1.00 24.16 ? 155 LYS A CA  1 
ATOM   1232 C C   . LYS A 1 155 ? 2.700   -4.830  -17.799 1.00 23.59 ? 155 LYS A C   1 
ATOM   1233 O O   . LYS A 1 155 ? 3.743   -5.437  -17.514 1.00 23.29 ? 155 LYS A O   1 
ATOM   1234 C CB  . LYS A 1 155 ? 2.730   -2.450  -18.605 1.00 24.71 ? 155 LYS A CB  1 
ATOM   1235 C CG  . LYS A 1 155 ? 3.236   -1.533  -19.735 1.00 25.21 ? 155 LYS A CG  1 
ATOM   1236 C CD  . LYS A 1 155 ? 3.010   -0.044  -19.441 1.00 25.96 ? 155 LYS A CD  1 
ATOM   1237 C CE  . LYS A 1 155 ? 2.718   0.782   -20.687 1.00 25.92 ? 155 LYS A CE  1 
ATOM   1238 N NZ  . LYS A 1 155 ? 3.502   2.064   -20.636 1.00 27.32 ? 155 LYS A NZ  1 
ATOM   1239 N N   . TYR A 1 156 ? 1.584   -4.986  -17.090 1.00 22.99 ? 156 TYR A N   1 
ATOM   1240 C CA  . TYR A 1 156 ? 1.431   -5.787  -15.888 1.00 22.72 ? 156 TYR A CA  1 
ATOM   1241 C C   . TYR A 1 156 ? 0.844   -7.186  -15.997 1.00 22.73 ? 156 TYR A C   1 
ATOM   1242 O O   . TYR A 1 156 ? -0.340  -7.256  -16.300 1.00 23.08 ? 156 TYR A O   1 
ATOM   1243 C CB  . TYR A 1 156 ? 0.440   -5.099  -14.898 1.00 22.30 ? 156 TYR A CB  1 
ATOM   1244 C CG  . TYR A 1 156 ? 1.123   -3.975  -14.160 1.00 22.60 ? 156 TYR A CG  1 
ATOM   1245 C CD1 . TYR A 1 156 ? 0.890   -2.681  -14.643 1.00 22.53 ? 156 TYR A CD1 1 
ATOM   1246 C CD2 . TYR A 1 156 ? 1.938   -4.120  -13.033 1.00 22.68 ? 156 TYR A CD2 1 
ATOM   1247 C CE1 . TYR A 1 156 ? 1.469   -1.606  -14.004 1.00 23.01 ? 156 TYR A CE1 1 
ATOM   1248 C CE2 . TYR A 1 156 ? 2.521   -3.058  -12.352 1.00 22.32 ? 156 TYR A CE2 1 
ATOM   1249 C CZ  . TYR A 1 156 ? 2.283   -1.798  -12.877 1.00 23.11 ? 156 TYR A CZ  1 
ATOM   1250 O OH  . TYR A 1 156 ? 2.795   -0.623  -12.338 1.00 23.08 ? 156 TYR A OH  1 
ATOM   1251 N N   . LYS A 1 157 ? 1.608   -8.212  -15.711 1.00 22.48 ? 157 LYS A N   1 
ATOM   1252 C CA  . LYS A 1 157 ? 1.287   -9.596  -15.672 1.00 21.71 ? 157 LYS A CA  1 
ATOM   1253 C C   . LYS A 1 157 ? 0.886   -10.121 -14.298 1.00 21.03 ? 157 LYS A C   1 
ATOM   1254 O O   . LYS A 1 157 ? 1.579   -9.822  -13.324 1.00 20.01 ? 157 LYS A O   1 
ATOM   1255 C CB  . LYS A 1 157 ? 2.562   -10.439 -15.949 1.00 22.45 ? 157 LYS A CB  1 
ATOM   1256 C CG  . LYS A 1 157 ? 3.084   -10.021 -17.324 1.00 24.73 ? 157 LYS A CG  1 
ATOM   1257 C CD  . LYS A 1 157 ? 2.677   -11.041 -18.380 1.00 26.25 ? 157 LYS A CD  1 
ATOM   1258 C CE  . LYS A 1 157 ? 2.671   -10.558 -19.822 1.00 27.00 ? 157 LYS A CE  1 
ATOM   1259 N NZ  . LYS A 1 157 ? 2.021   -11.685 -20.597 1.00 28.14 ? 157 LYS A NZ  1 
ATOM   1260 N N   . LEU A 1 158 ? -0.152  -10.946 -14.308 1.00 20.50 ? 158 LEU A N   1 
ATOM   1261 C CA  . LEU A 1 158 ? -0.657  -11.598 -13.070 1.00 20.10 ? 158 LEU A CA  1 
ATOM   1262 C C   . LEU A 1 158 ? 0.172   -12.832 -12.816 1.00 20.32 ? 158 LEU A C   1 
ATOM   1263 O O   . LEU A 1 158 ? 0.222   -13.633 -13.762 1.00 21.64 ? 158 LEU A O   1 
ATOM   1264 C CB  . LEU A 1 158 ? -2.136  -11.911 -13.393 1.00 18.77 ? 158 LEU A CB  1 
ATOM   1265 C CG  . LEU A 1 158 ? -3.048  -12.446 -12.318 1.00 18.07 ? 158 LEU A CG  1 
ATOM   1266 C CD1 . LEU A 1 158 ? -2.705  -11.843 -10.969 1.00 16.96 ? 158 LEU A CD1 1 
ATOM   1267 C CD2 . LEU A 1 158 ? -4.492  -12.130 -12.588 1.00 17.47 ? 158 LEU A CD2 1 
ATOM   1268 N N   . LEU A 1 159 ? 0.809   -13.113 -11.712 1.00 20.83 ? 159 LEU A N   1 
ATOM   1269 C CA  . LEU A 1 159 ? 1.578   -14.330 -11.451 1.00 20.93 ? 159 LEU A CA  1 
ATOM   1270 C C   . LEU A 1 159 ? 0.616   -15.460 -11.067 1.00 22.01 ? 159 LEU A C   1 
ATOM   1271 O O   . LEU A 1 159 ? -0.316  -15.142 -10.297 1.00 21.76 ? 159 LEU A O   1 
ATOM   1272 C CB  . LEU A 1 159 ? 2.317   -13.991 -10.141 1.00 20.88 ? 159 LEU A CB  1 
ATOM   1273 C CG  . LEU A 1 159 ? 3.154   -12.727 -10.098 1.00 21.02 ? 159 LEU A CG  1 
ATOM   1274 C CD1 . LEU A 1 159 ? 4.241   -12.827 -9.019  1.00 20.03 ? 159 LEU A CD1 1 
ATOM   1275 C CD2 . LEU A 1 159 ? 3.829   -12.552 -11.452 1.00 20.64 ? 159 LEU A CD2 1 
ATOM   1276 N N   . PRO A 1 160 ? 0.886   -16.699 -11.452 1.00 23.41 ? 160 PRO A N   1 
ATOM   1277 C CA  . PRO A 1 160 ? 0.123   -17.914 -11.163 1.00 23.61 ? 160 PRO A CA  1 
ATOM   1278 C C   . PRO A 1 160 ? 0.207   -18.279 -9.692  1.00 24.10 ? 160 PRO A C   1 
ATOM   1279 O O   . PRO A 1 160 ? -0.552  -19.034 -9.072  1.00 24.40 ? 160 PRO A O   1 
ATOM   1280 C CB  . PRO A 1 160 ? 0.913   -19.035 -11.873 1.00 23.43 ? 160 PRO A CB  1 
ATOM   1281 C CG  . PRO A 1 160 ? 1.402   -18.294 -13.081 1.00 23.70 ? 160 PRO A CG  1 
ATOM   1282 C CD  . PRO A 1 160 ? 2.030   -17.062 -12.357 1.00 23.63 ? 160 PRO A CD  1 
ATOM   1283 N N   . GLU A 1 161 ? 1.245   -17.664 -9.135  1.00 24.46 ? 161 GLU A N   1 
ATOM   1284 C CA  . GLU A 1 161 ? 1.523   -17.853 -7.723  1.00 25.20 ? 161 GLU A CA  1 
ATOM   1285 C C   . GLU A 1 161 ? 2.612   -16.930 -7.228  1.00 24.72 ? 161 GLU A C   1 
ATOM   1286 O O   . GLU A 1 161 ? 3.319   -16.230 -7.946  1.00 25.59 ? 161 GLU A O   1 
ATOM   1287 C CB  . GLU A 1 161 ? 1.936   -19.277 -7.440  1.00 25.99 ? 161 GLU A CB  1 
ATOM   1288 C CG  . GLU A 1 161 ? 3.396   -19.689 -7.424  1.00 27.16 ? 161 GLU A CG  1 
ATOM   1289 C CD  . GLU A 1 161 ? 3.569   -21.198 -7.586  1.00 28.12 ? 161 GLU A CD  1 
ATOM   1290 O OE1 . GLU A 1 161 ? 2.862   -21.995 -6.971  1.00 28.29 ? 161 GLU A OE1 1 
ATOM   1291 O OE2 . GLU A 1 161 ? 4.480   -21.460 -8.411  1.00 28.26 ? 161 GLU A OE2 1 
ATOM   1292 N N   . TYR A 1 162 ? 2.678   -16.990 -5.904  1.00 24.54 ? 162 TYR A N   1 
ATOM   1293 C CA  . TYR A 1 162 ? 3.656   -16.196 -5.150  1.00 24.08 ? 162 TYR A CA  1 
ATOM   1294 C C   . TYR A 1 162 ? 3.775   -16.701 -3.735  1.00 24.56 ? 162 TYR A C   1 
ATOM   1295 O O   . TYR A 1 162 ? 2.767   -16.755 -3.025  1.00 24.51 ? 162 TYR A O   1 
ATOM   1296 C CB  . TYR A 1 162 ? 3.221   -14.692 -5.028  1.00 23.48 ? 162 TYR A CB  1 
ATOM   1297 C CG  . TYR A 1 162 ? 4.399   -13.808 -4.636  1.00 22.17 ? 162 TYR A CG  1 
ATOM   1298 C CD1 . TYR A 1 162 ? 5.306   -13.526 -5.659  1.00 22.08 ? 162 TYR A CD1 1 
ATOM   1299 C CD2 . TYR A 1 162 ? 4.638   -13.274 -3.386  1.00 21.91 ? 162 TYR A CD2 1 
ATOM   1300 C CE1 . TYR A 1 162 ? 6.440   -12.766 -5.470  1.00 21.15 ? 162 TYR A CE1 1 
ATOM   1301 C CE2 . TYR A 1 162 ? 5.784   -12.494 -3.179  1.00 21.29 ? 162 TYR A CE2 1 
ATOM   1302 C CZ  . TYR A 1 162 ? 6.652   -12.259 -4.206  1.00 21.15 ? 162 TYR A CZ  1 
ATOM   1303 O OH  . TYR A 1 162 ? 7.780   -11.506 -4.071  1.00 22.07 ? 162 TYR A OH  1 
ATOM   1304 N N   . PRO A 1 163 ? 5.006   -16.951 -3.335  1.00 25.64 ? 163 PRO A N   1 
ATOM   1305 C CA  . PRO A 1 163 ? 5.312   -17.366 -1.967  1.00 25.73 ? 163 PRO A CA  1 
ATOM   1306 C C   . PRO A 1 163 ? 4.824   -16.476 -0.831  1.00 26.25 ? 163 PRO A C   1 
ATOM   1307 O O   . PRO A 1 163 ? 5.194   -15.298 -0.688  1.00 26.92 ? 163 PRO A O   1 
ATOM   1308 C CB  . PRO A 1 163 ? 6.852   -17.446 -1.976  1.00 25.40 ? 163 PRO A CB  1 
ATOM   1309 C CG  . PRO A 1 163 ? 7.318   -16.683 -3.162  1.00 25.63 ? 163 PRO A CG  1 
ATOM   1310 C CD  . PRO A 1 163 ? 6.204   -16.794 -4.212  1.00 25.69 ? 163 PRO A CD  1 
ATOM   1311 N N   . GLY A 1 164 ? 4.017   -16.975 0.074   1.00 26.97 ? 164 GLY A N   1 
ATOM   1312 C CA  . GLY A 1 164 ? 3.382   -16.452 1.279   1.00 26.63 ? 164 GLY A CA  1 
ATOM   1313 C C   . GLY A 1 164 ? 2.016   -15.811 1.067   1.00 26.64 ? 164 GLY A C   1 
ATOM   1314 O O   . GLY A 1 164 ? 1.427   -15.071 1.874   1.00 27.78 ? 164 GLY A O   1 
ATOM   1315 N N   . VAL A 1 165 ? 1.424   -16.065 -0.073  1.00 26.36 ? 165 VAL A N   1 
ATOM   1316 C CA  . VAL A 1 165 ? 0.143   -15.523 -0.500  1.00 26.27 ? 165 VAL A CA  1 
ATOM   1317 C C   . VAL A 1 165 ? -0.798  -16.652 -0.932  1.00 26.62 ? 165 VAL A C   1 
ATOM   1318 O O   . VAL A 1 165 ? -0.574  -17.342 -1.924  1.00 26.63 ? 165 VAL A O   1 
ATOM   1319 C CB  . VAL A 1 165 ? 0.517   -14.425 -1.528  1.00 26.23 ? 165 VAL A CB  1 
ATOM   1320 C CG1 . VAL A 1 165 ? -0.707  -13.896 -2.254  1.00 26.41 ? 165 VAL A CG1 1 
ATOM   1321 C CG2 . VAL A 1 165 ? 1.354   -13.282 -0.944  1.00 25.61 ? 165 VAL A CG2 1 
ATOM   1322 N N   . LEU A 1 166 ? -1.863  -16.847 -0.179  1.00 27.02 ? 166 LEU A N   1 
ATOM   1323 C CA  . LEU A 1 166 ? -2.937  -17.788 -0.352  1.00 27.40 ? 166 LEU A CA  1 
ATOM   1324 C C   . LEU A 1 166 ? -3.556  -17.543 -1.742  1.00 27.93 ? 166 LEU A C   1 
ATOM   1325 O O   . LEU A 1 166 ? -3.888  -16.395 -2.032  1.00 27.58 ? 166 LEU A O   1 
ATOM   1326 C CB  . LEU A 1 166 ? -3.969  -17.635 0.725   1.00 27.06 ? 166 LEU A CB  1 
ATOM   1327 C CG  . LEU A 1 166 ? -3.776  -18.373 1.994   1.00 28.39 ? 166 LEU A CG  1 
ATOM   1328 C CD1 . LEU A 1 166 ? -2.565  -17.900 2.815   1.00 28.48 ? 166 LEU A CD1 1 
ATOM   1329 C CD2 . LEU A 1 166 ? -5.038  -18.124 2.858   1.00 28.99 ? 166 LEU A CD2 1 
ATOM   1330 N N   . SER A 1 167 ? -3.718  -18.650 -2.453  1.00 28.76 ? 167 SER A N   1 
ATOM   1331 C CA  . SER A 1 167 ? -4.217  -18.630 -3.826  1.00 29.63 ? 167 SER A CA  1 
ATOM   1332 C C   . SER A 1 167 ? -5.684  -18.930 -3.958  1.00 29.96 ? 167 SER A C   1 
ATOM   1333 O O   . SER A 1 167 ? -6.289  -18.806 -5.064  1.00 30.16 ? 167 SER A O   1 
ATOM   1334 C CB  . SER A 1 167 ? -3.303  -19.532 -4.666  1.00 30.59 ? 167 SER A CB  1 
ATOM   1335 O OG  . SER A 1 167 ? -2.055  -18.787 -4.860  1.00 31.65 ? 167 SER A OG  1 
ATOM   1336 N N   . ASP A 1 168 ? -6.227  -19.245 -2.786  1.00 29.84 ? 168 ASP A N   1 
ATOM   1337 C CA  . ASP A 1 168 ? -7.681  -19.569 -2.833  1.00 29.67 ? 168 ASP A CA  1 
ATOM   1338 C C   . ASP A 1 168 ? -8.566  -18.509 -2.180  1.00 28.87 ? 168 ASP A C   1 
ATOM   1339 O O   . ASP A 1 168 ? -8.187  -17.786 -1.266  1.00 28.23 ? 168 ASP A O   1 
ATOM   1340 C CB  . ASP A 1 168 ? -7.811  -20.959 -2.186  1.00 30.52 ? 168 ASP A CB  1 
ATOM   1341 C CG  . ASP A 1 168 ? -7.466  -20.721 -0.698  1.00 30.74 ? 168 ASP A CG  1 
ATOM   1342 O OD1 . ASP A 1 168 ? -8.384  -20.992 0.085   1.00 30.61 ? 168 ASP A OD1 1 
ATOM   1343 O OD2 . ASP A 1 168 ? -6.322  -20.225 -0.578  1.00 30.75 ? 168 ASP A OD2 1 
ATOM   1344 N N   . VAL A 1 169 ? -9.777  -18.512 -2.715  1.00 28.24 ? 169 VAL A N   1 
ATOM   1345 C CA  . VAL A 1 169 ? -10.820 -17.570 -2.295  1.00 27.44 ? 169 VAL A CA  1 
ATOM   1346 C C   . VAL A 1 169 ? -11.006 -17.612 -0.794  1.00 27.95 ? 169 VAL A C   1 
ATOM   1347 O O   . VAL A 1 169 ? -11.142 -18.675 -0.209  1.00 28.35 ? 169 VAL A O   1 
ATOM   1348 C CB  . VAL A 1 169 ? -12.070 -17.701 -3.156  1.00 26.32 ? 169 VAL A CB  1 
ATOM   1349 C CG1 . VAL A 1 169 ? -13.033 -16.588 -2.791  1.00 26.23 ? 169 VAL A CG1 1 
ATOM   1350 C CG2 . VAL A 1 169 ? -11.741 -17.720 -4.636  1.00 25.86 ? 169 VAL A CG2 1 
ATOM   1351 N N   . GLN A 1 170 ? -10.935 -16.418 -0.219  1.00 28.64 ? 170 GLN A N   1 
ATOM   1352 C CA  . GLN A 1 170 ? -11.148 -16.241 1.238   1.00 28.91 ? 170 GLN A CA  1 
ATOM   1353 C C   . GLN A 1 170 ? -12.597 -15.714 1.301   1.00 28.93 ? 170 GLN A C   1 
ATOM   1354 O O   . GLN A 1 170 ? -13.179 -15.279 0.287   1.00 28.23 ? 170 GLN A O   1 
ATOM   1355 C CB  . GLN A 1 170 ? -10.077 -15.378 1.827   1.00 28.83 ? 170 GLN A CB  1 
ATOM   1356 C CG  . GLN A 1 170 ? -8.640  -15.724 1.641   1.00 29.06 ? 170 GLN A CG  1 
ATOM   1357 C CD  . GLN A 1 170 ? -8.123  -17.094 1.872   1.00 30.02 ? 170 GLN A CD  1 
ATOM   1358 O OE1 . GLN A 1 170 ? -8.048  -17.803 2.902   1.00 30.69 ? 170 GLN A OE1 1 
ATOM   1359 N NE2 . GLN A 1 170 ? -7.674  -17.671 0.730   1.00 30.58 ? 170 GLN A NE2 1 
ATOM   1360 N N   . GLU A 1 171 ? -13.244 -15.791 2.437   1.00 29.50 ? 171 GLU A N   1 
ATOM   1361 C CA  . GLU A 1 171 ? -14.621 -15.293 2.562   1.00 30.42 ? 171 GLU A CA  1 
ATOM   1362 C C   . GLU A 1 171 ? -14.773 -14.929 4.019   1.00 30.59 ? 171 GLU A C   1 
ATOM   1363 O O   . GLU A 1 171 ? -14.526 -15.866 4.819   1.00 30.63 ? 171 GLU A O   1 
ATOM   1364 C CB  . GLU A 1 171 ? -15.675 -16.365 2.291   1.00 31.36 ? 171 GLU A CB  1 
ATOM   1365 C CG  . GLU A 1 171 ? -16.917 -16.227 3.199   1.00 32.03 ? 171 GLU A CG  1 
ATOM   1366 C CD  . GLU A 1 171 ? -18.136 -16.886 2.623   1.00 33.26 ? 171 GLU A CD  1 
ATOM   1367 O OE1 . GLU A 1 171 ? -19.066 -16.234 2.109   1.00 34.07 ? 171 GLU A OE1 1 
ATOM   1368 O OE2 . GLU A 1 171 ? -18.022 -18.129 2.706   1.00 33.30 ? 171 GLU A OE2 1 
ATOM   1369 N N   . GLU A 1 172 ? -15.138 -13.711 4.305   1.00 30.69 ? 172 GLU A N   1 
ATOM   1370 C CA  . GLU A 1 172 ? -15.261 -13.457 5.792   1.00 31.34 ? 172 GLU A CA  1 
ATOM   1371 C C   . GLU A 1 172 ? -16.439 -12.540 5.875   1.00 31.32 ? 172 GLU A C   1 
ATOM   1372 O O   . GLU A 1 172 ? -16.485 -11.701 4.979   1.00 31.92 ? 172 GLU A O   1 
ATOM   1373 C CB  . GLU A 1 172 ? -13.960 -13.015 6.300   1.00 31.82 ? 172 GLU A CB  1 
ATOM   1374 C CG  . GLU A 1 172 ? -13.455 -12.018 7.273   1.00 32.67 ? 172 GLU A CG  1 
ATOM   1375 C CD  . GLU A 1 172 ? -11.959 -11.827 7.219   1.00 33.33 ? 172 GLU A CD  1 
ATOM   1376 O OE1 . GLU A 1 172 ? -11.342 -11.510 6.214   1.00 34.40 ? 172 GLU A OE1 1 
ATOM   1377 O OE2 . GLU A 1 172 ? -11.407 -12.022 8.317   1.00 33.55 ? 172 GLU A OE2 1 
ATOM   1378 N N   . LYS A 1 173 ? -17.332 -12.757 6.790   1.00 31.51 ? 173 LYS A N   1 
ATOM   1379 C CA  . LYS A 1 173 ? -18.560 -11.962 6.979   1.00 31.02 ? 173 LYS A CA  1 
ATOM   1380 C C   . LYS A 1 173 ? -19.458 -12.032 5.742   1.00 31.08 ? 173 LYS A C   1 
ATOM   1381 O O   . LYS A 1 173 ? -20.310 -11.132 5.540   1.00 31.53 ? 173 LYS A O   1 
ATOM   1382 C CB  . LYS A 1 173 ? -18.357 -10.515 7.348   1.00 30.80 ? 173 LYS A CB  1 
ATOM   1383 C CG  . LYS A 1 173 ? -17.417 -10.300 8.524   1.00 30.18 ? 173 LYS A CG  1 
ATOM   1384 C CD  . LYS A 1 173 ? -17.418 -8.843  8.926   1.00 30.38 ? 173 LYS A CD  1 
ATOM   1385 C CE  . LYS A 1 173 ? -16.495 -8.566  10.100  1.00 30.49 ? 173 LYS A CE  1 
ATOM   1386 N NZ  . LYS A 1 173 ? -16.652 -7.116  10.455  1.00 30.86 ? 173 LYS A NZ  1 
ATOM   1387 N N   . GLY A 1 174 ? -19.214 -13.116 5.004   1.00 30.38 ? 174 GLY A N   1 
ATOM   1388 C CA  . GLY A 1 174 ? -19.941 -13.375 3.784   1.00 29.41 ? 174 GLY A CA  1 
ATOM   1389 C C   . GLY A 1 174 ? -19.416 -12.619 2.574   1.00 29.03 ? 174 GLY A C   1 
ATOM   1390 O O   . GLY A 1 174 ? -20.050 -12.567 1.495   1.00 29.30 ? 174 GLY A O   1 
ATOM   1391 N N   . ILE A 1 175 ? -18.233 -12.076 2.766   1.00 28.12 ? 175 ILE A N   1 
ATOM   1392 C CA  . ILE A 1 175 ? -17.586 -11.332 1.691   1.00 27.70 ? 175 ILE A CA  1 
ATOM   1393 C C   . ILE A 1 175 ? -16.333 -12.123 1.351   1.00 27.42 ? 175 ILE A C   1 
ATOM   1394 O O   . ILE A 1 175 ? -15.381 -12.324 2.108   1.00 27.55 ? 175 ILE A O   1 
ATOM   1395 C CB  . ILE A 1 175 ? -17.314 -9.852  2.147   1.00 27.83 ? 175 ILE A CB  1 
ATOM   1396 C CG1 . ILE A 1 175 ? -18.640 -9.063  2.277   1.00 28.00 ? 175 ILE A CG1 1 
ATOM   1397 C CG2 . ILE A 1 175 ? -16.292 -9.115  1.246   1.00 27.75 ? 175 ILE A CG2 1 
ATOM   1398 C CD1 . ILE A 1 175 ? -18.547 -7.732  3.068   1.00 27.92 ? 175 ILE A CD1 1 
ATOM   1399 N N   . LYS A 1 176 ? -16.334 -12.593 0.139   1.00 27.64 ? 176 LYS A N   1 
ATOM   1400 C CA  . LYS A 1 176 ? -15.288 -13.361 -0.517  1.00 27.38 ? 176 LYS A CA  1 
ATOM   1401 C C   . LYS A 1 176 ? -14.294 -12.446 -1.240  1.00 26.56 ? 176 LYS A C   1 
ATOM   1402 O O   . LYS A 1 176 ? -14.739 -11.456 -1.835  1.00 26.38 ? 176 LYS A O   1 
ATOM   1403 C CB  . LYS A 1 176 ? -15.884 -14.107 -1.699  1.00 28.62 ? 176 LYS A CB  1 
ATOM   1404 C CG  . LYS A 1 176 ? -16.976 -15.070 -1.231  1.00 29.43 ? 176 LYS A CG  1 
ATOM   1405 C CD  . LYS A 1 176 ? -16.869 -16.282 -2.186  1.00 30.22 ? 176 LYS A CD  1 
ATOM   1406 C CE  . LYS A 1 176 ? -18.111 -17.090 -1.792  1.00 31.46 ? 176 LYS A CE  1 
ATOM   1407 N NZ  . LYS A 1 176 ? -18.366 -16.652 -0.346  1.00 32.26 ? 176 LYS A NZ  1 
ATOM   1408 N N   . TYR A 1 177 ? -13.075 -12.881 -1.225  1.00 25.02 ? 177 TYR A N   1 
ATOM   1409 C CA  . TYR A 1 177 ? -11.991 -12.141 -1.856  1.00 24.28 ? 177 TYR A CA  1 
ATOM   1410 C C   . TYR A 1 177 ? -10.816 -13.078 -2.094  1.00 23.44 ? 177 TYR A C   1 
ATOM   1411 O O   . TYR A 1 177 ? -10.641 -14.167 -1.481  1.00 23.29 ? 177 TYR A O   1 
ATOM   1412 C CB  . TYR A 1 177 ? -11.629 -10.953 -0.937  1.00 24.82 ? 177 TYR A CB  1 
ATOM   1413 C CG  . TYR A 1 177 ? -11.180 -11.302 0.461   1.00 25.51 ? 177 TYR A CG  1 
ATOM   1414 C CD1 . TYR A 1 177 ? -9.812  -11.386 0.749   1.00 25.50 ? 177 TYR A CD1 1 
ATOM   1415 C CD2 . TYR A 1 177 ? -12.087 -11.546 1.502   1.00 25.76 ? 177 TYR A CD2 1 
ATOM   1416 C CE1 . TYR A 1 177 ? -9.348  -11.715 2.027   1.00 25.89 ? 177 TYR A CE1 1 
ATOM   1417 C CE2 . TYR A 1 177 ? -11.655 -11.860 2.801   1.00 26.20 ? 177 TYR A CE2 1 
ATOM   1418 C CZ  . TYR A 1 177 ? -10.281 -11.938 3.054   1.00 26.43 ? 177 TYR A CZ  1 
ATOM   1419 O OH  . TYR A 1 177 ? -9.827  -12.221 4.311   1.00 26.65 ? 177 TYR A OH  1 
ATOM   1420 N N   . LYS A 1 178 ? -10.000 -12.561 -3.007  1.00 22.61 ? 178 LYS A N   1 
ATOM   1421 C CA  . LYS A 1 178 ? -8.783  -13.316 -3.391  1.00 21.90 ? 178 LYS A CA  1 
ATOM   1422 C C   . LYS A 1 178 ? -7.671  -12.283 -3.471  1.00 21.64 ? 178 LYS A C   1 
ATOM   1423 O O   . LYS A 1 178 ? -7.851  -11.076 -3.764  1.00 20.78 ? 178 LYS A O   1 
ATOM   1424 C CB  . LYS A 1 178 ? -9.111  -14.091 -4.650  1.00 22.20 ? 178 LYS A CB  1 
ATOM   1425 C CG  . LYS A 1 178 ? -9.256  -13.310 -5.947  1.00 22.73 ? 178 LYS A CG  1 
ATOM   1426 C CD  . LYS A 1 178 ? -10.436 -13.669 -6.849  1.00 23.17 ? 178 LYS A CD  1 
ATOM   1427 C CE  . LYS A 1 178 ? -10.670 -12.523 -7.837  1.00 23.32 ? 178 LYS A CE  1 
ATOM   1428 N NZ  . LYS A 1 178 ? -10.064 -12.720 -9.188  1.00 23.44 ? 178 LYS A NZ  1 
ATOM   1429 N N   . PHE A 1 179 ? -6.485  -12.804 -3.223  1.00 21.37 ? 179 PHE A N   1 
ATOM   1430 C CA  . PHE A 1 179 ? -5.188  -12.129 -3.221  1.00 20.85 ? 179 PHE A CA  1 
ATOM   1431 C C   . PHE A 1 179 ? -4.513  -12.438 -4.561  1.00 20.86 ? 179 PHE A C   1 
ATOM   1432 O O   . PHE A 1 179 ? -4.500  -13.590 -4.971  1.00 21.53 ? 179 PHE A O   1 
ATOM   1433 C CB  . PHE A 1 179 ? -4.230  -12.475 -2.104  1.00 20.07 ? 179 PHE A CB  1 
ATOM   1434 C CG  . PHE A 1 179 ? -4.799  -12.367 -0.716  1.00 19.67 ? 179 PHE A CG  1 
ATOM   1435 C CD1 . PHE A 1 179 ? -4.968  -13.518 0.028   1.00 19.08 ? 179 PHE A CD1 1 
ATOM   1436 C CD2 . PHE A 1 179 ? -5.075  -11.116 -0.163  1.00 19.72 ? 179 PHE A CD2 1 
ATOM   1437 C CE1 . PHE A 1 179 ? -5.425  -13.440 1.315   1.00 19.15 ? 179 PHE A CE1 1 
ATOM   1438 C CE2 . PHE A 1 179 ? -5.579  -11.002 1.146   1.00 19.40 ? 179 PHE A CE2 1 
ATOM   1439 C CZ  . PHE A 1 179 ? -5.770  -12.195 1.861   1.00 19.29 ? 179 PHE A CZ  1 
ATOM   1440 N N   . GLU A 1 180 ? -3.981  -11.396 -5.153  1.00 20.85 ? 180 GLU A N   1 
ATOM   1441 C CA  . GLU A 1 180 ? -3.290  -11.454 -6.441  1.00 20.42 ? 180 GLU A CA  1 
ATOM   1442 C C   . GLU A 1 180 ? -2.066  -10.564 -6.371  1.00 20.46 ? 180 GLU A C   1 
ATOM   1443 O O   . GLU A 1 180 ? -2.015  -9.673  -5.496  1.00 21.36 ? 180 GLU A O   1 
ATOM   1444 C CB  . GLU A 1 180 ? -4.131  -10.946 -7.589  1.00 20.11 ? 180 GLU A CB  1 
ATOM   1445 C CG  . GLU A 1 180 ? -5.544  -11.545 -7.633  1.00 20.73 ? 180 GLU A CG  1 
ATOM   1446 C CD  . GLU A 1 180 ? -6.211  -10.916 -8.815  1.00 21.08 ? 180 GLU A CD  1 
ATOM   1447 O OE1 . GLU A 1 180 ? -7.033  -11.343 -9.575  1.00 21.47 ? 180 GLU A OE1 1 
ATOM   1448 O OE2 . GLU A 1 180 ? -5.726  -9.769  -8.899  1.00 21.44 ? 180 GLU A OE2 1 
ATOM   1449 N N   . VAL A 1 181 ? -1.140  -10.828 -7.245  1.00 20.48 ? 181 VAL A N   1 
ATOM   1450 C CA  . VAL A 1 181 ? 0.147   -10.161 -7.404  1.00 19.89 ? 181 VAL A CA  1 
ATOM   1451 C C   . VAL A 1 181 ? 0.484   -9.869  -8.875  1.00 19.49 ? 181 VAL A C   1 
ATOM   1452 O O   . VAL A 1 181 ? 0.571   -10.885 -9.579  1.00 20.43 ? 181 VAL A O   1 
ATOM   1453 C CB  . VAL A 1 181 ? 1.298   -11.047 -6.848  1.00 19.23 ? 181 VAL A CB  1 
ATOM   1454 C CG1 . VAL A 1 181 ? 2.585   -10.244 -6.711  1.00 18.57 ? 181 VAL A CG1 1 
ATOM   1455 C CG2 . VAL A 1 181 ? 0.945   -11.689 -5.522  1.00 19.20 ? 181 VAL A CG2 1 
ATOM   1456 N N   . TYR A 1 182 ? 0.687   -8.659  -9.280  1.00 18.34 ? 182 TYR A N   1 
ATOM   1457 C CA  . TYR A 1 182 ? 1.053   -8.354  -10.656 1.00 17.92 ? 182 TYR A CA  1 
ATOM   1458 C C   . TYR A 1 182 ? 2.529   -7.964  -10.668 1.00 18.80 ? 182 TYR A C   1 
ATOM   1459 O O   . TYR A 1 182 ? 2.968   -7.455  -9.616  1.00 19.26 ? 182 TYR A O   1 
ATOM   1460 C CB  . TYR A 1 182 ? 0.332   -7.216  -11.348 1.00 15.70 ? 182 TYR A CB  1 
ATOM   1461 C CG  . TYR A 1 182 ? -1.114  -7.543  -11.383 1.00 14.93 ? 182 TYR A CG  1 
ATOM   1462 C CD1 . TYR A 1 182 ? -1.728  -7.655  -10.153 1.00 14.79 ? 182 TYR A CD1 1 
ATOM   1463 C CD2 . TYR A 1 182 ? -1.810  -7.855  -12.537 1.00 14.83 ? 182 TYR A CD2 1 
ATOM   1464 C CE1 . TYR A 1 182 ? -3.082  -7.930  -10.062 1.00 14.51 ? 182 TYR A CE1 1 
ATOM   1465 C CE2 . TYR A 1 182 ? -3.166  -8.184  -12.482 1.00 14.54 ? 182 TYR A CE2 1 
ATOM   1466 C CZ  . TYR A 1 182 ? -3.776  -8.196  -11.245 1.00 14.61 ? 182 TYR A CZ  1 
ATOM   1467 O OH  . TYR A 1 182 ? -5.086  -8.510  -11.122 1.00 14.49 ? 182 TYR A OH  1 
ATOM   1468 N N   . GLU A 1 183 ? 3.196   -8.239  -11.770 1.00 19.97 ? 183 GLU A N   1 
ATOM   1469 C CA  . GLU A 1 183 ? 4.634   -7.850  -11.730 1.00 21.25 ? 183 GLU A CA  1 
ATOM   1470 C C   . GLU A 1 183 ? 4.870   -7.061  -13.000 1.00 22.44 ? 183 GLU A C   1 
ATOM   1471 O O   . GLU A 1 183 ? 4.281   -7.322  -14.055 1.00 21.51 ? 183 GLU A O   1 
ATOM   1472 C CB  . GLU A 1 183 ? 5.682   -8.893  -11.579 1.00 21.16 ? 183 GLU A CB  1 
ATOM   1473 C CG  . GLU A 1 183 ? 7.175   -8.616  -11.724 1.00 22.44 ? 183 GLU A CG  1 
ATOM   1474 C CD  . GLU A 1 183 ? 8.101   -9.548  -10.976 1.00 22.72 ? 183 GLU A CD  1 
ATOM   1475 O OE1 . GLU A 1 183 ? 8.802   -9.331  -9.994  1.00 23.18 ? 183 GLU A OE1 1 
ATOM   1476 O OE2 . GLU A 1 183 ? 7.999   -10.685 -11.476 1.00 22.90 ? 183 GLU A OE2 1 
ATOM   1477 N N   . LYS A 1 184 ? 5.767   -6.132  -12.791 1.00 24.94 ? 184 LYS A N   1 
ATOM   1478 C CA  . LYS A 1 184 ? 6.188   -5.244  -13.865 1.00 27.98 ? 184 LYS A CA  1 
ATOM   1479 C C   . LYS A 1 184 ? 7.698   -5.063  -13.796 1.00 30.17 ? 184 LYS A C   1 
ATOM   1480 O O   . LYS A 1 184 ? 8.374   -5.278  -12.758 1.00 30.28 ? 184 LYS A O   1 
ATOM   1481 C CB  . LYS A 1 184 ? 5.525   -3.894  -13.776 1.00 29.03 ? 184 LYS A CB  1 
ATOM   1482 C CG  . LYS A 1 184 ? 6.024   -2.809  -14.737 1.00 29.92 ? 184 LYS A CG  1 
ATOM   1483 C CD  . LYS A 1 184 ? 5.627   -1.482  -14.077 1.00 31.57 ? 184 LYS A CD  1 
ATOM   1484 C CE  . LYS A 1 184 ? 5.630   -0.334  -15.090 1.00 32.97 ? 184 LYS A CE  1 
ATOM   1485 N NZ  . LYS A 1 184 ? 5.409   0.921   -14.301 1.00 34.24 ? 184 LYS A NZ  1 
ATOM   1486 N N   . ASN A 1 185 ? 8.126   -4.590  -14.951 1.00 32.31 ? 185 ASN A N   1 
ATOM   1487 C CA  . ASN A 1 185 ? 9.536   -4.289  -15.234 1.00 34.51 ? 185 ASN A CA  1 
ATOM   1488 C C   . ASN A 1 185 ? 9.551   -3.719  -16.652 1.00 36.16 ? 185 ASN A C   1 
ATOM   1489 O O   . ASN A 1 185 ? 9.265   -4.462  -17.596 1.00 35.92 ? 185 ASN A O   1 
ATOM   1490 C CB  . ASN A 1 185 ? 10.268  -5.615  -15.100 1.00 34.87 ? 185 ASN A CB  1 
ATOM   1491 C CG  . ASN A 1 185 ? 11.774  -5.493  -14.941 1.00 35.11 ? 185 ASN A CG  1 
ATOM   1492 O OD1 . ASN A 1 185 ? 12.395  -6.593  -14.890 1.00 34.46 ? 185 ASN A OD1 1 
ATOM   1493 N ND2 . ASN A 1 185 ? 12.219  -4.218  -14.867 1.00 34.81 ? 185 ASN A ND2 1 
ATOM   1494 N N   . ASP A 1 186 ? 9.876   -2.451  -16.716 1.00 38.22 ? 186 ASP A N   1 
ATOM   1495 C CA  . ASP A 1 186 ? 9.958   -1.597  -17.886 1.00 40.09 ? 186 ASP A CA  1 
ATOM   1496 C C   . ASP A 1 186 ? 10.823  -0.328  -17.685 1.00 40.81 ? 186 ASP A C   1 
ATOM   1497 O O   . ASP A 1 186 ? 10.458  0.476   -18.606 1.00 41.41 ? 186 ASP A O   1 
ATOM   1498 C CB  . ASP A 1 186 ? 8.578   -1.057  -18.329 1.00 41.01 ? 186 ASP A CB  1 
ATOM   1499 C CG  . ASP A 1 186 ? 8.056   0.015   -17.370 1.00 41.75 ? 186 ASP A CG  1 
ATOM   1500 O OD1 . ASP A 1 186 ? 8.688   0.371   -16.327 1.00 42.13 ? 186 ASP A OD1 1 
ATOM   1501 O OD2 . ASP A 1 186 ? 6.932   0.479   -17.719 1.00 42.10 ? 186 ASP A OD2 1 
ATOM   1502 O OXT . ASP A 1 186 ? 11.692  -0.097  -16.820 1.00 41.06 ? 186 ASP A OXT 1 
HETATM 1503 P PA  . NDP B 2 .   ? -4.798  10.052  -0.196  1.00 23.27 ? 187 NDP A PA  1 
HETATM 1504 O O1A . NDP B 2 .   ? -4.700  9.222   1.044   1.00 22.91 ? 187 NDP A O1A 1 
HETATM 1505 O O2A . NDP B 2 .   ? -3.990  9.809   -1.406  1.00 23.44 ? 187 NDP A O2A 1 
HETATM 1506 O O5B . NDP B 2 .   ? -4.739  11.654  0.239   1.00 23.86 ? 187 NDP A O5B 1 
HETATM 1507 C C5B . NDP B 2 .   ? -4.483  12.606  -0.846  1.00 24.46 ? 187 NDP A C5B 1 
HETATM 1508 C C4B . NDP B 2 .   ? -3.643  13.741  -0.169  1.00 25.09 ? 187 NDP A C4B 1 
HETATM 1509 O O4B . NDP B 2 .   ? -2.479  13.345  -0.161  1.00 25.42 ? 187 NDP A O4B 1 
HETATM 1510 C C3B . NDP B 2 .   ? -3.698  14.925  -1.298  1.00 24.96 ? 187 NDP A C3B 1 
HETATM 1511 O O3B . NDP B 2 .   ? -4.775  15.808  -0.705  1.00 24.59 ? 187 NDP A O3B 1 
HETATM 1512 C C2B . NDP B 2 .   ? -2.286  15.435  -1.075  1.00 25.57 ? 187 NDP A C2B 1 
HETATM 1513 O O2B . NDP B 2 .   ? -2.082  16.127  0.114   1.00 25.09 ? 187 NDP A O2B 1 
HETATM 1514 C C1B . NDP B 2 .   ? -1.479  14.144  -0.842  1.00 25.85 ? 187 NDP A C1B 1 
HETATM 1515 N N9A . NDP B 2 .   ? -0.878  13.485  -1.979  1.00 27.15 ? 187 NDP A N9A 1 
HETATM 1516 C C8A . NDP B 2 .   ? -1.432  12.388  -2.516  1.00 26.83 ? 187 NDP A C8A 1 
HETATM 1517 N N7A . NDP B 2 .   ? -0.723  11.941  -3.490  1.00 27.31 ? 187 NDP A N7A 1 
HETATM 1518 C C5A . NDP B 2 .   ? 0.394   12.826  -3.522  1.00 27.54 ? 187 NDP A C5A 1 
HETATM 1519 C C6A . NDP B 2 .   ? 1.672   12.927  -4.409  1.00 28.20 ? 187 NDP A C6A 1 
HETATM 1520 N N6A . NDP B 2 .   ? 1.899   12.037  -5.391  1.00 28.67 ? 187 NDP A N6A 1 
HETATM 1521 N N1A . NDP B 2 .   ? 2.525   13.982  -4.162  1.00 28.22 ? 187 NDP A N1A 1 
HETATM 1522 C C2A . NDP B 2 .   ? 2.157   14.784  -3.170  1.00 27.96 ? 187 NDP A C2A 1 
HETATM 1523 N N3A . NDP B 2 .   ? 1.108   14.761  -2.361  1.00 28.36 ? 187 NDP A N3A 1 
HETATM 1524 C C4A . NDP B 2 .   ? 0.236   13.739  -2.617  1.00 27.69 ? 187 NDP A C4A 1 
HETATM 1525 O O3  . NDP B 2 .   ? -6.331  9.942   -0.430  1.00 22.23 ? 187 NDP A O3  1 
HETATM 1526 P PN  . NDP B 2 .   ? -7.438  9.350   -1.378  1.00 21.03 ? 187 NDP A PN  1 
HETATM 1527 O O1N . NDP B 2 .   ? -6.925  8.941   -2.623  1.00 20.97 ? 187 NDP A O1N 1 
HETATM 1528 O O2N . NDP B 2 .   ? -8.373  10.471  -1.585  1.00 21.90 ? 187 NDP A O2N 1 
HETATM 1529 O O5D . NDP B 2 .   ? -8.173  8.287   -0.457  1.00 20.73 ? 187 NDP A O5D 1 
HETATM 1530 C C5D . NDP B 2 .   ? -7.931  7.456   0.651   1.00 21.59 ? 187 NDP A C5D 1 
HETATM 1531 C C4D . NDP B 2 .   ? -9.345  6.959   0.919   1.00 21.51 ? 187 NDP A C4D 1 
HETATM 1532 O O4D . NDP B 2 .   ? -9.508  5.528   0.563   1.00 21.95 ? 187 NDP A O4D 1 
HETATM 1533 C C3D . NDP B 2 .   ? -9.944  6.862   2.357   1.00 21.39 ? 187 NDP A C3D 1 
HETATM 1534 O O3D . NDP B 2 .   ? -11.350 6.581   2.051   1.00 20.63 ? 187 NDP A O3D 1 
HETATM 1535 C C2D . NDP B 2 .   ? -9.121  5.636   2.884   1.00 21.40 ? 187 NDP A C2D 1 
HETATM 1536 O O2D . NDP B 2 .   ? -9.740  5.080   4.000   1.00 21.82 ? 187 NDP A O2D 1 
HETATM 1537 C C1D . NDP B 2 .   ? -9.251  4.661   1.733   1.00 21.14 ? 187 NDP A C1D 1 
HETATM 1538 N N1N . NDP B 2 .   ? -8.103  3.723   1.327   1.00 20.68 ? 187 NDP A N1N 1 
HETATM 1539 C C2N . NDP B 2 .   ? -8.351  2.374   0.935   1.00 20.05 ? 187 NDP A C2N 1 
HETATM 1540 C C3N . NDP B 2 .   ? -7.334  1.553   0.607   1.00 18.64 ? 187 NDP A C3N 1 
HETATM 1541 C C7N . NDP B 2 .   ? -7.673  0.158   0.221   1.00 17.89 ? 187 NDP A C7N 1 
HETATM 1542 O O7N . NDP B 2 .   ? -6.704  -0.478  -0.114  1.00 16.99 ? 187 NDP A O7N 1 
HETATM 1543 N N7N . NDP B 2 .   ? -8.917  -0.342  0.190   1.00 16.96 ? 187 NDP A N7N 1 
HETATM 1544 C C4N . NDP B 2 .   ? -5.871  2.013   0.515   1.00 19.12 ? 187 NDP A C4N 1 
HETATM 1545 C C5N . NDP B 2 .   ? -5.782  3.459   0.931   1.00 19.62 ? 187 NDP A C5N 1 
HETATM 1546 C C6N . NDP B 2 .   ? -6.800  4.235   1.285   1.00 20.52 ? 187 NDP A C6N 1 
HETATM 1547 P P2B . NDP B 2 .   ? -2.108  17.833  0.205   1.00 24.60 ? 187 NDP A P2B 1 
HETATM 1548 O O1X . NDP B 2 .   ? -1.100  18.267  -0.801  1.00 25.23 ? 187 NDP A O1X 1 
HETATM 1549 O O2X . NDP B 2 .   ? -1.505  17.953  1.546   1.00 25.36 ? 187 NDP A O2X 1 
HETATM 1550 O O3X . NDP B 2 .   ? -3.502  18.046  -0.146  1.00 24.52 ? 187 NDP A O3X 1 
HETATM 1551 N N1  . MTX C 3 .   ? -5.706  -3.338  2.469   1.00 16.03 ? 188 MTX A N1  1 
HETATM 1552 C C2  . MTX C 3 .   ? -4.770  -3.548  1.517   1.00 16.32 ? 188 MTX A C2  1 
HETATM 1553 N NA2 . MTX C 3 .   ? -4.659  -4.725  0.964   1.00 17.04 ? 188 MTX A NA2 1 
HETATM 1554 N N3  . MTX C 3 .   ? -3.958  -2.599  1.064   1.00 15.82 ? 188 MTX A N3  1 
HETATM 1555 C C4  . MTX C 3 .   ? -4.041  -1.389  1.560   1.00 16.12 ? 188 MTX A C4  1 
HETATM 1556 N NA4 . MTX C 3 .   ? -3.186  -0.547  1.092   1.00 15.21 ? 188 MTX A NA4 1 
HETATM 1557 C C4A . MTX C 3 .   ? -4.989  -1.079  2.620   1.00 16.79 ? 188 MTX A C4A 1 
HETATM 1558 N N5  . MTX C 3 .   ? -5.082  0.131   3.176   1.00 17.38 ? 188 MTX A N5  1 
HETATM 1559 C C6  . MTX C 3 .   ? -5.984  0.322   4.103   1.00 17.62 ? 188 MTX A C6  1 
HETATM 1560 C C7  . MTX C 3 .   ? -6.834  -0.688  4.524   1.00 17.29 ? 188 MTX A C7  1 
HETATM 1561 N N8  . MTX C 3 .   ? -6.781  -1.911  3.989   1.00 17.08 ? 188 MTX A N8  1 
HETATM 1562 C C8A . MTX C 3 .   ? -5.848  -2.104  3.043   1.00 17.34 ? 188 MTX A C8A 1 
HETATM 1563 C C9  . MTX C 3 .   ? -6.025  1.741   4.670   1.00 18.00 ? 188 MTX A C9  1 
HETATM 1564 N N10 . MTX C 3 .   ? -6.712  1.759   5.939   1.00 19.21 ? 188 MTX A N10 1 
HETATM 1565 C CM  . MTX C 3 .   ? -7.792  2.722   6.115   1.00 18.92 ? 188 MTX A CM  1 
HETATM 1566 C C11 . MTX C 3 .   ? -4.989  -0.045  9.330   1.00 21.93 ? 188 MTX A C11 1 
HETATM 1567 C C12 . MTX C 3 .   ? -4.324  -0.022  8.122   1.00 20.20 ? 188 MTX A C12 1 
HETATM 1568 C C13 . MTX C 3 .   ? -4.881  0.540   7.022   1.00 19.97 ? 188 MTX A C13 1 
HETATM 1569 C C14 . MTX C 3 .   ? -6.133  1.158   7.063   1.00 19.77 ? 188 MTX A C14 1 
HETATM 1570 C C15 . MTX C 3 .   ? -6.806  1.116   8.290   1.00 20.02 ? 188 MTX A C15 1 
HETATM 1571 C C16 . MTX C 3 .   ? -6.247  0.544   9.402   1.00 20.64 ? 188 MTX A C16 1 
HETATM 1572 C C   . MTX C 3 .   ? -4.360  -0.663  10.531  1.00 23.39 ? 188 MTX A C   1 
HETATM 1573 O O   . MTX C 3 .   ? -4.789  -0.197  11.608  1.00 23.73 ? 188 MTX A O   1 
HETATM 1574 N N   . MTX C 3 .   ? -3.391  -1.551  10.333  1.00 25.24 ? 188 MTX A N   1 
HETATM 1575 C CA  . MTX C 3 .   ? -2.661  -2.406  11.264  1.00 26.16 ? 188 MTX A CA  1 
HETATM 1576 C CT  . MTX C 3 .   ? -1.150  -2.433  11.136  1.00 26.79 ? 188 MTX A CT  1 
HETATM 1577 O O1  . MTX C 3 .   ? -0.535  -2.676  12.231  1.00 27.16 ? 188 MTX A O1  1 
HETATM 1578 O O2  . MTX C 3 .   ? -0.753  -2.220  9.975   1.00 26.49 ? 188 MTX A O2  1 
HETATM 1579 C CB  . MTX C 3 .   ? -3.236  -3.821  11.166  1.00 26.76 ? 188 MTX A CB  1 
HETATM 1580 C CG  . MTX C 3 .   ? -4.059  -3.900  12.434  1.00 27.97 ? 188 MTX A CG  1 
HETATM 1581 C CD  . MTX C 3 .   ? -5.018  -4.989  12.292  1.00 28.22 ? 188 MTX A CD  1 
HETATM 1582 O OE1 . MTX C 3 .   ? -6.327  -4.990  12.226  1.00 28.63 ? 188 MTX A OE1 1 
HETATM 1583 O OE2 . MTX C 3 .   ? -4.490  -6.188  12.122  1.00 28.92 ? 188 MTX A OE2 1 
HETATM 1584 O O   . HOH D 4 .   ? 14.684  4.551   -4.529  1.00 32.36 ? 189 HOH A O   1 
HETATM 1585 O O   . HOH D 4 .   ? -2.593  -9.782  -2.589  1.00 42.11 ? 190 HOH A O   1 
HETATM 1586 O O   . HOH D 4 .   ? -11.781 -5.781  -8.829  1.00 32.66 ? 191 HOH A O   1 
HETATM 1587 O O   . HOH D 4 .   ? -19.894 1.452   1.089   1.00 26.64 ? 192 HOH A O   1 
HETATM 1588 O O   . HOH D 4 .   ? -11.085 2.666   -11.344 1.00 28.17 ? 193 HOH A O   1 
HETATM 1589 O O   . HOH D 4 .   ? -12.753 8.416   1.019   1.00 20.05 ? 194 HOH A O   1 
HETATM 1590 O O   . HOH D 4 .   ? -7.492  6.962   -9.557  1.00 54.72 ? 195 HOH A O   1 
HETATM 1591 O O   . HOH D 4 .   ? -8.363  -1.464  12.230  1.00 43.56 ? 196 HOH A O   1 
HETATM 1592 O O   . HOH D 4 .   ? -5.066  -12.979 6.037   1.00 35.45 ? 197 HOH A O   1 
HETATM 1593 O O   . HOH D 4 .   ? -0.373  -0.612  14.356  1.00 40.23 ? 198 HOH A O   1 
HETATM 1594 O O   . HOH D 4 .   ? 9.119   -3.316  8.629   1.00 29.07 ? 199 HOH A O   1 
HETATM 1595 O O   . HOH D 4 .   ? 1.146   18.509  10.403  1.00 20.08 ? 200 HOH A O   1 
HETATM 1596 O O   . HOH D 4 .   ? 0.303   25.438  3.488   1.00 37.79 ? 201 HOH A O   1 
HETATM 1597 O O   . HOH D 4 .   ? -22.298 -0.363  -6.115  1.00 30.98 ? 202 HOH A O   1 
HETATM 1598 O O   . HOH D 4 .   ? -22.556 -0.825  -1.318  1.00 26.71 ? 203 HOH A O   1 
HETATM 1599 O O   . HOH D 4 .   ? -5.750  -3.406  -18.992 1.00 25.57 ? 204 HOH A O   1 
HETATM 1600 O O   . HOH D 4 .   ? -1.505  0.477   -15.127 1.00 54.94 ? 205 HOH A O   1 
HETATM 1601 O O   . HOH D 4 .   ? -7.675  4.822   -16.175 1.00 43.71 ? 206 HOH A O   1 
HETATM 1602 O O   . HOH D 4 .   ? -0.796  -9.348  -18.637 1.00 30.81 ? 207 HOH A O   1 
HETATM 1603 O O   . HOH D 4 .   ? -2.376  -10.602 -16.705 1.00 29.74 ? 208 HOH A O   1 
HETATM 1604 O O   . HOH D 4 .   ? 5.783   -16.216 -8.827  1.00 39.69 ? 209 HOH A O   1 
HETATM 1605 O O   . HOH D 4 .   ? -1.760  -15.900 -4.902  1.00 34.32 ? 210 HOH A O   1 
HETATM 1606 O O   . HOH D 4 .   ? 6.355   -20.478 -6.408  1.00 32.32 ? 211 HOH A O   1 
HETATM 1607 O O   . HOH D 4 .   ? -0.881  -14.116 -8.603  1.00 30.74 ? 212 HOH A O   1 
HETATM 1608 O O   . HOH D 4 .   ? 4.441   8.933   -13.827 1.00 45.05 ? 213 HOH A O   1 
HETATM 1609 O O   . HOH D 4 .   ? -9.912  -15.393 5.375   1.00 39.97 ? 214 HOH A O   1 
HETATM 1610 O O   . HOH D 4 .   ? -7.909  -16.032 12.276  1.00 47.45 ? 215 HOH A O   1 
HETATM 1611 O O   . HOH D 4 .   ? -9.057  -4.070  4.494   1.00 42.98 ? 216 HOH A O   1 
HETATM 1612 O O   . HOH D 4 .   ? -6.160  -15.628 -2.304  1.00 32.59 ? 217 HOH A O   1 
HETATM 1613 O O   . HOH D 4 .   ? -6.630  -15.618 -6.181  1.00 35.65 ? 218 HOH A O   1 
HETATM 1614 O O   . HOH D 4 .   ? -1.732  10.091  15.364  1.00 27.66 ? 219 HOH A O   1 
HETATM 1615 O O   . HOH D 4 .   ? 5.983   8.691   15.683  1.00 32.64 ? 220 HOH A O   1 
HETATM 1616 O O   . HOH D 4 .   ? 6.067   19.838  0.887   1.00 28.41 ? 221 HOH A O   1 
HETATM 1617 O O   . HOH D 4 .   ? 3.308   14.281  -7.151  1.00 36.69 ? 222 HOH A O   1 
HETATM 1618 O O   . HOH D 4 .   ? -1.141  14.513  -7.673  1.00 30.55 ? 223 HOH A O   1 
HETATM 1619 O O   . HOH D 4 .   ? 0.561   12.227  -7.883  1.00 43.70 ? 224 HOH A O   1 
HETATM 1620 O O   . HOH D 4 .   ? 10.072  14.556  7.564   1.00 30.21 ? 225 HOH A O   1 
HETATM 1621 O O   . HOH D 4 .   ? 6.686   -11.152 -13.847 1.00 29.64 ? 226 HOH A O   1 
HETATM 1622 O O   . HOH D 4 .   ? 2.627   -14.405 -22.441 1.00 43.14 ? 227 HOH A O   1 
HETATM 1623 O O   . HOH D 4 .   ? 2.282   -25.209 -6.983  1.00 37.87 ? 228 HOH A O   1 
HETATM 1624 O O   . HOH D 4 .   ? 0.166   -21.112 -5.339  1.00 43.65 ? 229 HOH A O   1 
HETATM 1625 O O   . HOH D 4 .   ? -18.774 -12.209 -1.502  1.00 38.02 ? 230 HOH A O   1 
HETATM 1626 O O   . HOH D 4 .   ? -20.284 -14.438 -0.223  1.00 40.83 ? 231 HOH A O   1 
HETATM 1627 O O   . HOH D 4 .   ? -22.861 -13.138 2.697   1.00 25.46 ? 232 HOH A O   1 
HETATM 1628 O O   . HOH D 4 .   ? -0.121  18.718  12.761  1.00 33.14 ? 233 HOH A O   1 
HETATM 1629 O O   . HOH D 4 .   ? 19.018  0.385   -4.360  1.00 46.85 ? 234 HOH A O   1 
# 
